data_6K31
#
_entry.id   6K31
#
_cell.length_a   160.439
_cell.length_b   160.439
_cell.length_c   200.160
_cell.angle_alpha   90.00
_cell.angle_beta   90.00
_cell.angle_gamma   120.00
#
_symmetry.space_group_name_H-M   'P 32 2 1'
#
loop_
_entity.id
_entity.type
_entity.pdbx_description
1 polymer AiPEPCK
2 non-polymer 'COBALT (II) ION'
3 water water
#
_entity_poly.entity_id   1
_entity_poly.type   'polypeptide(L)'
_entity_poly.pdbx_seq_one_letter_code
;GPGH(MSE)SSSPAAPTNSANSAIALRLELLGAPVPDHAARSDFDRETDRLVAPILARQRELTRRLANRPCAADRRIQAF
LDSYLDGAAAQPKLPGATLVLDQPGLARALSLPVDATSFTSDYVESYRVLSGVLHNPRNDRRTTAGVFHVAEGGLPIPDD
KKAVPRDVFARVLAAAVDAPDDL(MSE)TLPWASTQADPARCFVSLLLRPVVVPEVPGFSAERS(MSE)EIRFIAPGGLV
SNLDFVEGIFGNGGDPYLPENDASLAPESWTGHTGCVILAPHLTRLTKKELGLPAWEEATERQRRDG(MSE)CWRGADEL
YNDGKAFKLVARDERGVIVTIIADNYYGYCKKEVKTQISYSANLFGCVEEEHSGGALAFPRYNLGQEYTDVHTPAGATVE
RVLARNPGRFEARADGSAVLLDDDGRPDEGIVLVPAGAHFS(MSE)RTQTVTWDRADGREASIPLLADRVYIAPGGYRVH
AKHREGDATQWHLVGTAPWATQAHKPATVSGGGKSEISKSLLDAFVFGEAYVGDVDADLDAVQKILDGNYADRFVDPANK
SAHHRPILSERRSLGSVIKLLTPSS(MSE)YTEEYNAFLESIPAHIKELIFTVKRYYQPGWGADWRSHFSVGIINGRKGN
SLRLDGEVIKVN(MSE)LRVGFEDDGAWRLLSLRPDFSPAAKVQTEDDITSSIVAPGGLESTAGSSVSRKFVTNCESLLF
QRPDDAIVRGYDKQTERD(MSE)SGTGLFISNYQPLTPADARA(MSE)VADAPGLSRFTEP(MSE)QELVRRAAAIPEAA
DPREETYWTSTANPRLVGGAPTRNPRYLQVRPDIANPRDVALADLSIHLYRDAPLAAPARHGVDVVAAGRRNNPPEPGVP
ALCAYNPLHY(MSE)ELPELF(MSE)EFISS(MSE)TGKSPSTTGAGSEGALTKSPFNALPPVYDLNAALLSYALGGYDG
WLSSAGYIGPKVKVAHDISLLVPEIFSR(MSE)TPQERDARALIEAGYLERLEDFDHEGRRIEASRLGYR(MSE)NAAFA
TAYFGRIFLHPDVVFTEE(MSE)LRPELQDPAIFADSVEVIVATHRAVAKHYVDDGSIQWAVPPLKALLEI(MSE)YSGR
SEEGWTLSSPELRALFERENILASDWYAERVDAKVERDRKQAESAIAALTRFTTTQGNEEVTERLDIEGRLASARAWLDE
VTSPAYRAHLVGTLGLQPSLA
;
_entity_poly.pdbx_strand_id   A,B
#
loop_
_chem_comp.id
_chem_comp.type
_chem_comp.name
_chem_comp.formula
CO non-polymer 'COBALT (II) ION' 'Co 2'
#
# COMPACT_ATOMS: atom_id res chain seq x y z
N PRO A 12 -46.91 -24.83 -32.60
CA PRO A 12 -47.33 -26.24 -32.45
C PRO A 12 -48.38 -26.47 -31.31
N THR A 13 -49.66 -26.30 -31.64
CA THR A 13 -50.77 -26.34 -30.66
C THR A 13 -51.41 -27.72 -30.65
N ASN A 14 -51.83 -28.20 -31.83
CA ASN A 14 -52.25 -29.59 -31.94
C ASN A 14 -51.10 -30.53 -31.58
N SER A 15 -49.86 -30.13 -31.84
CA SER A 15 -48.65 -30.77 -31.26
C SER A 15 -48.84 -31.08 -29.76
N ALA A 16 -49.18 -30.02 -29.01
CA ALA A 16 -49.41 -30.11 -27.57
C ALA A 16 -50.63 -30.95 -27.22
N ASN A 17 -51.77 -30.76 -27.92
CA ASN A 17 -52.98 -31.57 -27.66
C ASN A 17 -52.87 -33.04 -27.99
N SER A 18 -51.99 -33.37 -28.93
CA SER A 18 -51.67 -34.76 -29.27
C SER A 18 -50.86 -35.42 -28.15
N ALA A 19 -49.74 -34.79 -27.81
CA ALA A 19 -48.95 -35.16 -26.60
C ALA A 19 -49.85 -35.39 -25.38
N ILE A 20 -50.81 -34.51 -25.20
CA ILE A 20 -51.74 -34.65 -24.09
C ILE A 20 -52.66 -35.86 -24.25
N ALA A 21 -53.36 -35.94 -25.38
CA ALA A 21 -54.25 -37.10 -25.69
C ALA A 21 -53.54 -38.46 -25.53
N LEU A 22 -52.37 -38.52 -26.11
CA LEU A 22 -51.56 -39.69 -26.07
C LEU A 22 -51.30 -40.17 -24.62
N ARG A 23 -50.90 -39.24 -23.73
CA ARG A 23 -50.53 -39.57 -22.34
C ARG A 23 -51.69 -39.94 -21.47
N LEU A 24 -52.83 -39.31 -21.73
CA LEU A 24 -54.09 -39.70 -21.08
C LEU A 24 -54.52 -41.08 -21.48
N GLU A 25 -54.36 -41.39 -22.78
CA GLU A 25 -54.67 -42.70 -23.32
C GLU A 25 -53.83 -43.78 -22.59
N LEU A 26 -52.51 -43.59 -22.53
CA LEU A 26 -51.62 -44.50 -21.77
C LEU A 26 -52.00 -44.70 -20.29
N LEU A 27 -52.56 -43.69 -19.68
CA LEU A 27 -52.98 -43.79 -18.29
C LEU A 27 -54.34 -44.43 -18.14
N GLY A 28 -55.07 -44.56 -19.25
CA GLY A 28 -56.39 -45.19 -19.25
C GLY A 28 -57.48 -44.20 -18.85
N ALA A 29 -57.30 -42.94 -19.24
CA ALA A 29 -58.22 -41.87 -18.90
C ALA A 29 -59.03 -41.55 -20.14
N PRO A 30 -60.28 -41.05 -19.98
CA PRO A 30 -61.15 -40.76 -21.14
C PRO A 30 -60.55 -39.75 -22.12
N VAL A 31 -60.91 -39.86 -23.40
CA VAL A 31 -60.38 -38.98 -24.47
C VAL A 31 -61.47 -38.86 -25.58
N PRO A 32 -61.47 -37.76 -26.36
CA PRO A 32 -62.35 -37.71 -27.57
C PRO A 32 -61.82 -38.54 -28.76
N GLU A 43 -53.72 -35.13 -35.52
CA GLU A 43 -54.67 -35.89 -36.34
C GLU A 43 -53.97 -36.97 -37.17
N THR A 44 -52.85 -36.60 -37.83
CA THR A 44 -51.90 -37.55 -38.51
C THR A 44 -51.11 -38.41 -37.51
N ASP A 45 -50.93 -37.89 -36.31
CA ASP A 45 -50.12 -38.48 -35.23
C ASP A 45 -51.01 -39.45 -34.47
N ARG A 46 -52.23 -38.99 -34.18
CA ARG A 46 -53.33 -39.84 -33.68
C ARG A 46 -53.49 -41.19 -34.43
N LEU A 47 -53.31 -41.18 -35.76
CA LEU A 47 -53.39 -42.39 -36.58
C LEU A 47 -52.14 -43.27 -36.44
N VAL A 48 -50.93 -42.68 -36.32
CA VAL A 48 -49.67 -43.46 -36.16
C VAL A 48 -49.39 -44.00 -34.73
N ALA A 49 -50.31 -43.75 -33.78
CA ALA A 49 -50.25 -44.38 -32.46
C ALA A 49 -51.38 -45.42 -32.21
N PRO A 50 -51.39 -46.58 -32.93
CA PRO A 50 -52.21 -47.77 -32.57
C PRO A 50 -51.42 -48.85 -31.82
N ILE A 51 -50.10 -48.84 -31.99
CA ILE A 51 -49.16 -49.58 -31.17
C ILE A 51 -49.01 -49.09 -29.70
N LEU A 52 -49.73 -48.04 -29.35
CA LEU A 52 -50.11 -47.75 -27.98
C LEU A 52 -51.05 -48.86 -27.50
N ALA A 53 -52.12 -49.12 -28.27
CA ALA A 53 -53.12 -50.17 -27.94
C ALA A 53 -52.57 -51.60 -27.84
N ARG A 54 -51.35 -51.80 -28.36
CA ARG A 54 -50.66 -53.10 -28.25
C ARG A 54 -49.95 -53.17 -26.93
N GLN A 55 -49.06 -52.22 -26.67
CA GLN A 55 -48.31 -52.22 -25.40
C GLN A 55 -49.21 -52.10 -24.11
N ARG A 56 -50.39 -51.50 -24.21
CA ARG A 56 -51.46 -51.55 -23.18
C ARG A 56 -51.84 -52.95 -22.68
N GLU A 57 -51.79 -53.95 -23.55
CA GLU A 57 -52.08 -55.36 -23.17
C GLU A 57 -50.80 -56.17 -22.83
N LEU A 58 -49.65 -55.48 -22.88
CA LEU A 58 -48.40 -55.91 -22.27
C LEU A 58 -48.00 -55.03 -21.06
N THR A 59 -48.82 -54.06 -20.66
CA THR A 59 -48.62 -53.34 -19.39
C THR A 59 -49.36 -54.03 -18.22
N ARG A 60 -50.55 -54.59 -18.48
CA ARG A 60 -51.30 -55.30 -17.43
C ARG A 60 -50.69 -56.67 -17.03
N ARG A 61 -49.44 -56.92 -17.42
CA ARG A 61 -48.58 -57.94 -16.82
C ARG A 61 -47.63 -57.41 -15.74
N LEU A 62 -47.41 -56.10 -15.70
CA LEU A 62 -46.69 -55.47 -14.59
C LEU A 62 -47.71 -54.90 -13.62
N ALA A 63 -47.40 -55.00 -12.33
CA ALA A 63 -48.12 -54.27 -11.27
C ALA A 63 -47.59 -52.84 -11.23
N ASN A 64 -48.43 -51.94 -10.73
CA ASN A 64 -48.06 -50.54 -10.62
C ASN A 64 -46.97 -50.34 -9.59
N ARG A 65 -45.79 -49.95 -10.08
CA ARG A 65 -44.61 -49.72 -9.27
C ARG A 65 -44.33 -48.22 -9.27
N PRO A 66 -44.14 -47.61 -8.08
CA PRO A 66 -43.92 -46.14 -8.10
C PRO A 66 -42.50 -45.80 -8.53
N CYS A 67 -42.29 -44.57 -9.02
CA CYS A 67 -40.97 -44.09 -9.41
C CYS A 67 -40.02 -44.06 -8.20
N ALA A 68 -38.75 -43.83 -8.48
CA ALA A 68 -37.70 -43.89 -7.46
C ALA A 68 -37.87 -42.78 -6.39
N ALA A 69 -38.26 -41.59 -6.84
CA ALA A 69 -38.59 -40.51 -5.96
C ALA A 69 -39.75 -40.85 -4.99
N ASP A 70 -40.90 -41.24 -5.51
CA ASP A 70 -42.07 -41.65 -4.67
C ASP A 70 -41.78 -42.89 -3.81
N ARG A 71 -40.87 -43.75 -4.25
CA ARG A 71 -40.49 -44.90 -3.41
C ARG A 71 -39.86 -44.42 -2.10
N ARG A 72 -38.91 -43.51 -2.22
CA ARG A 72 -38.25 -42.90 -1.04
C ARG A 72 -39.22 -42.11 -0.18
N ILE A 73 -40.14 -41.40 -0.81
CA ILE A 73 -41.15 -40.69 -0.04
C ILE A 73 -42.08 -41.62 0.76
N GLN A 74 -42.58 -42.66 0.11
CA GLN A 74 -43.48 -43.62 0.77
C GLN A 74 -42.78 -44.39 1.86
N ALA A 75 -41.49 -44.67 1.69
CA ALA A 75 -40.75 -45.43 2.73
C ALA A 75 -40.71 -44.65 4.03
N PHE A 76 -40.32 -43.37 3.92
CA PHE A 76 -40.35 -42.45 5.07
C PHE A 76 -41.73 -42.38 5.70
N LEU A 77 -42.72 -42.11 4.87
CA LEU A 77 -44.10 -41.93 5.38
C LEU A 77 -44.62 -43.12 6.17
N ASP A 78 -44.31 -44.30 5.69
CA ASP A 78 -44.72 -45.52 6.34
C ASP A 78 -43.90 -45.83 7.61
N SER A 79 -42.63 -45.49 7.62
CA SER A 79 -41.82 -45.62 8.81
C SER A 79 -42.28 -44.61 9.85
N TYR A 80 -42.34 -43.34 9.44
CA TYR A 80 -42.84 -42.22 10.26
C TYR A 80 -44.21 -42.45 10.87
N LEU A 81 -45.15 -42.99 10.10
CA LEU A 81 -46.50 -43.25 10.66
C LEU A 81 -46.77 -44.71 11.02
N ASP A 82 -45.71 -45.48 11.24
CA ASP A 82 -45.84 -46.83 11.74
C ASP A 82 -46.64 -46.81 13.05
N GLY A 83 -47.72 -47.57 13.07
CA GLY A 83 -48.57 -47.62 14.25
C GLY A 83 -49.34 -46.35 14.58
N ALA A 84 -49.51 -45.47 13.60
CA ALA A 84 -50.39 -44.28 13.74
C ALA A 84 -51.79 -44.63 13.25
N ALA A 85 -52.72 -43.66 13.29
CA ALA A 85 -54.10 -43.86 12.88
C ALA A 85 -54.32 -44.21 11.40
N ALA A 86 -53.31 -44.10 10.55
CA ALA A 86 -53.38 -44.53 9.15
C ALA A 86 -51.97 -44.48 8.53
N GLN A 87 -51.74 -45.24 7.46
CA GLN A 87 -50.52 -45.12 6.68
C GLN A 87 -50.86 -44.85 5.19
N PRO A 88 -51.33 -43.66 4.86
CA PRO A 88 -51.76 -43.39 3.47
C PRO A 88 -50.72 -43.56 2.38
N LYS A 89 -51.25 -43.74 1.17
CA LYS A 89 -50.46 -44.00 0.01
C LYS A 89 -50.51 -42.80 -0.87
N LEU A 90 -49.35 -42.45 -1.43
CA LEU A 90 -49.29 -41.44 -2.50
C LEU A 90 -50.05 -41.95 -3.71
N PRO A 91 -50.67 -41.04 -4.47
CA PRO A 91 -51.38 -41.56 -5.64
C PRO A 91 -50.40 -42.20 -6.63
N GLY A 92 -50.77 -43.37 -7.16
CA GLY A 92 -49.95 -44.11 -8.15
C GLY A 92 -50.30 -43.87 -9.62
N ALA A 93 -51.53 -43.45 -9.89
CA ALA A 93 -51.97 -43.18 -11.26
C ALA A 93 -51.91 -41.68 -11.53
N THR A 94 -50.70 -41.13 -11.68
CA THR A 94 -50.58 -39.70 -12.02
C THR A 94 -50.20 -39.44 -13.50
N LEU A 95 -50.84 -38.45 -14.07
CA LEU A 95 -50.43 -37.85 -15.30
C LEU A 95 -49.15 -37.12 -15.00
N VAL A 96 -48.07 -37.49 -15.69
CA VAL A 96 -46.72 -37.07 -15.40
C VAL A 96 -46.34 -36.01 -16.43
N LEU A 97 -45.89 -34.85 -15.97
CA LEU A 97 -45.52 -33.75 -16.84
C LEU A 97 -44.02 -33.91 -17.08
N ASP A 98 -43.72 -34.65 -18.13
CA ASP A 98 -42.35 -35.09 -18.44
C ASP A 98 -41.64 -34.10 -19.32
N GLN A 99 -42.39 -33.20 -19.92
CA GLN A 99 -41.86 -32.18 -20.79
C GLN A 99 -42.35 -30.78 -20.46
N PRO A 100 -41.48 -29.79 -20.71
CA PRO A 100 -41.95 -28.42 -20.48
C PRO A 100 -43.10 -28.06 -21.40
N GLY A 101 -44.05 -27.29 -20.91
CA GLY A 101 -45.06 -26.67 -21.78
C GLY A 101 -46.40 -27.38 -21.78
N LEU A 102 -46.42 -28.65 -21.36
CA LEU A 102 -47.65 -29.43 -21.25
C LEU A 102 -48.57 -28.87 -20.22
N ALA A 103 -47.99 -28.42 -19.10
CA ALA A 103 -48.79 -28.02 -17.97
C ALA A 103 -49.58 -26.78 -18.31
N ARG A 104 -48.99 -25.91 -19.11
CA ARG A 104 -49.71 -24.71 -19.53
C ARG A 104 -50.87 -25.16 -20.42
N ALA A 105 -50.59 -26.05 -21.40
CA ALA A 105 -51.62 -26.54 -22.33
C ALA A 105 -52.74 -27.27 -21.60
N LEU A 106 -52.42 -28.00 -20.54
CA LEU A 106 -53.46 -28.58 -19.70
C LEU A 106 -54.36 -27.57 -18.95
N SER A 107 -53.91 -26.33 -18.80
CA SER A 107 -54.56 -25.37 -17.89
C SER A 107 -55.80 -24.73 -18.47
N LEU A 108 -56.02 -24.84 -19.77
CA LEU A 108 -57.26 -24.35 -20.44
C LEU A 108 -57.97 -25.41 -21.27
N PRO A 109 -59.31 -25.30 -21.43
CA PRO A 109 -60.02 -26.34 -22.21
C PRO A 109 -59.50 -26.40 -23.61
N VAL A 110 -59.29 -27.60 -24.09
CA VAL A 110 -58.81 -27.87 -25.45
C VAL A 110 -59.47 -27.03 -26.53
N ASP A 111 -60.73 -26.64 -26.30
CA ASP A 111 -61.54 -25.88 -27.26
C ASP A 111 -61.90 -24.42 -26.87
N ALA A 112 -61.50 -23.93 -25.69
CA ALA A 112 -61.86 -22.58 -25.20
C ALA A 112 -60.68 -21.73 -24.67
N THR A 113 -60.94 -20.44 -24.48
CA THR A 113 -59.98 -19.46 -23.97
C THR A 113 -60.20 -19.06 -22.48
N SER A 114 -61.28 -19.52 -21.86
CA SER A 114 -61.49 -19.39 -20.43
C SER A 114 -61.88 -20.71 -19.75
N PHE A 115 -61.84 -20.70 -18.43
CA PHE A 115 -62.13 -21.82 -17.61
C PHE A 115 -62.49 -21.34 -16.23
N THR A 116 -63.44 -22.01 -15.56
CA THR A 116 -63.85 -21.53 -14.26
C THR A 116 -64.20 -22.71 -13.29
N SER A 117 -63.72 -22.69 -12.06
CA SER A 117 -64.07 -23.69 -11.09
C SER A 117 -64.21 -22.92 -9.82
N ASP A 118 -64.52 -23.59 -8.72
CA ASP A 118 -64.51 -22.93 -7.41
C ASP A 118 -63.11 -22.63 -6.89
N TYR A 119 -62.10 -23.12 -7.61
CA TYR A 119 -60.71 -22.99 -7.19
C TYR A 119 -59.90 -21.99 -8.00
N VAL A 120 -60.23 -21.80 -9.27
CA VAL A 120 -59.45 -20.86 -10.07
C VAL A 120 -60.27 -20.36 -11.28
N GLU A 121 -60.18 -19.07 -11.60
CA GLU A 121 -60.59 -18.57 -12.92
C GLU A 121 -59.36 -18.38 -13.82
N SER A 122 -59.34 -18.99 -15.01
CA SER A 122 -58.19 -18.97 -15.90
C SER A 122 -58.55 -18.52 -17.31
N TYR A 123 -57.58 -17.93 -18.02
CA TYR A 123 -57.87 -17.21 -19.28
C TYR A 123 -56.60 -17.23 -20.12
N ARG A 124 -56.77 -17.28 -21.44
CA ARG A 124 -55.65 -17.18 -22.36
C ARG A 124 -55.71 -15.71 -22.75
N VAL A 125 -54.60 -15.01 -22.57
CA VAL A 125 -54.55 -13.58 -22.78
C VAL A 125 -53.44 -13.28 -23.77
N LEU A 126 -53.53 -12.12 -24.41
CA LEU A 126 -52.51 -11.73 -25.37
C LEU A 126 -51.08 -11.80 -24.86
N SER A 127 -50.88 -11.59 -23.56
CA SER A 127 -49.54 -11.57 -23.00
C SER A 127 -49.07 -12.91 -22.46
N GLY A 128 -49.97 -13.90 -22.43
CA GLY A 128 -49.61 -15.24 -21.94
C GLY A 128 -50.83 -15.90 -21.33
N VAL A 129 -50.70 -16.32 -20.07
CA VAL A 129 -51.79 -16.93 -19.37
C VAL A 129 -52.06 -16.20 -18.06
N LEU A 130 -53.34 -16.10 -17.70
CA LEU A 130 -53.82 -15.39 -16.52
C LEU A 130 -54.61 -16.30 -15.65
N HIS A 131 -54.31 -16.30 -14.36
CA HIS A 131 -54.94 -17.17 -13.41
C HIS A 131 -55.24 -16.41 -12.14
N ASN A 132 -56.53 -16.35 -11.78
CA ASN A 132 -57.03 -15.73 -10.58
C ASN A 132 -57.56 -16.78 -9.61
N PRO A 133 -56.77 -17.15 -8.59
CA PRO A 133 -57.21 -18.25 -7.70
C PRO A 133 -58.23 -17.80 -6.70
N ARG A 134 -58.96 -18.74 -6.11
CA ARG A 134 -60.04 -18.42 -5.16
C ARG A 134 -59.56 -17.39 -4.11
N ASN A 135 -58.38 -17.61 -3.53
CA ASN A 135 -57.72 -16.62 -2.66
C ASN A 135 -56.66 -15.86 -3.41
N ASP A 136 -56.64 -14.54 -3.24
CA ASP A 136 -55.75 -13.71 -4.02
C ASP A 136 -54.41 -13.35 -3.35
N ARG A 137 -54.22 -13.72 -2.08
CA ARG A 137 -52.98 -13.41 -1.34
C ARG A 137 -52.64 -14.45 -0.32
N ARG A 138 -51.35 -14.46 0.02
CA ARG A 138 -50.77 -15.34 1.02
C ARG A 138 -50.98 -14.77 2.41
N THR A 139 -51.07 -15.65 3.38
CA THR A 139 -51.02 -15.29 4.79
C THR A 139 -49.77 -15.91 5.44
N THR A 140 -49.39 -15.41 6.61
CA THR A 140 -48.37 -16.08 7.42
C THR A 140 -48.82 -16.38 8.85
N ALA A 141 -49.80 -15.63 9.37
CA ALA A 141 -50.27 -15.79 10.73
C ALA A 141 -51.01 -17.14 10.83
N GLY A 142 -50.49 -18.04 11.69
CA GLY A 142 -51.02 -19.38 11.91
C GLY A 142 -51.04 -20.36 10.73
N VAL A 143 -50.23 -20.10 9.71
CA VAL A 143 -50.30 -20.90 8.50
C VAL A 143 -49.38 -22.11 8.53
N PHE A 144 -48.32 -22.04 9.33
CA PHE A 144 -47.24 -23.01 9.22
C PHE A 144 -47.40 -24.01 10.33
N HIS A 145 -47.80 -25.23 9.97
CA HIS A 145 -48.05 -26.28 10.95
C HIS A 145 -47.04 -27.41 10.80
N VAL A 146 -46.68 -28.07 11.91
CA VAL A 146 -45.62 -29.08 11.89
C VAL A 146 -46.08 -30.23 12.73
N ALA A 147 -45.79 -31.43 12.26
CA ALA A 147 -46.26 -32.64 12.86
C ALA A 147 -45.25 -33.15 13.85
N GLU A 148 -45.76 -33.65 14.99
CA GLU A 148 -44.94 -34.32 15.99
C GLU A 148 -44.40 -35.65 15.45
N GLY A 149 -43.35 -36.15 16.08
CA GLY A 149 -42.74 -37.44 15.72
C GLY A 149 -41.51 -37.28 14.85
N GLY A 150 -41.06 -36.04 14.70
CA GLY A 150 -39.95 -35.75 13.79
C GLY A 150 -38.92 -34.95 14.54
N LEU A 151 -38.15 -34.15 13.83
CA LEU A 151 -37.22 -33.25 14.44
C LEU A 151 -38.02 -32.24 15.29
N PRO A 152 -37.35 -31.58 16.25
CA PRO A 152 -38.08 -30.71 17.17
C PRO A 152 -38.85 -29.60 16.50
N ILE A 153 -40.01 -29.25 17.07
CA ILE A 153 -40.83 -28.21 16.50
C ILE A 153 -40.36 -26.83 17.00
N PRO A 154 -40.25 -25.82 16.11
CA PRO A 154 -39.99 -24.46 16.61
C PRO A 154 -41.16 -23.86 17.39
N ASP A 155 -40.84 -23.11 18.42
CA ASP A 155 -41.85 -22.58 19.32
C ASP A 155 -42.90 -21.74 18.61
N ASP A 156 -42.51 -20.99 17.60
CA ASP A 156 -43.41 -20.14 16.83
C ASP A 156 -44.36 -20.89 15.86
N LYS A 157 -44.11 -22.16 15.53
CA LYS A 157 -45.02 -22.93 14.68
C LYS A 157 -46.16 -23.53 15.51
N LYS A 158 -47.17 -24.06 14.81
CA LYS A 158 -48.20 -24.87 15.41
C LYS A 158 -47.84 -26.35 15.42
N ALA A 159 -47.99 -26.98 16.57
CA ALA A 159 -47.71 -28.39 16.75
C ALA A 159 -48.95 -29.26 16.49
N VAL A 160 -48.81 -30.21 15.58
CA VAL A 160 -49.89 -31.10 15.18
C VAL A 160 -49.62 -32.58 15.55
N PRO A 161 -50.59 -33.24 16.22
CA PRO A 161 -50.28 -34.59 16.61
C PRO A 161 -50.11 -35.49 15.41
N ARG A 162 -49.27 -36.50 15.58
CA ARG A 162 -48.96 -37.40 14.50
C ARG A 162 -50.22 -38.07 13.90
N ASP A 163 -51.13 -38.53 14.76
CA ASP A 163 -52.41 -39.15 14.28
C ASP A 163 -53.28 -38.22 13.42
N VAL A 164 -53.25 -36.95 13.73
CA VAL A 164 -54.02 -35.96 13.00
C VAL A 164 -53.38 -35.65 11.64
N PHE A 165 -52.06 -35.55 11.62
CA PHE A 165 -51.36 -35.43 10.38
C PHE A 165 -51.72 -36.59 9.47
N ALA A 166 -51.62 -37.82 9.97
CA ALA A 166 -51.93 -39.02 9.19
C ALA A 166 -53.30 -38.89 8.51
N ARG A 167 -54.29 -38.42 9.25
CA ARG A 167 -55.68 -38.26 8.75
C ARG A 167 -55.84 -37.13 7.78
N VAL A 168 -55.08 -36.07 7.95
CA VAL A 168 -55.11 -34.97 6.98
C VAL A 168 -54.45 -35.38 5.67
N LEU A 169 -53.33 -36.06 5.76
CA LEU A 169 -52.72 -36.67 4.56
C LEU A 169 -53.65 -37.64 3.81
N ALA A 170 -54.47 -38.43 4.53
CA ALA A 170 -55.43 -39.40 3.90
C ALA A 170 -56.54 -38.67 3.20
N ALA A 171 -57.08 -37.64 3.86
CA ALA A 171 -58.03 -36.71 3.21
C ALA A 171 -57.43 -36.04 1.97
N ALA A 172 -56.15 -35.67 2.06
CA ALA A 172 -55.45 -35.00 0.93
C ALA A 172 -55.32 -35.80 -0.37
N VAL A 173 -55.12 -37.11 -0.25
CA VAL A 173 -55.06 -37.97 -1.44
C VAL A 173 -56.43 -38.46 -1.96
N ASP A 174 -57.49 -38.20 -1.20
CA ASP A 174 -58.85 -38.43 -1.65
C ASP A 174 -59.49 -37.06 -1.96
N ALA A 175 -59.12 -36.50 -3.09
CA ALA A 175 -59.67 -35.21 -3.52
C ALA A 175 -60.98 -35.36 -4.30
N PRO A 176 -61.95 -34.46 -4.07
CA PRO A 176 -63.23 -34.53 -4.79
C PRO A 176 -63.14 -34.34 -6.27
N ASP A 177 -64.20 -34.70 -6.96
CA ASP A 177 -64.19 -34.84 -8.41
C ASP A 177 -64.04 -33.53 -9.15
N ASP A 178 -64.70 -32.47 -8.68
CA ASP A 178 -64.52 -31.15 -9.30
C ASP A 178 -63.04 -30.74 -9.33
N LEU A 179 -62.35 -30.95 -8.21
CA LEU A 179 -61.01 -30.52 -8.04
C LEU A 179 -60.07 -31.31 -8.91
N MSE A 180 -60.46 -32.54 -9.18
CA MSE A 180 -59.65 -33.48 -9.94
C MSE A 180 -59.76 -33.31 -11.44
O MSE A 180 -58.98 -33.88 -12.22
CB MSE A 180 -60.06 -34.87 -9.52
CG MSE A 180 -58.90 -35.82 -9.66
SE MSE A 180 -57.99 -35.97 -7.94
CE MSE A 180 -59.06 -37.54 -7.31
N THR A 181 -60.69 -32.48 -11.90
CA THR A 181 -61.00 -32.37 -13.31
C THR A 181 -59.98 -31.49 -14.00
N LEU A 182 -59.18 -32.10 -14.88
CA LEU A 182 -58.28 -31.34 -15.77
C LEU A 182 -59.03 -30.29 -16.53
N PRO A 183 -58.58 -29.02 -16.53
CA PRO A 183 -59.32 -28.03 -17.31
C PRO A 183 -59.43 -28.37 -18.78
N TRP A 184 -58.38 -28.97 -19.31
CA TRP A 184 -58.21 -29.30 -20.73
C TRP A 184 -59.36 -30.12 -21.30
N ALA A 185 -59.83 -31.09 -20.52
CA ALA A 185 -60.94 -31.95 -20.90
C ALA A 185 -62.22 -31.62 -20.15
N SER A 186 -62.33 -30.41 -19.61
CA SER A 186 -63.47 -30.07 -18.75
C SER A 186 -64.79 -29.84 -19.54
N THR A 187 -64.68 -29.68 -20.86
CA THR A 187 -65.84 -29.43 -21.73
C THR A 187 -66.32 -30.67 -22.48
N GLN A 188 -65.62 -31.81 -22.34
CA GLN A 188 -65.94 -33.04 -23.05
C GLN A 188 -67.07 -33.81 -22.31
N ALA A 189 -67.57 -34.85 -22.98
CA ALA A 189 -68.68 -35.67 -22.48
C ALA A 189 -68.29 -36.37 -21.20
N ASP A 190 -67.17 -37.07 -21.23
CA ASP A 190 -66.59 -37.64 -20.03
C ASP A 190 -65.26 -36.90 -19.69
N PRO A 191 -65.32 -35.89 -18.79
CA PRO A 191 -64.07 -35.17 -18.44
C PRO A 191 -63.05 -36.03 -17.70
N ALA A 192 -61.80 -36.04 -18.15
CA ALA A 192 -60.71 -36.68 -17.43
C ALA A 192 -60.47 -36.09 -16.03
N ARG A 193 -60.17 -36.99 -15.09
CA ARG A 193 -59.94 -36.64 -13.71
C ARG A 193 -58.75 -37.44 -13.23
N CYS A 194 -57.68 -36.76 -12.87
CA CYS A 194 -56.52 -37.46 -12.32
C CYS A 194 -55.66 -36.53 -11.46
N PHE A 195 -54.69 -37.12 -10.80
CA PHE A 195 -53.64 -36.36 -10.23
C PHE A 195 -52.62 -36.12 -11.33
N VAL A 196 -52.04 -34.92 -11.33
CA VAL A 196 -50.89 -34.56 -12.18
C VAL A 196 -49.70 -34.43 -11.26
N SER A 197 -48.51 -34.55 -11.83
CA SER A 197 -47.33 -34.58 -11.04
C SER A 197 -46.09 -34.19 -11.82
N LEU A 198 -45.10 -33.68 -11.08
CA LEU A 198 -43.93 -33.00 -11.65
C LEU A 198 -42.73 -33.33 -10.79
N LEU A 199 -41.58 -33.52 -11.42
CA LEU A 199 -40.33 -33.74 -10.74
C LEU A 199 -39.59 -32.43 -10.84
N LEU A 200 -39.09 -31.91 -9.73
CA LEU A 200 -38.18 -30.72 -9.78
C LEU A 200 -36.83 -31.08 -9.23
N ARG A 201 -35.79 -30.42 -9.71
CA ARG A 201 -34.45 -30.58 -9.11
C ARG A 201 -33.87 -29.20 -8.66
N PRO A 202 -34.48 -28.59 -7.63
CA PRO A 202 -34.04 -27.23 -7.26
C PRO A 202 -32.65 -27.22 -6.65
N VAL A 203 -31.86 -26.26 -7.10
CA VAL A 203 -30.48 -26.07 -6.62
C VAL A 203 -30.41 -25.78 -5.10
N VAL A 204 -29.50 -26.48 -4.42
CA VAL A 204 -29.15 -26.27 -3.02
C VAL A 204 -27.66 -25.98 -2.75
N VAL A 205 -26.77 -26.56 -3.55
CA VAL A 205 -25.36 -26.34 -3.41
C VAL A 205 -24.86 -25.68 -4.69
N PRO A 206 -24.39 -24.45 -4.63
CA PRO A 206 -23.88 -23.85 -5.83
C PRO A 206 -22.52 -24.38 -6.31
N GLU A 207 -22.24 -24.14 -7.57
CA GLU A 207 -20.99 -24.50 -8.15
C GLU A 207 -19.97 -23.47 -7.78
N VAL A 208 -18.81 -23.93 -7.34
CA VAL A 208 -17.63 -23.05 -7.19
C VAL A 208 -16.41 -23.78 -7.79
N PRO A 209 -15.81 -23.22 -8.83
CA PRO A 209 -14.82 -23.94 -9.67
C PRO A 209 -13.80 -24.88 -9.01
N GLY A 210 -13.00 -24.42 -8.11
CA GLY A 210 -12.05 -25.35 -7.50
C GLY A 210 -12.62 -26.20 -6.38
N PHE A 211 -13.92 -26.11 -6.12
CA PHE A 211 -14.45 -26.40 -4.79
C PHE A 211 -15.69 -27.29 -4.76
N SER A 212 -16.76 -27.00 -5.51
CA SER A 212 -18.02 -27.71 -5.36
C SER A 212 -18.74 -27.84 -6.67
N ALA A 213 -19.26 -29.02 -6.88
CA ALA A 213 -20.17 -29.26 -7.98
C ALA A 213 -21.51 -28.71 -7.56
N GLU A 214 -22.23 -28.11 -8.49
CA GLU A 214 -23.64 -27.83 -8.23
C GLU A 214 -24.36 -29.11 -7.85
N ARG A 215 -25.16 -29.07 -6.79
CA ARG A 215 -26.01 -30.20 -6.37
C ARG A 215 -27.42 -29.66 -6.16
N SER A 216 -28.39 -30.55 -6.25
CA SER A 216 -29.80 -30.20 -6.11
C SER A 216 -30.46 -31.28 -5.29
N MSE A 217 -31.61 -30.96 -4.70
CA MSE A 217 -32.48 -31.99 -4.12
C MSE A 217 -33.44 -32.42 -5.22
O MSE A 217 -33.37 -31.92 -6.35
CB MSE A 217 -33.22 -31.51 -2.88
CG MSE A 217 -34.25 -30.47 -3.19
SE MSE A 217 -35.03 -29.66 -1.61
CE MSE A 217 -35.89 -31.13 -0.61
N GLU A 218 -34.35 -33.33 -4.90
CA GLU A 218 -35.44 -33.64 -5.81
C GLU A 218 -36.75 -33.35 -5.10
N ILE A 219 -37.70 -32.76 -5.81
CA ILE A 219 -39.01 -32.55 -5.27
C ILE A 219 -40.05 -33.14 -6.21
N ARG A 220 -41.03 -33.77 -5.60
CA ARG A 220 -42.17 -34.26 -6.34
C ARG A 220 -43.37 -33.41 -6.00
N PHE A 221 -43.82 -32.66 -6.97
CA PHE A 221 -45.05 -31.92 -6.85
C PHE A 221 -46.22 -32.76 -7.37
N ILE A 222 -47.19 -33.00 -6.52
CA ILE A 222 -48.39 -33.76 -6.86
C ILE A 222 -49.58 -32.87 -6.63
N ALA A 223 -50.54 -32.91 -7.54
CA ALA A 223 -51.72 -32.00 -7.48
C ALA A 223 -52.90 -32.58 -8.22
N PRO A 224 -54.14 -32.28 -7.76
CA PRO A 224 -55.35 -32.60 -8.51
C PRO A 224 -55.37 -31.87 -9.83
N GLY A 225 -55.84 -32.52 -10.89
CA GLY A 225 -55.82 -31.97 -12.26
C GLY A 225 -56.41 -30.58 -12.40
N GLY A 226 -57.43 -30.28 -11.59
CA GLY A 226 -57.95 -28.91 -11.47
C GLY A 226 -56.92 -27.81 -11.22
N LEU A 227 -55.82 -28.15 -10.57
CA LEU A 227 -54.73 -27.24 -10.20
C LEU A 227 -53.43 -27.47 -10.99
N VAL A 228 -53.56 -27.78 -12.26
CA VAL A 228 -52.38 -27.94 -13.12
C VAL A 228 -51.67 -26.57 -13.45
N SER A 229 -52.41 -25.44 -13.39
CA SER A 229 -51.77 -24.11 -13.43
C SER A 229 -50.63 -23.96 -12.41
N ASN A 230 -50.84 -24.49 -11.20
CA ASN A 230 -49.81 -24.47 -10.16
C ASN A 230 -48.52 -25.18 -10.54
N LEU A 231 -48.64 -26.23 -11.36
CA LEU A 231 -47.47 -26.97 -11.79
C LEU A 231 -46.75 -26.20 -12.87
N ASP A 232 -47.52 -25.58 -13.74
CA ASP A 232 -46.98 -24.72 -14.75
C ASP A 232 -46.15 -23.67 -14.03
N PHE A 233 -46.72 -23.13 -12.98
CA PHE A 233 -46.09 -22.09 -12.15
C PHE A 233 -44.70 -22.53 -11.68
N VAL A 234 -44.63 -23.62 -10.92
CA VAL A 234 -43.35 -24.07 -10.39
C VAL A 234 -42.34 -24.54 -11.43
N GLU A 235 -42.82 -25.11 -12.52
CA GLU A 235 -41.97 -25.62 -13.60
C GLU A 235 -41.21 -24.45 -14.26
N GLY A 236 -41.88 -23.33 -14.49
CA GLY A 236 -41.23 -22.14 -15.05
C GLY A 236 -40.16 -21.56 -14.12
N ILE A 237 -40.38 -21.63 -12.82
CA ILE A 237 -39.45 -21.07 -11.88
C ILE A 237 -38.25 -22.00 -11.71
N PHE A 238 -38.50 -23.29 -11.43
CA PHE A 238 -37.43 -24.24 -11.12
C PHE A 238 -37.02 -25.28 -12.18
N GLY A 239 -37.60 -25.20 -13.36
CA GLY A 239 -37.31 -26.20 -14.45
C GLY A 239 -38.05 -27.56 -14.37
N ASN A 240 -38.22 -28.23 -15.51
CA ASN A 240 -38.81 -29.54 -15.56
C ASN A 240 -37.74 -30.61 -15.46
N GLY A 241 -37.89 -31.50 -14.49
CA GLY A 241 -36.88 -32.51 -14.22
C GLY A 241 -36.99 -33.75 -15.09
N GLY A 242 -38.09 -33.86 -15.85
CA GLY A 242 -38.34 -35.00 -16.73
C GLY A 242 -39.16 -36.12 -16.09
N ASP A 243 -39.17 -37.27 -16.76
CA ASP A 243 -39.94 -38.39 -16.31
C ASP A 243 -39.23 -39.07 -15.13
N PRO A 244 -39.87 -39.14 -13.96
CA PRO A 244 -39.18 -39.64 -12.76
C PRO A 244 -38.93 -41.14 -12.81
N TYR A 245 -39.75 -41.83 -13.59
CA TYR A 245 -39.65 -43.27 -13.82
C TYR A 245 -38.40 -43.65 -14.61
N LEU A 246 -37.72 -42.73 -15.31
CA LEU A 246 -36.42 -43.07 -15.97
C LEU A 246 -35.26 -43.00 -14.99
N PRO A 247 -34.33 -43.98 -15.03
CA PRO A 247 -33.04 -43.91 -14.37
C PRO A 247 -32.09 -42.79 -14.80
N GLU A 248 -32.29 -42.19 -15.96
CA GLU A 248 -31.58 -40.95 -16.25
C GLU A 248 -31.88 -39.82 -15.21
N ASN A 249 -33.10 -39.84 -14.67
CA ASN A 249 -33.67 -38.81 -13.79
C ASN A 249 -33.94 -39.32 -12.36
N ASP A 250 -33.31 -40.43 -12.00
CA ASP A 250 -33.34 -40.92 -10.63
C ASP A 250 -32.05 -40.40 -10.00
N ALA A 251 -32.26 -39.72 -8.89
CA ALA A 251 -31.28 -38.88 -8.23
C ALA A 251 -30.16 -39.69 -7.63
N SER A 252 -30.54 -40.83 -7.02
CA SER A 252 -29.61 -41.75 -6.40
C SER A 252 -28.57 -42.24 -7.36
N LEU A 253 -28.92 -42.33 -8.62
CA LEU A 253 -28.00 -42.82 -9.65
C LEU A 253 -27.04 -41.77 -10.21
N ALA A 254 -27.25 -40.48 -9.93
CA ALA A 254 -26.24 -39.46 -10.22
C ALA A 254 -25.87 -38.75 -8.88
N PRO A 255 -25.31 -39.52 -7.93
CA PRO A 255 -25.09 -38.98 -6.59
C PRO A 255 -24.22 -37.75 -6.57
N GLU A 256 -23.26 -37.67 -7.49
CA GLU A 256 -22.31 -36.53 -7.55
C GLU A 256 -22.98 -35.17 -7.57
N SER A 257 -24.25 -35.16 -7.93
CA SER A 257 -25.00 -33.91 -8.06
C SER A 257 -26.32 -33.90 -7.26
N TRP A 258 -26.46 -34.74 -6.23
CA TRP A 258 -27.51 -34.52 -5.26
C TRP A 258 -27.13 -34.50 -3.76
N THR A 259 -28.06 -33.95 -3.00
CA THR A 259 -27.90 -33.68 -1.60
C THR A 259 -28.26 -34.85 -0.76
N GLY A 260 -28.87 -35.84 -1.38
CA GLY A 260 -29.34 -37.04 -0.67
C GLY A 260 -30.78 -36.89 -0.22
N HIS A 261 -31.43 -35.78 -0.58
CA HIS A 261 -32.69 -35.40 0.06
C HIS A 261 -33.84 -35.34 -0.92
N THR A 262 -35.02 -35.64 -0.44
CA THR A 262 -36.17 -35.74 -1.28
C THR A 262 -37.30 -35.03 -0.61
N GLY A 263 -38.04 -34.26 -1.38
CA GLY A 263 -39.22 -33.57 -0.85
C GLY A 263 -40.46 -33.96 -1.62
N CYS A 264 -41.59 -33.75 -0.99
CA CYS A 264 -42.89 -33.91 -1.59
C CYS A 264 -43.83 -32.76 -1.26
N VAL A 265 -44.56 -32.26 -2.28
CA VAL A 265 -45.61 -31.27 -2.05
C VAL A 265 -46.92 -31.73 -2.63
N ILE A 266 -48.00 -31.62 -1.84
CA ILE A 266 -49.34 -32.09 -2.20
C ILE A 266 -50.29 -30.91 -2.06
N LEU A 267 -50.91 -30.46 -3.13
CA LEU A 267 -51.93 -29.41 -3.04
C LEU A 267 -53.31 -30.03 -2.73
N ALA A 268 -54.02 -29.43 -1.77
CA ALA A 268 -55.26 -30.00 -1.24
C ALA A 268 -56.18 -28.97 -0.61
N PRO A 269 -56.66 -28.00 -1.41
CA PRO A 269 -57.49 -26.89 -0.89
C PRO A 269 -58.85 -27.27 -0.25
N HIS A 270 -59.33 -28.48 -0.52
CA HIS A 270 -60.53 -29.01 0.07
C HIS A 270 -60.43 -29.25 1.56
N LEU A 271 -59.21 -29.28 2.09
CA LEU A 271 -58.96 -29.64 3.50
C LEU A 271 -59.36 -28.55 4.49
N THR A 272 -59.65 -27.35 4.01
CA THR A 272 -60.14 -26.27 4.87
C THR A 272 -61.65 -26.46 5.25
N ARG A 273 -62.28 -27.55 4.80
CA ARG A 273 -63.64 -27.92 5.16
C ARG A 273 -63.69 -28.88 6.32
N LEU A 274 -62.61 -29.60 6.59
CA LEU A 274 -62.60 -30.58 7.68
C LEU A 274 -62.64 -29.96 9.07
N THR A 275 -63.27 -30.67 10.02
CA THR A 275 -63.37 -30.17 11.40
C THR A 275 -62.23 -30.73 12.21
N LYS A 276 -61.96 -30.03 13.29
CA LYS A 276 -60.97 -30.43 14.25
C LYS A 276 -61.37 -31.74 14.93
N LYS A 277 -62.66 -31.88 15.28
CA LYS A 277 -63.10 -33.07 15.97
C LYS A 277 -62.80 -34.30 15.14
N GLU A 278 -63.22 -34.25 13.86
CA GLU A 278 -63.18 -35.39 12.98
C GLU A 278 -61.74 -35.84 12.69
N LEU A 279 -60.73 -34.97 12.85
CA LEU A 279 -59.33 -35.34 12.64
C LEU A 279 -58.67 -35.85 13.93
N GLY A 280 -59.40 -35.82 15.02
CA GLY A 280 -58.96 -36.50 16.26
C GLY A 280 -58.25 -35.61 17.26
N LEU A 281 -58.36 -34.29 17.06
CA LEU A 281 -57.88 -33.31 18.00
C LEU A 281 -58.71 -33.36 19.27
N PRO A 282 -58.11 -32.97 20.39
CA PRO A 282 -58.83 -33.08 21.65
C PRO A 282 -59.78 -31.89 21.83
N ALA A 283 -60.85 -32.10 22.59
CA ALA A 283 -61.67 -30.99 23.06
C ALA A 283 -60.84 -30.06 23.97
N TRP A 284 -61.24 -28.79 24.02
CA TRP A 284 -60.58 -27.77 24.84
C TRP A 284 -60.18 -28.22 26.27
N GLU A 285 -61.09 -28.90 26.98
CA GLU A 285 -60.87 -29.31 28.37
C GLU A 285 -59.69 -30.28 28.54
N GLU A 286 -59.47 -31.14 27.54
CA GLU A 286 -58.39 -32.15 27.58
C GLU A 286 -57.08 -31.64 26.92
N ALA A 287 -57.02 -30.37 26.52
CA ALA A 287 -55.90 -29.87 25.74
C ALA A 287 -54.83 -29.18 26.60
N THR A 288 -53.56 -29.33 26.21
CA THR A 288 -52.43 -28.64 26.88
C THR A 288 -52.50 -27.12 26.64
N GLU A 289 -51.76 -26.36 27.44
CA GLU A 289 -51.67 -24.92 27.16
C GLU A 289 -51.18 -24.61 25.74
N ARG A 290 -50.25 -25.42 25.21
CA ARG A 290 -49.69 -25.23 23.87
C ARG A 290 -50.75 -25.50 22.80
N GLN A 291 -51.41 -26.64 22.93
CA GLN A 291 -52.52 -26.95 22.07
C GLN A 291 -53.59 -25.86 22.06
N ARG A 292 -53.81 -25.20 23.19
CA ARG A 292 -54.75 -24.09 23.23
C ARG A 292 -54.22 -22.78 22.67
N ARG A 293 -52.92 -22.55 22.78
CA ARG A 293 -52.28 -21.42 22.08
C ARG A 293 -52.39 -21.57 20.55
N ASP A 294 -52.17 -22.79 20.07
CA ASP A 294 -52.19 -23.09 18.64
C ASP A 294 -53.56 -23.29 18.04
N GLY A 295 -54.66 -23.20 18.82
CA GLY A 295 -55.97 -23.54 18.28
C GLY A 295 -56.13 -25.02 17.91
N MSE A 296 -55.35 -25.90 18.52
CA MSE A 296 -55.33 -27.34 18.14
C MSE A 296 -56.18 -28.10 19.12
O MSE A 296 -55.76 -29.11 19.70
CB MSE A 296 -53.88 -27.93 18.04
CG MSE A 296 -53.15 -27.26 16.87
SE MSE A 296 -53.61 -28.05 15.12
CE MSE A 296 -53.27 -29.83 15.73
N CYS A 297 -57.38 -27.59 19.31
CA CYS A 297 -58.38 -28.18 20.17
C CYS A 297 -59.69 -27.47 19.83
N TRP A 298 -60.81 -28.01 20.30
CA TRP A 298 -62.13 -27.46 19.93
C TRP A 298 -63.05 -27.34 21.13
N ARG A 299 -63.76 -26.23 21.14
CA ARG A 299 -64.89 -25.97 22.02
C ARG A 299 -66.26 -26.34 21.39
N GLY A 300 -66.29 -26.48 20.06
CA GLY A 300 -67.50 -26.81 19.32
C GLY A 300 -67.20 -27.94 18.36
N ALA A 301 -68.14 -28.86 18.22
CA ALA A 301 -67.99 -29.98 17.30
C ALA A 301 -67.77 -29.51 15.85
N ASP A 302 -68.36 -28.37 15.50
CA ASP A 302 -68.25 -27.82 14.13
C ASP A 302 -66.99 -27.01 13.80
N GLU A 303 -66.09 -26.79 14.77
CA GLU A 303 -64.91 -25.92 14.56
C GLU A 303 -64.06 -26.51 13.41
N LEU A 304 -63.82 -25.65 12.43
CA LEU A 304 -63.04 -26.03 11.29
C LEU A 304 -61.57 -26.03 11.70
N TYR A 305 -60.80 -26.92 11.06
CA TYR A 305 -59.34 -26.96 11.25
C TYR A 305 -58.72 -25.66 10.79
N ASN A 306 -57.93 -25.05 11.66
CA ASN A 306 -57.28 -23.77 11.43
C ASN A 306 -58.31 -22.68 11.22
N ASP A 307 -59.50 -22.90 11.81
CA ASP A 307 -60.66 -22.00 11.63
C ASP A 307 -61.02 -21.76 10.18
N GLY A 308 -60.90 -22.82 9.39
CA GLY A 308 -61.23 -22.76 7.97
C GLY A 308 -60.26 -22.01 7.08
N LYS A 309 -59.11 -21.61 7.61
CA LYS A 309 -58.19 -20.73 6.89
C LYS A 309 -57.07 -21.56 6.30
N ALA A 310 -56.40 -21.01 5.30
CA ALA A 310 -55.30 -21.72 4.63
C ALA A 310 -54.14 -22.05 5.62
N PHE A 311 -53.56 -23.22 5.42
CA PHE A 311 -52.42 -23.64 6.18
C PHE A 311 -51.53 -24.53 5.34
N LYS A 312 -50.36 -24.84 5.90
CA LYS A 312 -49.54 -25.92 5.37
C LYS A 312 -49.06 -26.77 6.51
N LEU A 313 -48.99 -28.07 6.27
CA LEU A 313 -48.68 -29.07 7.26
C LEU A 313 -47.47 -29.85 6.79
N VAL A 314 -46.41 -29.83 7.59
CA VAL A 314 -45.14 -30.40 7.19
C VAL A 314 -44.85 -31.56 8.06
N ALA A 315 -44.25 -32.61 7.50
CA ALA A 315 -43.60 -33.68 8.31
C ALA A 315 -42.19 -33.89 7.80
N ARG A 316 -41.25 -34.09 8.73
CA ARG A 316 -39.84 -34.28 8.41
C ARG A 316 -39.07 -34.71 9.60
N ASP A 317 -37.89 -35.28 9.35
CA ASP A 317 -36.92 -35.57 10.40
C ASP A 317 -35.53 -35.67 9.81
N GLU A 318 -34.60 -36.31 10.49
CA GLU A 318 -33.18 -36.32 10.05
C GLU A 318 -32.89 -37.19 8.85
N ARG A 319 -33.86 -38.02 8.48
CA ARG A 319 -33.67 -38.95 7.37
C ARG A 319 -33.57 -38.29 5.99
N GLY A 320 -34.02 -37.04 5.86
CA GLY A 320 -33.82 -36.28 4.62
C GLY A 320 -35.00 -36.19 3.68
N VAL A 321 -36.21 -36.46 4.20
CA VAL A 321 -37.46 -36.41 3.41
C VAL A 321 -38.49 -35.52 4.09
N ILE A 322 -38.95 -34.50 3.36
CA ILE A 322 -39.80 -33.46 3.88
C ILE A 322 -41.07 -33.55 3.07
N VAL A 323 -42.19 -33.64 3.75
CA VAL A 323 -43.49 -33.86 3.07
C VAL A 323 -44.41 -32.73 3.48
N THR A 324 -44.84 -31.92 2.54
CA THR A 324 -45.75 -30.81 2.85
C THR A 324 -47.10 -30.95 2.12
N ILE A 325 -48.16 -30.74 2.87
CA ILE A 325 -49.51 -30.56 2.33
C ILE A 325 -49.87 -29.06 2.39
N ILE A 326 -50.34 -28.50 1.29
CA ILE A 326 -50.81 -27.13 1.24
C ILE A 326 -52.35 -27.06 1.01
N ALA A 327 -53.10 -26.45 1.93
CA ALA A 327 -54.54 -26.36 1.81
C ALA A 327 -54.98 -25.09 1.12
N ASP A 328 -54.35 -24.76 0.00
CA ASP A 328 -54.72 -23.60 -0.79
C ASP A 328 -53.94 -23.64 -2.10
N ASN A 329 -54.46 -23.02 -3.14
CA ASN A 329 -53.83 -23.07 -4.45
C ASN A 329 -53.32 -21.73 -4.94
N TYR A 330 -53.14 -20.78 -4.04
CA TYR A 330 -52.53 -19.49 -4.43
C TYR A 330 -51.06 -19.75 -4.68
N TYR A 331 -50.53 -19.17 -5.74
CA TYR A 331 -49.30 -19.65 -6.35
C TYR A 331 -48.11 -19.38 -5.50
N GLY A 332 -48.22 -18.34 -4.67
CA GLY A 332 -47.19 -17.98 -3.72
C GLY A 332 -46.79 -19.11 -2.83
N TYR A 333 -47.76 -19.82 -2.27
CA TYR A 333 -47.43 -20.87 -1.30
C TYR A 333 -46.55 -21.94 -1.95
N CYS A 334 -46.69 -22.15 -3.26
CA CYS A 334 -45.97 -23.21 -3.97
C CYS A 334 -44.48 -22.87 -4.04
N LYS A 335 -44.23 -21.66 -4.48
CA LYS A 335 -42.94 -21.03 -4.52
C LYS A 335 -42.25 -21.09 -3.12
N LYS A 336 -42.99 -20.76 -2.07
CA LYS A 336 -42.37 -20.65 -0.75
C LYS A 336 -42.23 -22.00 -0.11
N GLU A 337 -42.93 -23.00 -0.62
CA GLU A 337 -42.71 -24.33 -0.11
C GLU A 337 -41.46 -24.95 -0.76
N VAL A 338 -41.18 -24.67 -2.02
CA VAL A 338 -39.89 -25.06 -2.57
C VAL A 338 -38.77 -24.45 -1.72
N LYS A 339 -38.88 -23.15 -1.45
CA LYS A 339 -37.97 -22.45 -0.57
C LYS A 339 -37.72 -23.18 0.74
N THR A 340 -38.80 -23.48 1.43
CA THR A 340 -38.72 -24.13 2.71
C THR A 340 -38.00 -25.45 2.57
N GLN A 341 -38.32 -26.18 1.49
CA GLN A 341 -37.78 -27.51 1.33
C GLN A 341 -36.33 -27.41 0.93
N ILE A 342 -35.99 -26.45 0.11
CA ILE A 342 -34.60 -26.17 -0.18
C ILE A 342 -33.87 -25.86 1.14
N SER A 343 -34.49 -25.04 2.01
CA SER A 343 -33.85 -24.65 3.27
C SER A 343 -33.64 -25.88 4.16
N TYR A 344 -34.61 -26.77 4.18
CA TYR A 344 -34.46 -28.07 4.87
C TYR A 344 -33.23 -28.88 4.39
N SER A 345 -33.06 -28.95 3.09
CA SER A 345 -31.97 -29.67 2.51
C SER A 345 -30.63 -29.02 2.85
N ALA A 346 -30.54 -27.71 2.73
CA ALA A 346 -29.38 -26.94 3.14
C ALA A 346 -28.95 -27.24 4.59
N ASN A 347 -29.90 -27.20 5.49
CA ASN A 347 -29.64 -27.45 6.90
C ASN A 347 -29.07 -28.85 7.13
N LEU A 348 -29.57 -29.87 6.45
CA LEU A 348 -29.07 -31.26 6.58
C LEU A 348 -27.81 -31.58 5.75
N PHE A 349 -27.52 -30.79 4.72
CA PHE A 349 -26.35 -31.09 3.90
C PHE A 349 -25.05 -30.57 4.55
N GLY A 350 -25.13 -29.43 5.24
CA GLY A 350 -23.97 -28.77 5.80
C GLY A 350 -23.31 -27.89 4.80
N CYS A 351 -22.48 -26.98 5.26
CA CYS A 351 -21.66 -26.09 4.37
C CYS A 351 -22.40 -25.02 3.60
N VAL A 352 -23.71 -25.13 3.51
CA VAL A 352 -24.47 -24.22 2.69
C VAL A 352 -25.56 -23.59 3.52
N GLU A 353 -26.11 -22.49 2.97
CA GLU A 353 -27.27 -21.84 3.46
C GLU A 353 -28.23 -21.56 2.31
N GLU A 354 -29.52 -21.68 2.63
CA GLU A 354 -30.55 -21.00 1.89
C GLU A 354 -30.81 -19.67 2.58
N GLU A 355 -30.98 -18.59 1.82
CA GLU A 355 -31.25 -17.24 2.37
C GLU A 355 -32.32 -16.56 1.55
N HIS A 356 -33.04 -15.66 2.21
CA HIS A 356 -34.05 -14.78 1.62
C HIS A 356 -33.33 -13.46 1.32
N SER A 357 -32.88 -13.23 0.10
CA SER A 357 -31.90 -12.14 -0.16
C SER A 357 -31.79 -11.73 -1.59
N GLY A 358 -31.42 -10.46 -1.78
CA GLY A 358 -31.18 -9.85 -3.09
C GLY A 358 -29.67 -9.63 -3.30
N GLY A 359 -29.28 -9.22 -4.49
CA GLY A 359 -27.90 -8.97 -4.75
C GLY A 359 -27.57 -8.51 -6.13
N ALA A 360 -26.39 -7.97 -6.30
CA ALA A 360 -25.98 -7.56 -7.64
C ALA A 360 -24.50 -7.39 -7.66
N LEU A 361 -23.95 -7.57 -8.86
CA LEU A 361 -22.55 -7.42 -9.11
C LEU A 361 -22.46 -6.10 -9.80
N ALA A 362 -21.80 -5.12 -9.19
CA ALA A 362 -21.80 -3.76 -9.75
C ALA A 362 -20.41 -3.32 -10.26
N PHE A 363 -20.41 -2.75 -11.46
CA PHE A 363 -19.25 -2.17 -12.09
C PHE A 363 -19.41 -0.64 -12.15
N PRO A 364 -18.51 0.10 -11.50
CA PRO A 364 -18.65 1.53 -11.58
C PRO A 364 -18.65 2.07 -12.99
N ARG A 365 -19.46 3.10 -13.23
CA ARG A 365 -19.48 3.79 -14.49
C ARG A 365 -19.27 5.29 -14.41
N TYR A 366 -18.95 5.87 -15.57
CA TYR A 366 -18.52 7.23 -15.69
C TYR A 366 -19.06 7.82 -16.95
N ASN A 367 -19.31 9.12 -16.90
CA ASN A 367 -19.71 9.87 -18.03
C ASN A 367 -18.47 10.56 -18.52
N LEU A 368 -17.92 10.08 -19.64
CA LEU A 368 -16.58 10.50 -20.12
C LEU A 368 -16.65 11.68 -21.08
N GLY A 369 -17.84 12.20 -21.32
CA GLY A 369 -18.04 13.38 -22.18
C GLY A 369 -18.03 12.99 -23.66
N GLN A 370 -17.49 13.92 -24.45
CA GLN A 370 -17.30 13.82 -25.88
C GLN A 370 -15.95 13.21 -26.26
N GLU A 371 -14.95 13.34 -25.38
CA GLU A 371 -13.55 13.03 -25.72
C GLU A 371 -12.86 12.32 -24.58
N TYR A 372 -12.26 11.17 -24.82
CA TYR A 372 -11.65 10.44 -23.69
C TYR A 372 -10.46 9.60 -24.13
N THR A 373 -9.38 9.67 -23.36
CA THR A 373 -8.22 8.86 -23.61
C THR A 373 -8.18 7.86 -22.50
N ASP A 374 -8.00 6.59 -22.86
CA ASP A 374 -7.89 5.59 -21.86
C ASP A 374 -6.66 5.83 -20.99
N VAL A 375 -6.87 5.80 -19.68
CA VAL A 375 -5.79 5.89 -18.70
C VAL A 375 -5.94 4.88 -17.57
N HIS A 376 -6.67 3.78 -17.78
CA HIS A 376 -6.85 2.79 -16.69
C HIS A 376 -6.43 1.39 -17.07
N THR A 377 -5.70 1.23 -18.19
CA THR A 377 -5.09 -0.08 -18.51
C THR A 377 -3.75 -0.18 -17.77
N PRO A 378 -3.61 -1.17 -16.90
CA PRO A 378 -2.33 -1.26 -16.23
C PRO A 378 -1.25 -1.74 -17.21
N ALA A 379 -0.05 -1.20 -17.05
CA ALA A 379 1.13 -1.64 -17.81
C ALA A 379 1.28 -3.14 -17.62
N GLY A 380 1.54 -3.83 -18.71
CA GLY A 380 1.56 -5.28 -18.68
C GLY A 380 0.38 -5.77 -19.50
N ALA A 381 -0.79 -5.13 -19.32
CA ALA A 381 -2.00 -5.47 -20.10
C ALA A 381 -1.96 -4.85 -21.50
N THR A 382 -2.06 -5.74 -22.50
CA THR A 382 -1.85 -5.39 -23.90
C THR A 382 -2.66 -6.32 -24.77
N VAL A 383 -3.04 -5.84 -25.94
CA VAL A 383 -3.75 -6.64 -26.96
C VAL A 383 -3.07 -8.01 -27.23
N GLU A 384 -1.73 -8.00 -27.36
CA GLU A 384 -0.89 -9.19 -27.63
C GLU A 384 -1.07 -10.22 -26.54
N ARG A 385 -1.03 -9.77 -25.30
CA ARG A 385 -1.11 -10.67 -24.16
C ARG A 385 -2.48 -11.30 -24.08
N VAL A 386 -3.52 -10.50 -24.40
CA VAL A 386 -4.89 -10.99 -24.40
C VAL A 386 -5.03 -12.06 -25.47
N LEU A 387 -4.55 -11.71 -26.65
CA LEU A 387 -4.57 -12.62 -27.80
C LEU A 387 -3.81 -13.91 -27.52
N ALA A 388 -2.67 -13.79 -26.85
CA ALA A 388 -1.84 -14.95 -26.53
C ALA A 388 -2.51 -15.82 -25.48
N ARG A 389 -3.23 -15.20 -24.54
CA ARG A 389 -3.95 -15.96 -23.50
C ARG A 389 -5.19 -16.67 -24.01
N ASN A 390 -5.70 -16.22 -25.16
CA ASN A 390 -6.87 -16.82 -25.82
C ASN A 390 -6.64 -17.18 -27.26
N PRO A 391 -5.89 -18.27 -27.48
CA PRO A 391 -5.75 -18.74 -28.85
C PRO A 391 -7.15 -19.02 -29.46
N GLY A 392 -7.34 -18.64 -30.72
CA GLY A 392 -8.54 -18.95 -31.49
C GLY A 392 -9.85 -18.31 -31.11
N ARG A 393 -9.86 -17.41 -30.14
CA ARG A 393 -11.10 -16.72 -29.75
C ARG A 393 -11.29 -15.41 -30.51
N PHE A 394 -10.18 -14.83 -31.01
CA PHE A 394 -10.16 -13.49 -31.59
C PHE A 394 -9.77 -13.51 -33.07
N GLU A 395 -10.06 -12.42 -33.75
CA GLU A 395 -9.55 -12.17 -35.06
C GLU A 395 -8.79 -10.87 -34.91
N ALA A 396 -7.46 -10.97 -34.96
CA ALA A 396 -6.56 -9.83 -34.95
C ALA A 396 -6.64 -9.05 -36.25
N ARG A 397 -6.63 -7.72 -36.15
CA ARG A 397 -6.76 -6.82 -37.31
C ARG A 397 -5.43 -6.17 -37.54
N ALA A 398 -5.15 -5.83 -38.78
CA ALA A 398 -3.91 -5.14 -39.14
C ALA A 398 -3.62 -3.86 -38.31
N ASP A 399 -4.67 -3.10 -37.98
CA ASP A 399 -4.50 -1.82 -37.25
C ASP A 399 -4.10 -1.95 -35.75
N GLY A 400 -4.18 -3.15 -35.17
CA GLY A 400 -3.88 -3.37 -33.74
C GLY A 400 -5.10 -3.77 -32.93
N SER A 401 -6.30 -3.48 -33.45
CA SER A 401 -7.54 -3.92 -32.84
C SER A 401 -7.77 -5.42 -33.04
N ALA A 402 -8.76 -5.95 -32.34
CA ALA A 402 -9.20 -7.33 -32.54
C ALA A 402 -10.67 -7.44 -32.20
N VAL A 403 -11.30 -8.49 -32.71
CA VAL A 403 -12.71 -8.72 -32.49
C VAL A 403 -12.96 -10.19 -32.08
N LEU A 404 -13.95 -10.44 -31.23
CA LEU A 404 -14.31 -11.82 -30.88
C LEU A 404 -14.91 -12.56 -32.04
N LEU A 405 -14.70 -13.88 -32.06
CA LEU A 405 -15.28 -14.77 -33.06
C LEU A 405 -16.59 -15.40 -32.55
N ASP A 406 -17.54 -15.60 -33.48
CA ASP A 406 -18.81 -16.31 -33.21
C ASP A 406 -18.52 -17.74 -32.81
N ASP A 407 -19.44 -18.35 -32.08
CA ASP A 407 -19.31 -19.81 -31.94
C ASP A 407 -19.21 -20.55 -33.29
N ASP A 408 -19.68 -19.95 -34.39
CA ASP A 408 -19.55 -20.51 -35.76
C ASP A 408 -18.30 -20.06 -36.57
N GLY A 409 -17.31 -19.44 -35.91
CA GLY A 409 -16.04 -19.09 -36.57
C GLY A 409 -15.93 -17.75 -37.31
N ARG A 410 -17.05 -17.01 -37.47
CA ARG A 410 -17.03 -15.67 -38.13
C ARG A 410 -16.97 -14.55 -37.10
N PRO A 411 -16.26 -13.45 -37.41
CA PRO A 411 -16.13 -12.37 -36.43
C PRO A 411 -17.43 -11.66 -36.05
N ASP A 412 -17.56 -11.28 -34.78
CA ASP A 412 -18.70 -10.47 -34.28
C ASP A 412 -18.24 -9.02 -34.05
N GLU A 413 -18.69 -8.12 -34.94
CA GLU A 413 -18.27 -6.72 -34.90
C GLU A 413 -18.75 -5.92 -33.70
N GLY A 414 -19.68 -6.48 -32.91
CA GLY A 414 -20.28 -5.82 -31.77
C GLY A 414 -19.35 -5.50 -30.60
N ILE A 415 -18.21 -6.18 -30.52
CA ILE A 415 -17.25 -6.01 -29.45
C ILE A 415 -15.87 -5.88 -30.04
N VAL A 416 -15.27 -4.71 -29.86
CA VAL A 416 -13.96 -4.41 -30.40
C VAL A 416 -12.91 -4.19 -29.29
N LEU A 417 -12.00 -5.15 -29.14
CA LEU A 417 -10.80 -4.98 -28.29
C LEU A 417 -9.84 -3.91 -28.89
N VAL A 418 -9.45 -2.90 -28.12
CA VAL A 418 -8.61 -1.82 -28.64
C VAL A 418 -7.35 -1.65 -27.80
N PRO A 419 -6.30 -1.03 -28.35
CA PRO A 419 -5.08 -0.96 -27.52
C PRO A 419 -5.16 -0.03 -26.31
N ALA A 420 -4.34 -0.34 -25.32
CA ALA A 420 -4.15 0.57 -24.19
C ALA A 420 -3.80 1.97 -24.68
N GLY A 421 -4.36 2.99 -24.03
CA GLY A 421 -4.12 4.37 -24.35
C GLY A 421 -4.90 4.88 -25.55
N ALA A 422 -5.84 4.09 -26.09
CA ALA A 422 -6.72 4.53 -27.20
C ALA A 422 -7.52 5.79 -26.84
N HIS A 423 -7.79 6.61 -27.85
CA HIS A 423 -8.56 7.85 -27.66
C HIS A 423 -9.90 7.73 -28.34
N PHE A 424 -10.96 8.28 -27.73
CA PHE A 424 -12.33 8.12 -28.24
C PHE A 424 -12.94 9.46 -28.45
N SER A 425 -13.50 9.72 -29.62
CA SER A 425 -13.95 11.07 -29.96
C SER A 425 -15.30 11.04 -30.62
N MSE A 426 -16.28 11.66 -29.96
CA MSE A 426 -17.62 11.83 -30.54
C MSE A 426 -17.67 12.91 -31.57
O MSE A 426 -18.64 12.98 -32.34
CB MSE A 426 -18.66 12.25 -29.51
CG MSE A 426 -18.77 11.32 -28.32
SE MSE A 426 -19.66 9.69 -28.87
CE MSE A 426 -21.49 10.46 -28.95
N ARG A 427 -16.65 13.80 -31.62
CA ARG A 427 -16.56 14.83 -32.68
C ARG A 427 -16.17 14.20 -34.02
N THR A 428 -15.10 13.40 -34.04
CA THR A 428 -14.72 12.67 -35.24
C THR A 428 -15.43 11.31 -35.37
N GLN A 429 -16.12 10.85 -34.34
CA GLN A 429 -16.70 9.52 -34.31
C GLN A 429 -15.66 8.44 -34.64
N THR A 430 -14.49 8.53 -34.01
CA THR A 430 -13.46 7.52 -34.17
C THR A 430 -12.69 7.20 -32.91
N VAL A 431 -12.29 5.93 -32.82
CA VAL A 431 -11.22 5.47 -31.91
C VAL A 431 -9.83 5.46 -32.63
N THR A 432 -8.88 6.19 -32.05
CA THR A 432 -7.52 6.36 -32.59
C THR A 432 -6.47 5.93 -31.59
N TRP A 433 -5.31 5.54 -32.13
CA TRP A 433 -4.10 5.33 -31.31
C TRP A 433 -2.87 5.35 -32.25
N ASP A 434 -1.67 5.62 -31.73
CA ASP A 434 -0.50 5.55 -32.62
C ASP A 434 0.30 4.26 -32.41
N ARG A 435 0.36 3.45 -33.48
CA ARG A 435 1.48 2.47 -33.77
C ARG A 435 0.99 1.41 -34.72
N ARG A 439 2.72 5.96 -36.68
CA ARG A 439 1.69 5.36 -37.52
C ARG A 439 0.27 5.30 -36.87
N GLU A 440 -0.53 6.35 -37.07
CA GLU A 440 -1.83 6.48 -36.35
C GLU A 440 -2.94 5.62 -37.01
N ALA A 441 -3.53 4.69 -36.24
CA ALA A 441 -4.72 3.90 -36.64
C ALA A 441 -6.03 4.60 -36.24
N SER A 442 -7.13 4.20 -36.88
CA SER A 442 -8.41 4.86 -36.68
C SER A 442 -9.54 3.94 -37.09
N ILE A 443 -10.42 3.56 -36.16
CA ILE A 443 -11.66 2.81 -36.51
C ILE A 443 -12.89 3.65 -36.19
N PRO A 444 -14.04 3.32 -36.82
CA PRO A 444 -15.26 4.10 -36.51
C PRO A 444 -15.71 3.89 -35.07
N LEU A 445 -16.15 4.96 -34.43
CA LEU A 445 -16.80 4.90 -33.11
C LEU A 445 -18.30 4.93 -33.40
N LEU A 446 -18.98 3.84 -33.13
CA LEU A 446 -20.39 3.68 -33.49
C LEU A 446 -21.20 3.32 -32.27
N ALA A 447 -22.43 3.84 -32.24
CA ALA A 447 -23.35 3.64 -31.12
C ALA A 447 -23.71 2.21 -30.82
N ASP A 448 -23.83 1.37 -31.83
CA ASP A 448 -24.22 -0.04 -31.56
C ASP A 448 -23.06 -1.00 -31.22
N ARG A 449 -21.87 -0.45 -30.94
CA ARG A 449 -20.70 -1.24 -30.51
C ARG A 449 -20.23 -0.99 -29.07
N VAL A 450 -19.47 -1.94 -28.53
CA VAL A 450 -18.79 -1.78 -27.27
C VAL A 450 -17.28 -1.94 -27.44
N TYR A 451 -16.51 -0.93 -27.08
CA TYR A 451 -15.06 -0.92 -27.20
C TYR A 451 -14.44 -1.24 -25.85
N ILE A 452 -13.50 -2.17 -25.82
CA ILE A 452 -12.94 -2.61 -24.56
C ILE A 452 -11.42 -2.66 -24.66
N ALA A 453 -10.75 -2.10 -23.64
CA ALA A 453 -9.31 -2.05 -23.57
C ALA A 453 -8.78 -3.32 -22.92
N PRO A 454 -7.45 -3.55 -22.93
CA PRO A 454 -6.96 -4.88 -22.64
C PRO A 454 -7.02 -5.34 -21.19
N GLY A 455 -7.23 -4.41 -20.27
CA GLY A 455 -7.44 -4.72 -18.85
C GLY A 455 -8.91 -4.78 -18.43
N GLY A 456 -9.82 -4.67 -19.41
CA GLY A 456 -11.24 -4.94 -19.24
C GLY A 456 -12.17 -3.74 -19.14
N TYR A 457 -11.61 -2.54 -19.16
CA TYR A 457 -12.37 -1.31 -19.04
C TYR A 457 -13.11 -1.05 -20.35
N ARG A 458 -14.45 -0.88 -20.29
CA ARG A 458 -15.24 -0.68 -21.52
C ARG A 458 -15.60 0.78 -21.82
N VAL A 459 -15.81 1.09 -23.10
CA VAL A 459 -16.32 2.37 -23.53
C VAL A 459 -17.43 2.15 -24.55
N HIS A 460 -18.54 2.85 -24.39
CA HIS A 460 -19.61 2.87 -25.40
C HIS A 460 -20.33 4.23 -25.39
N ALA A 461 -21.15 4.48 -26.40
CA ALA A 461 -21.86 5.74 -26.55
C ALA A 461 -23.37 5.52 -26.27
N LYS A 462 -24.03 6.51 -25.69
CA LYS A 462 -25.46 6.42 -25.38
C LYS A 462 -26.04 7.79 -25.35
N HIS A 463 -27.35 7.88 -25.54
CA HIS A 463 -28.03 9.15 -25.39
C HIS A 463 -28.17 9.47 -23.91
N ARG A 464 -28.13 10.74 -23.53
CA ARG A 464 -28.36 11.16 -22.13
C ARG A 464 -29.67 10.64 -21.63
N GLU A 465 -29.75 10.45 -20.34
CA GLU A 465 -30.92 9.76 -19.81
C GLU A 465 -32.20 10.60 -19.98
N GLY A 466 -32.11 11.91 -19.85
CA GLY A 466 -33.33 12.70 -20.08
C GLY A 466 -33.64 13.15 -21.51
N ASP A 467 -32.77 12.82 -22.48
CA ASP A 467 -32.76 13.50 -23.79
C ASP A 467 -32.15 12.59 -24.87
N ALA A 468 -33.00 12.10 -25.76
CA ALA A 468 -32.59 11.17 -26.83
C ALA A 468 -31.73 11.82 -27.89
N THR A 469 -31.63 13.17 -27.90
CA THR A 469 -30.88 13.94 -28.89
C THR A 469 -29.48 14.37 -28.47
N GLN A 470 -29.06 14.03 -27.26
CA GLN A 470 -27.71 14.38 -26.77
C GLN A 470 -27.07 13.07 -26.40
N TRP A 471 -25.80 12.93 -26.77
CA TRP A 471 -25.10 11.67 -26.64
C TRP A 471 -23.78 11.92 -25.95
N HIS A 472 -23.25 10.91 -25.26
CA HIS A 472 -21.92 11.03 -24.62
C HIS A 472 -21.37 9.64 -24.45
N LEU A 473 -20.11 9.56 -23.98
CA LEU A 473 -19.40 8.29 -23.81
C LEU A 473 -19.57 7.81 -22.38
N VAL A 474 -19.62 6.49 -22.21
CA VAL A 474 -19.70 5.91 -20.91
C VAL A 474 -18.53 4.96 -20.70
N GLY A 475 -17.82 5.12 -19.60
CA GLY A 475 -16.80 4.16 -19.19
C GLY A 475 -17.33 3.21 -18.16
N THR A 476 -17.02 1.91 -18.31
CA THR A 476 -17.33 0.89 -17.32
C THR A 476 -16.01 0.26 -16.85
N ALA A 477 -15.66 0.48 -15.59
CA ALA A 477 -14.53 -0.16 -14.98
C ALA A 477 -14.82 -1.60 -14.64
N PRO A 478 -13.79 -2.49 -14.68
CA PRO A 478 -13.94 -3.93 -14.57
C PRO A 478 -13.76 -4.51 -13.17
N TRP A 479 -13.34 -3.68 -12.24
CA TRP A 479 -13.15 -4.07 -10.83
C TRP A 479 -14.52 -3.91 -10.17
N ALA A 480 -15.28 -4.99 -10.21
CA ALA A 480 -16.66 -4.95 -9.78
C ALA A 480 -16.66 -5.16 -8.30
N THR A 481 -17.80 -4.84 -7.69
CA THR A 481 -18.15 -5.17 -6.31
C THR A 481 -19.50 -5.88 -6.26
N GLN A 482 -19.55 -7.02 -5.60
CA GLN A 482 -20.76 -7.78 -5.45
C GLN A 482 -21.41 -7.57 -4.09
N ALA A 483 -22.61 -7.03 -4.11
CA ALA A 483 -23.36 -6.79 -2.91
C ALA A 483 -24.36 -7.90 -2.73
N HIS A 484 -24.63 -8.17 -1.49
CA HIS A 484 -25.51 -9.19 -1.05
C HIS A 484 -26.43 -8.53 0.03
N LYS A 485 -27.75 -8.70 -0.09
CA LYS A 485 -28.69 -8.03 0.83
C LYS A 485 -29.62 -9.03 1.41
N PRO A 486 -29.23 -9.61 2.54
CA PRO A 486 -30.00 -10.65 3.18
C PRO A 486 -30.86 -10.14 4.32
N ALA A 487 -31.72 -11.04 4.82
CA ALA A 487 -32.41 -10.91 6.06
C ALA A 487 -33.03 -9.55 6.26
N THR A 488 -33.76 -9.13 5.27
CA THR A 488 -34.22 -7.76 5.14
C THR A 488 -35.73 -7.81 5.10
N VAL A 489 -36.35 -7.24 6.10
CA VAL A 489 -37.81 -7.37 6.27
C VAL A 489 -38.47 -6.70 5.09
N SER A 490 -39.74 -6.99 4.95
CA SER A 490 -40.55 -6.40 3.88
C SER A 490 -40.59 -4.91 4.13
N GLY A 491 -40.54 -4.13 3.08
CA GLY A 491 -40.27 -2.69 3.21
C GLY A 491 -38.79 -2.37 3.32
N GLY A 492 -37.94 -3.34 3.60
CA GLY A 492 -36.53 -3.07 3.68
C GLY A 492 -35.73 -2.88 2.41
N GLY A 493 -36.33 -3.18 1.26
CA GLY A 493 -35.77 -2.95 -0.07
C GLY A 493 -34.78 -4.01 -0.55
N LYS A 494 -35.09 -5.28 -0.29
CA LYS A 494 -34.25 -6.42 -0.74
C LYS A 494 -34.01 -6.43 -2.26
N SER A 495 -35.07 -6.21 -3.00
CA SER A 495 -34.95 -6.12 -4.45
C SER A 495 -34.30 -4.87 -4.92
N GLU A 496 -34.36 -3.82 -4.13
CA GLU A 496 -33.82 -2.52 -4.56
C GLU A 496 -32.32 -2.56 -4.87
N ILE A 497 -31.58 -3.46 -4.25
CA ILE A 497 -30.15 -3.56 -4.52
C ILE A 497 -29.84 -3.75 -6.02
N SER A 498 -30.68 -4.50 -6.72
CA SER A 498 -30.50 -4.79 -8.12
C SER A 498 -31.36 -3.95 -9.05
N LYS A 499 -32.09 -2.99 -8.52
CA LYS A 499 -32.96 -2.18 -9.34
C LYS A 499 -32.15 -1.05 -9.97
N SER A 500 -32.68 -0.43 -11.01
CA SER A 500 -31.91 0.47 -11.84
C SER A 500 -31.96 1.87 -11.30
N LEU A 501 -30.81 2.53 -11.24
CA LEU A 501 -30.78 3.89 -10.70
C LEU A 501 -31.20 4.95 -11.72
N LEU A 502 -31.13 4.62 -12.99
CA LEU A 502 -31.50 5.54 -14.05
C LEU A 502 -32.96 5.98 -14.01
N ASP A 503 -33.84 5.12 -13.51
CA ASP A 503 -35.29 5.40 -13.36
C ASP A 503 -35.59 6.38 -12.25
N ALA A 504 -34.68 6.51 -11.31
CA ALA A 504 -34.78 7.47 -10.24
C ALA A 504 -34.21 8.87 -10.57
N PHE A 505 -33.57 9.05 -11.73
CA PHE A 505 -32.95 10.36 -12.04
C PHE A 505 -34.02 11.43 -12.10
N VAL A 506 -33.70 12.61 -11.61
CA VAL A 506 -34.49 13.84 -11.80
C VAL A 506 -33.60 14.84 -12.53
N PHE A 507 -34.23 15.57 -13.42
CA PHE A 507 -33.52 16.49 -14.27
C PHE A 507 -33.84 17.86 -13.82
N GLY A 508 -32.87 18.51 -13.15
CA GLY A 508 -33.01 19.88 -12.64
C GLY A 508 -32.17 20.88 -13.43
N GLU A 509 -31.94 22.05 -12.85
CA GLU A 509 -31.22 23.14 -13.49
C GLU A 509 -29.95 23.46 -12.75
N ALA A 510 -29.04 24.15 -13.44
CA ALA A 510 -27.79 24.65 -12.82
C ALA A 510 -28.12 25.99 -12.17
N TYR A 511 -27.84 26.12 -10.88
CA TYR A 511 -28.24 27.32 -10.15
C TYR A 511 -27.34 28.52 -10.43
N VAL A 512 -27.96 29.68 -10.62
CA VAL A 512 -27.29 30.98 -10.71
C VAL A 512 -27.91 31.97 -9.72
N GLY A 513 -27.11 32.55 -8.83
CA GLY A 513 -27.62 33.51 -7.88
C GLY A 513 -27.80 34.87 -8.53
N ASP A 514 -26.66 35.50 -8.87
CA ASP A 514 -26.63 36.72 -9.68
C ASP A 514 -25.72 36.43 -10.88
N VAL A 515 -26.26 36.52 -12.08
CA VAL A 515 -25.55 36.04 -13.27
C VAL A 515 -24.23 36.77 -13.60
N ASP A 516 -24.21 38.08 -13.36
CA ASP A 516 -23.03 38.90 -13.61
C ASP A 516 -21.96 38.52 -12.60
N ALA A 517 -22.31 38.64 -11.32
CA ALA A 517 -21.35 38.30 -10.27
C ALA A 517 -20.83 36.90 -10.47
N ASP A 518 -21.76 35.94 -10.60
CA ASP A 518 -21.38 34.52 -10.61
C ASP A 518 -20.49 34.19 -11.78
N LEU A 519 -20.79 34.72 -12.96
CA LEU A 519 -19.99 34.41 -14.14
C LEU A 519 -18.62 35.10 -14.14
N ASP A 520 -18.57 36.30 -13.56
CA ASP A 520 -17.31 36.98 -13.25
C ASP A 520 -16.49 36.10 -12.33
N ALA A 521 -17.10 35.66 -11.24
CA ALA A 521 -16.41 34.75 -10.32
C ALA A 521 -15.91 33.45 -11.00
N VAL A 522 -16.68 32.92 -11.96
CA VAL A 522 -16.26 31.75 -12.74
C VAL A 522 -15.05 32.09 -13.59
N GLN A 523 -15.07 33.30 -14.14
CA GLN A 523 -13.96 33.82 -14.95
C GLN A 523 -12.61 33.77 -14.21
N LYS A 524 -12.61 34.35 -13.01
CA LYS A 524 -11.40 34.48 -12.18
C LYS A 524 -10.77 33.10 -12.00
N ILE A 525 -11.60 32.15 -11.58
CA ILE A 525 -11.15 30.77 -11.32
C ILE A 525 -10.54 30.11 -12.56
N LEU A 526 -11.02 30.43 -13.75
CA LEU A 526 -10.52 29.77 -14.97
C LEU A 526 -9.09 30.12 -15.41
N ASP A 527 -8.35 30.92 -14.62
CA ASP A 527 -6.97 31.36 -14.96
C ASP A 527 -5.83 30.55 -14.31
N PRO A 546 -4.35 24.02 -17.21
CA PRO A 546 -5.30 24.97 -17.81
C PRO A 546 -6.72 24.37 -18.00
N ILE A 547 -7.71 25.00 -17.38
CA ILE A 547 -9.03 24.36 -17.10
C ILE A 547 -9.90 23.97 -18.31
N LEU A 548 -9.99 24.83 -19.32
CA LEU A 548 -10.83 24.55 -20.49
C LEU A 548 -10.07 23.88 -21.63
N SER A 549 -8.85 23.39 -21.35
CA SER A 549 -8.02 22.70 -22.35
C SER A 549 -8.69 21.37 -22.71
N GLU A 550 -8.88 21.07 -23.98
CA GLU A 550 -9.63 19.86 -24.40
C GLU A 550 -8.97 18.50 -24.11
N ARG A 551 -7.73 18.49 -23.64
CA ARG A 551 -7.05 17.27 -23.19
C ARG A 551 -6.80 17.36 -21.66
N ARG A 552 -7.73 18.05 -21.01
CA ARG A 552 -7.97 17.97 -19.58
C ARG A 552 -9.47 17.55 -19.38
N SER A 553 -9.72 16.36 -18.81
CA SER A 553 -11.08 15.80 -18.68
C SER A 553 -11.91 16.56 -17.64
N LEU A 554 -13.24 16.34 -17.67
CA LEU A 554 -14.15 16.96 -16.69
C LEU A 554 -13.80 16.45 -15.27
N GLY A 555 -13.57 15.15 -15.14
CA GLY A 555 -13.16 14.57 -13.85
C GLY A 555 -11.97 15.24 -13.20
N SER A 556 -10.91 15.50 -13.96
CA SER A 556 -9.69 16.14 -13.41
C SER A 556 -10.01 17.54 -12.88
N VAL A 557 -10.87 18.26 -13.60
CA VAL A 557 -11.32 19.57 -13.14
C VAL A 557 -12.00 19.44 -11.77
N ILE A 558 -12.84 18.41 -11.59
CA ILE A 558 -13.50 18.20 -10.30
C ILE A 558 -12.48 17.86 -9.20
N LYS A 559 -11.53 16.98 -9.51
CA LYS A 559 -10.38 16.70 -8.61
C LYS A 559 -9.62 18.00 -8.25
N LEU A 560 -9.36 18.82 -9.28
CA LEU A 560 -8.71 20.11 -9.08
C LEU A 560 -9.40 20.95 -8.01
N LEU A 561 -10.73 21.07 -8.10
CA LEU A 561 -11.52 21.94 -7.21
C LEU A 561 -12.21 21.25 -6.01
N THR A 562 -11.72 20.06 -5.61
CA THR A 562 -12.18 19.39 -4.39
C THR A 562 -11.05 19.27 -3.34
N PRO A 563 -11.28 19.82 -2.14
CA PRO A 563 -10.26 19.78 -1.11
C PRO A 563 -9.77 18.37 -0.87
N SER A 564 -8.45 18.21 -0.89
CA SER A 564 -7.76 16.96 -0.69
C SER A 564 -6.64 17.21 0.30
N SER A 565 -6.23 16.15 0.99
CA SER A 565 -5.14 16.22 1.95
C SER A 565 -3.72 16.27 1.28
N MSE A 566 -3.63 16.30 -0.05
CA MSE A 566 -2.35 16.51 -0.74
C MSE A 566 -2.35 17.79 -1.51
O MSE A 566 -1.65 17.93 -2.52
CB MSE A 566 -1.96 15.29 -1.53
CG MSE A 566 -3.12 14.82 -2.35
SE MSE A 566 -2.39 13.56 -3.65
CE MSE A 566 -1.05 12.61 -2.53
N TYR A 567 -3.09 18.75 -0.98
CA TYR A 567 -2.99 20.14 -1.38
C TYR A 567 -2.51 21.02 -0.22
N THR A 568 -1.67 22.00 -0.55
CA THR A 568 -1.23 23.05 0.38
C THR A 568 -2.44 23.54 1.22
N GLU A 569 -2.29 23.59 2.54
CA GLU A 569 -3.40 24.03 3.42
C GLU A 569 -3.96 25.45 3.10
N GLU A 570 -3.15 26.32 2.47
CA GLU A 570 -3.64 27.59 1.87
C GLU A 570 -4.59 27.30 0.69
N TYR A 571 -4.17 26.39 -0.18
CA TYR A 571 -4.96 26.01 -1.35
C TYR A 571 -6.37 25.48 -1.02
N ASN A 572 -6.48 24.67 0.02
CA ASN A 572 -7.79 24.18 0.48
C ASN A 572 -8.68 25.27 1.05
N ALA A 573 -8.08 26.23 1.74
CA ALA A 573 -8.83 27.36 2.28
C ALA A 573 -9.40 28.20 1.13
N PHE A 574 -8.66 28.26 0.02
CA PHE A 574 -9.12 28.91 -1.24
C PHE A 574 -10.30 28.15 -1.86
N LEU A 575 -10.20 26.82 -1.90
CA LEU A 575 -11.29 25.96 -2.34
C LEU A 575 -12.52 26.16 -1.45
N GLU A 576 -12.35 26.21 -0.14
CA GLU A 576 -13.48 26.52 0.77
C GLU A 576 -14.07 27.89 0.54
N SER A 577 -13.26 28.82 0.03
CA SER A 577 -13.75 30.15 -0.32
C SER A 577 -14.66 30.13 -1.54
N ILE A 578 -14.55 29.11 -2.41
CA ILE A 578 -15.36 29.01 -3.65
C ILE A 578 -16.74 28.49 -3.30
N PRO A 579 -17.78 29.32 -3.45
CA PRO A 579 -19.10 28.82 -3.06
C PRO A 579 -19.53 27.62 -3.91
N ALA A 580 -20.49 26.87 -3.38
CA ALA A 580 -20.90 25.58 -3.92
C ALA A 580 -21.39 25.77 -5.35
N HIS A 581 -22.30 26.71 -5.52
CA HIS A 581 -22.85 26.96 -6.84
C HIS A 581 -21.85 27.42 -7.93
N ILE A 582 -20.77 28.12 -7.55
CA ILE A 582 -19.73 28.54 -8.52
C ILE A 582 -19.00 27.31 -9.05
N LYS A 583 -18.70 26.36 -8.21
CA LYS A 583 -18.08 25.11 -8.69
C LYS A 583 -18.98 24.38 -9.69
N GLU A 584 -20.27 24.24 -9.37
CA GLU A 584 -21.22 23.62 -10.25
C GLU A 584 -21.29 24.34 -11.57
N LEU A 585 -21.28 25.66 -11.52
CA LEU A 585 -21.24 26.49 -12.73
C LEU A 585 -19.95 26.27 -13.51
N ILE A 586 -18.82 26.10 -12.83
CA ILE A 586 -17.56 25.80 -13.57
C ILE A 586 -17.67 24.46 -14.29
N PHE A 587 -18.07 23.42 -13.57
CA PHE A 587 -18.14 22.09 -14.19
C PHE A 587 -19.16 22.04 -15.32
N THR A 588 -20.23 22.79 -15.20
CA THR A 588 -21.20 22.91 -16.26
C THR A 588 -20.59 23.60 -17.46
N VAL A 589 -19.88 24.70 -17.22
CA VAL A 589 -19.20 25.41 -18.34
C VAL A 589 -18.21 24.49 -19.03
N LYS A 590 -17.44 23.77 -18.23
CA LYS A 590 -16.48 22.80 -18.74
C LYS A 590 -17.13 21.77 -19.64
N ARG A 591 -18.23 21.15 -19.17
CA ARG A 591 -18.95 20.12 -19.94
C ARG A 591 -19.35 20.62 -21.30
N TYR A 592 -19.79 21.87 -21.42
CA TYR A 592 -20.35 22.37 -22.70
C TYR A 592 -19.40 23.19 -23.57
N TYR A 593 -18.24 23.59 -23.02
CA TYR A 593 -17.21 24.39 -23.76
C TYR A 593 -16.90 23.83 -25.13
N GLN A 594 -16.85 24.70 -26.13
CA GLN A 594 -16.39 24.34 -27.46
C GLN A 594 -15.02 24.99 -27.74
N PRO A 595 -14.09 24.28 -28.44
CA PRO A 595 -12.88 24.92 -29.02
C PRO A 595 -13.18 26.24 -29.77
N GLY A 596 -14.15 26.15 -30.69
CA GLY A 596 -14.55 27.25 -31.52
C GLY A 596 -14.80 28.58 -30.85
N TRP A 597 -15.24 28.58 -29.60
CA TRP A 597 -15.49 29.83 -28.93
C TRP A 597 -14.22 30.48 -28.46
N GLY A 598 -13.17 29.69 -28.24
CA GLY A 598 -11.83 30.20 -27.91
C GLY A 598 -11.78 31.45 -27.07
N ALA A 599 -12.21 31.34 -25.81
CA ALA A 599 -12.11 32.45 -24.79
C ALA A 599 -13.29 33.45 -24.76
N ASP A 600 -14.15 33.45 -25.78
CA ASP A 600 -15.45 34.11 -25.70
C ASP A 600 -16.54 33.01 -25.41
N TRP A 601 -16.33 32.25 -24.34
CA TRP A 601 -17.35 31.33 -23.83
C TRP A 601 -18.48 32.12 -23.19
N ARG A 602 -18.11 33.16 -22.44
CA ARG A 602 -19.04 34.00 -21.71
C ARG A 602 -20.36 34.32 -22.44
N SER A 603 -20.27 34.65 -23.72
CA SER A 603 -21.47 35.11 -24.43
C SER A 603 -22.46 33.97 -24.73
N HIS A 604 -22.02 32.72 -24.61
CA HIS A 604 -22.91 31.57 -24.78
C HIS A 604 -23.77 31.23 -23.54
N PHE A 605 -23.49 31.86 -22.41
CA PHE A 605 -24.14 31.52 -21.16
C PHE A 605 -24.91 32.69 -20.61
N SER A 606 -26.05 32.40 -19.99
CA SER A 606 -27.00 33.45 -19.57
C SER A 606 -28.03 32.88 -18.63
N VAL A 607 -28.92 33.74 -18.17
CA VAL A 607 -30.18 33.35 -17.50
C VAL A 607 -31.20 34.15 -18.21
N GLY A 608 -32.43 33.69 -18.24
CA GLY A 608 -33.45 34.51 -18.89
C GLY A 608 -33.86 35.67 -17.99
N ILE A 609 -34.53 36.64 -18.58
CA ILE A 609 -35.26 37.61 -17.79
C ILE A 609 -36.73 37.13 -17.84
N ILE A 610 -37.17 36.48 -16.78
CA ILE A 610 -38.49 35.91 -16.69
C ILE A 610 -39.44 36.90 -16.03
N ASN A 611 -40.41 37.40 -16.78
CA ASN A 611 -41.35 38.39 -16.27
C ASN A 611 -40.70 39.61 -15.55
N GLY A 612 -39.55 40.06 -16.06
CA GLY A 612 -38.83 41.20 -15.53
C GLY A 612 -37.94 40.88 -14.33
N ARG A 613 -37.80 39.60 -13.99
CA ARG A 613 -36.92 39.16 -12.95
C ARG A 613 -35.78 38.31 -13.53
N LYS A 614 -34.54 38.61 -13.20
CA LYS A 614 -33.43 37.75 -13.58
C LYS A 614 -33.70 36.33 -13.11
N GLY A 615 -33.45 35.35 -14.00
CA GLY A 615 -33.74 33.94 -13.74
C GLY A 615 -32.61 33.26 -13.01
N ASN A 616 -32.84 32.04 -12.56
CA ASN A 616 -31.93 31.29 -11.70
C ASN A 616 -31.37 30.04 -12.35
N SER A 617 -31.65 29.82 -13.64
CA SER A 617 -31.22 28.62 -14.34
C SER A 617 -30.24 29.02 -15.42
N LEU A 618 -29.08 28.39 -15.47
CA LEU A 618 -28.11 28.75 -16.49
C LEU A 618 -28.64 28.25 -17.84
N ARG A 619 -28.58 29.11 -18.86
CA ARG A 619 -28.92 28.73 -20.20
C ARG A 619 -27.70 28.72 -21.13
N LEU A 620 -27.68 27.76 -22.06
CA LEU A 620 -26.71 27.67 -23.15
C LEU A 620 -27.38 28.07 -24.46
N ASP A 621 -27.00 29.25 -24.98
CA ASP A 621 -27.63 29.87 -26.17
C ASP A 621 -29.13 29.94 -26.04
N GLY A 622 -29.57 30.35 -24.86
CA GLY A 622 -30.98 30.51 -24.55
C GLY A 622 -31.68 29.28 -24.04
N GLU A 623 -31.09 28.09 -24.16
CA GLU A 623 -31.81 26.87 -23.74
C GLU A 623 -31.38 26.53 -22.34
N VAL A 624 -32.37 26.22 -21.52
CA VAL A 624 -32.10 25.80 -20.16
C VAL A 624 -31.26 24.54 -20.12
N ILE A 625 -30.15 24.59 -19.40
CA ILE A 625 -29.24 23.45 -19.26
C ILE A 625 -29.87 22.55 -18.23
N LYS A 626 -29.74 21.26 -18.43
CA LYS A 626 -30.38 20.26 -17.60
C LYS A 626 -29.31 19.44 -16.92
N VAL A 627 -29.43 19.16 -15.62
CA VAL A 627 -28.41 18.38 -14.90
C VAL A 627 -29.09 17.29 -14.14
N ASN A 628 -28.35 16.21 -13.93
CA ASN A 628 -28.85 15.11 -13.23
C ASN A 628 -28.77 15.22 -11.73
N MSE A 629 -29.87 14.79 -11.09
CA MSE A 629 -29.99 14.79 -9.65
C MSE A 629 -30.66 13.55 -9.23
O MSE A 629 -31.32 12.86 -10.02
CB MSE A 629 -30.81 16.00 -9.20
CG MSE A 629 -30.49 17.29 -9.97
SE MSE A 629 -31.42 18.76 -9.05
CE MSE A 629 -30.46 20.36 -9.69
N LEU A 630 -30.49 13.23 -7.96
CA LEU A 630 -31.30 12.23 -7.29
C LEU A 630 -32.02 12.86 -6.11
N ARG A 631 -33.14 12.25 -5.74
CA ARG A 631 -33.84 12.66 -4.55
C ARG A 631 -33.18 11.94 -3.42
N VAL A 632 -32.91 12.66 -2.34
CA VAL A 632 -32.46 11.99 -1.10
C VAL A 632 -33.44 12.33 0.04
N GLY A 633 -34.54 11.59 0.10
CA GLY A 633 -35.54 11.79 1.14
C GLY A 633 -36.34 13.03 1.00
N PHE A 634 -37.08 13.32 2.06
CA PHE A 634 -38.01 14.43 2.07
C PHE A 634 -37.80 15.32 3.31
N GLU A 635 -38.10 16.61 3.19
CA GLU A 635 -38.15 17.47 4.38
C GLU A 635 -39.38 17.15 5.29
N ASP A 636 -39.41 17.74 6.49
CA ASP A 636 -40.52 17.60 7.49
C ASP A 636 -41.94 17.79 6.89
N ASP A 637 -42.09 18.82 6.05
CA ASP A 637 -43.33 19.10 5.33
C ASP A 637 -43.56 18.30 4.04
N GLY A 638 -42.75 17.28 3.78
CA GLY A 638 -42.84 16.50 2.53
C GLY A 638 -42.28 17.09 1.24
N ALA A 639 -41.57 18.21 1.28
CA ALA A 639 -40.84 18.70 0.09
C ALA A 639 -39.68 17.75 -0.27
N TRP A 640 -39.45 17.63 -1.56
CA TRP A 640 -38.39 16.76 -2.07
C TRP A 640 -37.01 17.31 -1.80
N ARG A 641 -36.07 16.48 -1.35
CA ARG A 641 -34.69 16.94 -1.32
C ARG A 641 -33.94 16.51 -2.56
N LEU A 642 -33.58 17.43 -3.42
CA LEU A 642 -32.84 17.05 -4.65
C LEU A 642 -31.34 17.38 -4.56
N LEU A 643 -30.47 16.46 -5.00
CA LEU A 643 -29.02 16.64 -4.93
C LEU A 643 -28.35 16.35 -6.23
N SER A 644 -27.65 17.34 -6.77
CA SER A 644 -26.86 17.17 -7.99
C SER A 644 -25.87 16.03 -7.89
N LEU A 645 -25.98 15.10 -8.84
CA LEU A 645 -24.96 14.10 -9.07
C LEU A 645 -23.73 14.77 -9.67
N ARG A 646 -22.55 14.18 -9.50
CA ARG A 646 -21.41 14.69 -10.25
C ARG A 646 -21.70 14.57 -11.75
N PRO A 647 -21.25 15.54 -12.57
CA PRO A 647 -21.44 15.37 -14.01
C PRO A 647 -20.60 14.23 -14.65
N ASP A 648 -19.64 13.66 -13.95
CA ASP A 648 -19.00 12.43 -14.44
C ASP A 648 -19.50 11.10 -13.80
N PHE A 649 -20.64 11.14 -13.13
CA PHE A 649 -21.23 9.92 -12.55
C PHE A 649 -22.21 9.30 -13.54
N SER A 650 -22.18 8.00 -13.66
CA SER A 650 -23.22 7.25 -14.35
C SER A 650 -23.49 6.06 -13.47
N PRO A 651 -24.75 5.61 -13.39
CA PRO A 651 -24.96 4.45 -12.55
C PRO A 651 -24.06 3.30 -12.95
N ALA A 652 -23.59 2.61 -11.93
CA ALA A 652 -22.91 1.36 -12.05
C ALA A 652 -23.73 0.44 -12.88
N ALA A 653 -23.09 -0.45 -13.62
CA ALA A 653 -23.76 -1.51 -14.35
C ALA A 653 -23.97 -2.61 -13.40
N LYS A 654 -25.20 -3.09 -13.26
CA LYS A 654 -25.47 -4.16 -12.31
C LYS A 654 -25.90 -5.38 -13.03
N VAL A 655 -25.49 -6.56 -12.53
CA VAL A 655 -26.03 -7.81 -13.00
C VAL A 655 -26.54 -8.54 -11.78
N GLN A 656 -27.85 -8.74 -11.77
CA GLN A 656 -28.53 -9.30 -10.61
C GLN A 656 -27.96 -10.69 -10.31
N THR A 657 -27.61 -10.96 -9.05
CA THR A 657 -27.10 -12.26 -8.60
C THR A 657 -28.07 -13.03 -7.74
N GLU A 658 -29.07 -12.35 -7.18
CA GLU A 658 -30.00 -12.95 -6.24
C GLU A 658 -31.30 -12.16 -6.29
N ASP A 659 -32.40 -12.75 -5.84
CA ASP A 659 -33.63 -11.97 -5.61
C ASP A 659 -34.43 -12.39 -4.43
N ASP A 660 -34.75 -13.68 -4.31
CA ASP A 660 -35.67 -14.09 -3.25
C ASP A 660 -35.29 -15.42 -2.67
N ILE A 661 -34.98 -16.38 -3.51
CA ILE A 661 -34.60 -17.67 -3.01
C ILE A 661 -33.16 -17.83 -3.44
N THR A 662 -32.28 -18.00 -2.46
CA THR A 662 -30.84 -18.00 -2.69
C THR A 662 -30.15 -19.19 -2.04
N SER A 663 -29.20 -19.76 -2.77
CA SER A 663 -28.34 -20.85 -2.29
C SER A 663 -26.97 -20.27 -2.23
N SER A 664 -26.30 -20.57 -1.13
CA SER A 664 -25.01 -20.01 -0.88
C SER A 664 -24.10 -21.03 -0.20
N ILE A 665 -22.79 -20.93 -0.49
CA ILE A 665 -21.79 -21.82 0.09
C ILE A 665 -20.67 -20.93 0.55
N VAL A 666 -20.02 -21.28 1.65
CA VAL A 666 -18.77 -20.61 2.07
C VAL A 666 -17.55 -21.46 1.76
N ALA A 667 -16.65 -20.94 0.93
CA ALA A 667 -15.33 -21.60 0.58
C ALA A 667 -14.17 -20.97 1.29
N PRO A 668 -13.17 -21.77 1.69
CA PRO A 668 -11.94 -21.14 2.23
C PRO A 668 -11.13 -20.31 1.25
N GLY A 669 -10.33 -19.42 1.78
CA GLY A 669 -9.40 -18.62 0.96
C GLY A 669 -8.19 -19.42 0.46
N GLY A 670 -7.50 -18.84 -0.53
CA GLY A 670 -6.35 -19.47 -1.16
C GLY A 670 -6.64 -20.60 -2.16
N LEU A 671 -7.90 -20.80 -2.58
CA LEU A 671 -8.26 -21.79 -3.59
C LEU A 671 -8.32 -21.11 -4.94
N GLU A 672 -8.52 -21.91 -5.99
CA GLU A 672 -8.76 -21.46 -7.36
C GLU A 672 -9.74 -20.31 -7.47
N SER A 673 -10.91 -20.46 -6.84
CA SER A 673 -11.97 -19.45 -6.91
C SER A 673 -11.89 -18.38 -5.82
N THR A 674 -10.98 -18.54 -4.85
CA THR A 674 -10.68 -17.51 -3.83
C THR A 674 -9.16 -17.07 -3.79
N ALA A 675 -8.54 -16.97 -4.96
CA ALA A 675 -7.06 -16.82 -5.09
C ALA A 675 -6.47 -15.66 -4.31
N GLY A 676 -7.23 -14.55 -4.19
CA GLY A 676 -6.77 -13.34 -3.49
C GLY A 676 -7.33 -13.07 -2.09
N SER A 677 -7.69 -14.10 -1.33
CA SER A 677 -8.31 -13.93 -0.02
C SER A 677 -7.74 -14.86 1.04
N SER A 678 -7.34 -14.30 2.18
CA SER A 678 -6.96 -15.04 3.39
C SER A 678 -8.15 -15.59 4.18
N VAL A 679 -9.34 -15.02 3.97
CA VAL A 679 -10.52 -15.36 4.75
C VAL A 679 -11.40 -16.15 3.78
N SER A 680 -12.34 -16.91 4.34
CA SER A 680 -13.36 -17.54 3.54
C SER A 680 -14.13 -16.51 2.70
N ARG A 681 -14.73 -17.02 1.62
CA ARG A 681 -15.58 -16.23 0.76
C ARG A 681 -16.91 -16.97 0.51
N LYS A 682 -17.94 -16.19 0.28
CA LYS A 682 -19.30 -16.65 0.07
C LYS A 682 -19.67 -16.54 -1.39
N PHE A 683 -20.22 -17.62 -1.93
CA PHE A 683 -20.71 -17.62 -3.30
C PHE A 683 -22.22 -17.95 -3.33
N VAL A 684 -22.92 -17.39 -4.31
CA VAL A 684 -24.34 -17.53 -4.42
C VAL A 684 -24.83 -17.89 -5.80
N THR A 685 -26.05 -18.45 -5.81
CA THR A 685 -26.79 -18.77 -7.02
C THR A 685 -28.26 -18.55 -6.73
N ASN A 686 -28.96 -17.99 -7.71
CA ASN A 686 -30.36 -17.73 -7.60
C ASN A 686 -31.08 -19.01 -8.04
N CYS A 687 -31.94 -19.52 -7.16
CA CYS A 687 -32.59 -20.80 -7.41
C CYS A 687 -33.69 -20.67 -8.43
N GLU A 688 -34.21 -19.45 -8.62
CA GLU A 688 -35.34 -19.23 -9.52
C GLU A 688 -34.94 -18.69 -10.90
N SER A 689 -35.53 -19.20 -11.99
CA SER A 689 -35.30 -18.63 -13.35
C SER A 689 -36.32 -17.59 -13.72
N LEU A 690 -37.43 -17.56 -13.00
CA LEU A 690 -38.44 -16.49 -13.11
C LEU A 690 -38.78 -15.91 -11.72
N LEU A 691 -39.09 -14.62 -11.66
CA LEU A 691 -39.31 -13.93 -10.35
C LEU A 691 -40.77 -13.45 -10.21
N PHE A 692 -41.41 -13.86 -9.12
CA PHE A 692 -42.80 -13.55 -8.88
C PHE A 692 -42.96 -12.09 -8.35
N GLN A 693 -43.14 -11.13 -9.26
CA GLN A 693 -43.16 -9.74 -8.91
C GLN A 693 -44.55 -9.26 -8.55
N ARG A 694 -44.59 -8.24 -7.69
CA ARG A 694 -45.78 -7.54 -7.31
C ARG A 694 -45.59 -6.08 -7.67
N PRO A 695 -46.02 -5.67 -8.86
CA PRO A 695 -45.82 -4.29 -9.27
C PRO A 695 -46.84 -3.36 -8.61
N ASP A 696 -46.55 -3.00 -7.34
CA ASP A 696 -47.37 -2.08 -6.56
C ASP A 696 -47.54 -0.75 -7.23
N ASP A 697 -46.50 -0.30 -7.89
CA ASP A 697 -46.47 1.01 -8.54
C ASP A 697 -47.15 1.08 -9.90
N ALA A 698 -47.35 -0.04 -10.57
CA ALA A 698 -47.80 0.00 -11.96
C ALA A 698 -49.27 0.30 -12.13
N ILE A 699 -50.05 0.20 -11.04
CA ILE A 699 -51.44 0.73 -10.98
C ILE A 699 -51.57 2.16 -11.51
N VAL A 700 -50.55 2.99 -11.31
CA VAL A 700 -50.50 4.36 -11.84
C VAL A 700 -49.85 4.35 -13.23
N ARG A 701 -50.57 4.89 -14.19
CA ARG A 701 -50.21 4.75 -15.58
C ARG A 701 -48.93 5.51 -15.89
N GLY A 702 -48.04 4.87 -16.62
CA GLY A 702 -46.78 5.47 -17.08
C GLY A 702 -45.62 5.43 -16.11
N TYR A 703 -45.85 5.01 -14.88
CA TYR A 703 -44.92 5.19 -13.79
C TYR A 703 -43.88 4.07 -13.74
N ASP A 704 -44.31 2.81 -13.92
CA ASP A 704 -43.42 1.66 -13.84
C ASP A 704 -43.13 1.21 -15.27
N LYS A 705 -42.01 1.67 -15.81
CA LYS A 705 -41.68 1.42 -17.23
C LYS A 705 -41.33 -0.01 -17.47
N GLN A 706 -40.70 -0.62 -16.48
CA GLN A 706 -40.24 -1.99 -16.65
C GLN A 706 -41.38 -2.99 -16.65
N THR A 707 -42.23 -2.93 -15.61
CA THR A 707 -43.47 -3.70 -15.61
C THR A 707 -44.30 -3.52 -16.87
N GLU A 708 -44.53 -2.30 -17.34
CA GLU A 708 -45.42 -2.09 -18.50
C GLU A 708 -44.84 -2.71 -19.76
N ARG A 709 -43.51 -2.67 -19.88
CA ARG A 709 -42.80 -3.33 -21.00
C ARG A 709 -42.94 -4.85 -20.92
N ASP A 710 -42.66 -5.40 -19.75
CA ASP A 710 -42.73 -6.84 -19.55
C ASP A 710 -44.13 -7.35 -19.81
N MSE A 711 -45.13 -6.65 -19.29
CA MSE A 711 -46.49 -7.15 -19.43
C MSE A 711 -47.16 -6.89 -20.72
O MSE A 711 -48.28 -7.38 -20.96
CB MSE A 711 -47.36 -6.68 -18.26
CG MSE A 711 -47.32 -7.90 -17.36
SE MSE A 711 -48.35 -7.58 -15.77
CE MSE A 711 -50.15 -7.24 -16.53
N SER A 712 -46.49 -6.15 -21.60
CA SER A 712 -46.90 -6.04 -22.98
C SER A 712 -46.20 -7.06 -23.91
N GLY A 713 -45.34 -7.91 -23.37
CA GLY A 713 -44.67 -8.98 -24.10
C GLY A 713 -45.58 -10.19 -24.25
N THR A 714 -44.96 -11.36 -24.44
CA THR A 714 -45.74 -12.59 -24.63
C THR A 714 -45.14 -13.68 -23.79
N GLY A 715 -45.94 -14.72 -23.58
CA GLY A 715 -45.44 -15.93 -22.94
C GLY A 715 -45.41 -15.89 -21.41
N LEU A 716 -46.04 -14.89 -20.77
CA LEU A 716 -46.01 -14.72 -19.32
C LEU A 716 -47.09 -15.45 -18.53
N PHE A 717 -46.75 -15.83 -17.30
CA PHE A 717 -47.69 -16.30 -16.30
C PHE A 717 -48.10 -15.10 -15.49
N ILE A 718 -49.41 -14.85 -15.38
CA ILE A 718 -49.95 -13.59 -14.80
C ILE A 718 -51.00 -14.00 -13.82
N SER A 719 -51.09 -13.30 -12.71
CA SER A 719 -52.09 -13.61 -11.70
C SER A 719 -52.64 -12.34 -11.09
N ASN A 720 -53.87 -12.40 -10.64
CA ASN A 720 -54.55 -11.25 -9.98
C ASN A 720 -54.67 -10.00 -10.80
N TYR A 721 -54.96 -10.19 -12.07
CA TYR A 721 -55.34 -9.10 -12.93
C TYR A 721 -56.78 -9.31 -13.42
N GLN A 722 -57.38 -8.25 -13.90
CA GLN A 722 -58.74 -8.24 -14.35
C GLN A 722 -58.72 -8.64 -15.83
N PRO A 723 -59.50 -9.67 -16.18
CA PRO A 723 -59.55 -10.16 -17.59
C PRO A 723 -60.33 -9.17 -18.42
N LEU A 724 -59.70 -8.61 -19.42
CA LEU A 724 -60.33 -7.58 -20.23
C LEU A 724 -60.58 -8.10 -21.64
N THR A 725 -61.48 -7.42 -22.33
CA THR A 725 -61.98 -7.84 -23.64
C THR A 725 -61.63 -6.74 -24.62
N PRO A 726 -61.70 -7.03 -25.94
CA PRO A 726 -61.50 -6.00 -26.95
C PRO A 726 -62.44 -4.81 -26.83
N ALA A 727 -63.66 -5.02 -26.30
CA ALA A 727 -64.58 -3.90 -26.06
C ALA A 727 -63.99 -2.92 -25.04
N ASP A 728 -63.46 -3.48 -23.96
CA ASP A 728 -62.76 -2.68 -22.95
C ASP A 728 -61.56 -1.93 -23.54
N ALA A 729 -60.82 -2.57 -24.45
CA ALA A 729 -59.74 -1.90 -25.15
C ALA A 729 -60.25 -0.74 -26.03
N ARG A 730 -61.38 -0.94 -26.71
CA ARG A 730 -61.89 0.10 -27.59
C ARG A 730 -62.32 1.31 -26.80
N ALA A 731 -62.93 1.06 -25.66
CA ALA A 731 -63.27 2.09 -24.69
C ALA A 731 -62.04 2.86 -24.22
N MSE A 732 -60.96 2.16 -23.90
CA MSE A 732 -59.75 2.80 -23.40
C MSE A 732 -59.01 3.57 -24.48
O MSE A 732 -58.35 4.54 -24.17
CB MSE A 732 -58.81 1.76 -22.80
CG MSE A 732 -59.31 1.30 -21.45
SE MSE A 732 -58.19 -0.21 -20.82
CE MSE A 732 -59.70 -1.05 -19.85
N VAL A 733 -59.09 3.11 -25.74
CA VAL A 733 -58.53 3.86 -26.86
C VAL A 733 -59.24 5.20 -27.05
N ALA A 734 -60.57 5.16 -26.94
CA ALA A 734 -61.42 6.31 -27.12
C ALA A 734 -61.26 7.36 -26.02
N ASP A 735 -60.94 6.92 -24.82
CA ASP A 735 -60.39 7.78 -23.76
C ASP A 735 -58.93 8.11 -24.14
N ALA A 736 -58.75 9.08 -25.03
CA ALA A 736 -57.43 9.45 -25.51
C ALA A 736 -56.53 10.04 -24.43
N PRO A 737 -57.08 10.85 -23.51
CA PRO A 737 -56.24 11.29 -22.35
C PRO A 737 -55.67 10.17 -21.51
N GLY A 738 -56.55 9.28 -21.03
CA GLY A 738 -56.14 8.05 -20.31
C GLY A 738 -55.15 7.18 -21.09
N LEU A 739 -55.41 6.94 -22.37
CA LEU A 739 -54.45 6.17 -23.19
C LEU A 739 -53.03 6.78 -23.25
N SER A 740 -52.98 8.10 -23.38
CA SER A 740 -51.72 8.80 -23.54
C SER A 740 -50.82 8.71 -22.27
N ARG A 741 -51.39 8.37 -21.10
CA ARG A 741 -50.60 8.18 -19.87
C ARG A 741 -49.85 6.86 -19.77
N PHE A 742 -50.19 5.88 -20.59
CA PHE A 742 -49.40 4.64 -20.61
C PHE A 742 -48.06 4.93 -21.28
N THR A 743 -47.01 4.20 -20.91
CA THR A 743 -45.81 4.06 -21.75
C THR A 743 -46.23 3.39 -23.07
N GLU A 744 -45.42 3.59 -24.11
CA GLU A 744 -45.72 3.16 -25.48
C GLU A 744 -45.97 1.66 -25.66
N PRO A 745 -45.10 0.79 -25.13
CA PRO A 745 -45.39 -0.65 -25.10
C PRO A 745 -46.81 -1.03 -24.63
N MSE A 746 -47.33 -0.38 -23.59
CA MSE A 746 -48.64 -0.74 -23.08
C MSE A 746 -49.72 -0.20 -23.94
O MSE A 746 -50.80 -0.80 -23.99
CB MSE A 746 -48.74 -0.28 -21.62
CG MSE A 746 -50.06 -0.46 -20.90
SE MSE A 746 -50.64 -2.34 -20.75
CE MSE A 746 -49.08 -3.33 -20.11
N GLN A 747 -49.49 0.91 -24.65
CA GLN A 747 -50.41 1.46 -25.63
C GLN A 747 -50.55 0.55 -26.85
N GLU A 748 -49.44 -0.02 -27.31
CA GLU A 748 -49.47 -0.92 -28.46
C GLU A 748 -50.32 -2.09 -28.08
N LEU A 749 -50.13 -2.60 -26.84
CA LEU A 749 -50.96 -3.70 -26.31
C LEU A 749 -52.45 -3.33 -26.26
N VAL A 750 -52.78 -2.13 -25.81
CA VAL A 750 -54.17 -1.72 -25.80
C VAL A 750 -54.70 -1.66 -27.25
N ARG A 751 -53.91 -1.12 -28.17
CA ARG A 751 -54.32 -1.09 -29.57
C ARG A 751 -54.45 -2.47 -30.23
N ARG A 752 -53.56 -3.43 -29.93
CA ARG A 752 -53.74 -4.79 -30.50
C ARG A 752 -55.10 -5.37 -30.11
N ALA A 753 -55.44 -5.25 -28.83
CA ALA A 753 -56.71 -5.75 -28.33
C ALA A 753 -57.92 -5.04 -28.88
N ALA A 754 -57.79 -3.73 -29.13
CA ALA A 754 -58.87 -2.94 -29.76
C ALA A 754 -59.14 -3.36 -31.21
N ALA A 755 -58.08 -3.78 -31.89
CA ALA A 755 -58.11 -4.21 -33.29
C ALA A 755 -58.68 -5.64 -33.53
N ILE A 756 -59.20 -6.30 -32.50
CA ILE A 756 -59.64 -7.68 -32.63
C ILE A 756 -61.16 -7.71 -32.81
N PRO A 757 -61.63 -8.23 -33.97
CA PRO A 757 -63.08 -8.33 -34.18
C PRO A 757 -63.73 -9.23 -33.13
N GLU A 758 -64.98 -8.95 -32.78
CA GLU A 758 -65.62 -9.66 -31.66
C GLU A 758 -66.03 -11.13 -31.90
N ALA A 759 -66.38 -11.77 -30.78
CA ALA A 759 -67.02 -13.11 -30.64
C ALA A 759 -67.83 -13.56 -31.85
N PRO A 762 -67.54 -16.85 -28.71
CA PRO A 762 -68.11 -16.94 -27.35
C PRO A 762 -67.08 -17.57 -26.37
N ARG A 763 -67.04 -18.88 -26.27
CA ARG A 763 -65.89 -19.60 -25.74
C ARG A 763 -64.58 -19.42 -26.57
N GLU A 764 -64.55 -18.51 -27.53
CA GLU A 764 -63.28 -18.12 -28.15
C GLU A 764 -63.04 -16.60 -28.14
N GLU A 765 -63.66 -15.94 -27.17
CA GLU A 765 -63.34 -14.56 -26.84
C GLU A 765 -61.82 -14.40 -26.65
N THR A 766 -61.32 -13.20 -26.98
CA THR A 766 -59.93 -12.87 -26.70
C THR A 766 -59.84 -12.08 -25.39
N TYR A 767 -58.84 -12.41 -24.59
CA TYR A 767 -58.65 -11.72 -23.34
C TYR A 767 -57.29 -11.05 -23.33
N TRP A 768 -57.22 -10.01 -22.52
CA TRP A 768 -55.94 -9.35 -22.26
C TRP A 768 -55.97 -8.76 -20.85
N THR A 769 -54.81 -8.28 -20.40
CA THR A 769 -54.63 -7.65 -19.10
C THR A 769 -53.94 -6.33 -19.22
N SER A 770 -54.29 -5.43 -18.31
CA SER A 770 -53.60 -4.10 -18.21
C SER A 770 -52.97 -3.86 -16.84
N THR A 771 -51.74 -3.33 -16.83
CA THR A 771 -51.08 -2.91 -15.55
C THR A 771 -51.97 -1.98 -14.70
N ALA A 772 -52.84 -1.20 -15.33
CA ALA A 772 -53.74 -0.31 -14.58
C ALA A 772 -54.99 -0.99 -13.96
N ASN A 773 -55.12 -2.32 -14.11
CA ASN A 773 -56.39 -3.02 -13.84
C ASN A 773 -56.19 -4.32 -13.12
N PRO A 774 -55.67 -4.25 -11.89
CA PRO A 774 -55.63 -5.46 -11.11
C PRO A 774 -57.03 -6.02 -10.81
N ARG A 775 -57.05 -7.31 -10.48
CA ARG A 775 -58.28 -8.04 -10.23
C ARG A 775 -59.09 -7.37 -9.13
N LEU A 776 -60.40 -7.27 -9.32
CA LEU A 776 -61.29 -6.70 -8.32
C LEU A 776 -61.61 -7.76 -7.28
N VAL A 777 -61.30 -7.48 -6.01
CA VAL A 777 -61.73 -8.31 -4.87
C VAL A 777 -62.52 -7.45 -3.92
N GLY A 778 -63.79 -7.83 -3.70
CA GLY A 778 -64.77 -7.02 -2.98
C GLY A 778 -64.98 -5.68 -3.68
N GLY A 779 -65.13 -5.70 -5.00
CA GLY A 779 -65.26 -4.46 -5.78
C GLY A 779 -64.19 -3.36 -5.59
N ALA A 780 -63.01 -3.69 -5.03
CA ALA A 780 -61.83 -2.81 -5.02
C ALA A 780 -60.62 -3.53 -5.65
N PRO A 781 -59.74 -2.78 -6.32
CA PRO A 781 -58.59 -3.45 -6.93
C PRO A 781 -57.70 -4.08 -5.92
N THR A 782 -57.33 -5.33 -6.14
CA THR A 782 -56.40 -6.06 -5.25
C THR A 782 -55.08 -5.33 -5.10
N ARG A 783 -54.46 -5.56 -3.98
CA ARG A 783 -53.18 -4.99 -3.73
C ARG A 783 -52.05 -6.03 -3.91
N ASN A 784 -52.41 -7.23 -4.43
CA ASN A 784 -51.46 -8.28 -4.76
C ASN A 784 -51.53 -8.72 -6.25
N PRO A 785 -51.44 -7.77 -7.18
CA PRO A 785 -51.22 -8.14 -8.56
C PRO A 785 -49.89 -8.82 -8.78
N ARG A 786 -49.79 -9.75 -9.72
CA ARG A 786 -48.57 -10.58 -9.85
C ARG A 786 -48.27 -11.01 -11.27
N TYR A 787 -46.99 -11.14 -11.55
CA TYR A 787 -46.54 -11.82 -12.75
C TYR A 787 -45.15 -12.44 -12.57
N LEU A 788 -44.89 -13.50 -13.32
CA LEU A 788 -43.58 -14.12 -13.30
C LEU A 788 -42.73 -13.40 -14.36
N GLN A 789 -41.72 -12.64 -13.88
CA GLN A 789 -40.81 -11.88 -14.72
C GLN A 789 -39.62 -12.74 -15.06
N VAL A 790 -39.15 -12.61 -16.29
CA VAL A 790 -37.94 -13.32 -16.70
C VAL A 790 -36.76 -12.65 -16.00
N ARG A 791 -35.98 -13.45 -15.31
CA ARG A 791 -34.83 -12.99 -14.59
C ARG A 791 -33.98 -12.11 -15.52
N PRO A 792 -33.61 -10.91 -15.07
CA PRO A 792 -33.06 -9.95 -16.02
C PRO A 792 -31.66 -10.30 -16.57
N ASP A 793 -30.94 -11.21 -15.92
CA ASP A 793 -29.71 -11.70 -16.51
C ASP A 793 -29.96 -12.70 -17.63
N ILE A 794 -31.08 -13.43 -17.58
CA ILE A 794 -31.50 -14.30 -18.67
C ILE A 794 -32.12 -13.50 -19.83
N ALA A 795 -32.90 -12.49 -19.51
CA ALA A 795 -33.47 -11.63 -20.54
C ALA A 795 -32.39 -10.84 -21.28
N ASN A 796 -31.40 -10.29 -20.56
CA ASN A 796 -30.31 -9.49 -21.17
C ASN A 796 -28.97 -10.19 -21.11
N PRO A 797 -28.80 -11.25 -21.90
CA PRO A 797 -27.57 -12.03 -21.77
C PRO A 797 -26.27 -11.32 -22.26
N ARG A 798 -26.38 -10.34 -23.15
CA ARG A 798 -25.22 -9.52 -23.51
C ARG A 798 -24.55 -8.83 -22.29
N ASP A 799 -25.35 -8.44 -21.29
CA ASP A 799 -24.84 -7.79 -20.08
C ASP A 799 -24.04 -8.77 -19.27
N VAL A 800 -24.51 -9.99 -19.18
CA VAL A 800 -23.72 -11.04 -18.53
C VAL A 800 -22.41 -11.26 -19.27
N ALA A 801 -22.50 -11.43 -20.59
CA ALA A 801 -21.35 -11.73 -21.43
C ALA A 801 -20.24 -10.67 -21.32
N LEU A 802 -20.66 -9.41 -21.29
CA LEU A 802 -19.75 -8.28 -21.13
C LEU A 802 -19.11 -8.22 -19.77
N ALA A 803 -19.89 -8.46 -18.72
CA ALA A 803 -19.32 -8.57 -17.36
C ALA A 803 -18.24 -9.65 -17.25
N ASP A 804 -18.54 -10.82 -17.78
CA ASP A 804 -17.62 -11.95 -17.76
C ASP A 804 -16.33 -11.56 -18.49
N LEU A 805 -16.49 -10.99 -19.67
CA LEU A 805 -15.38 -10.61 -20.46
C LEU A 805 -14.54 -9.56 -19.72
N SER A 806 -15.16 -8.52 -19.15
CA SER A 806 -14.34 -7.57 -18.36
C SER A 806 -13.58 -8.21 -17.21
N ILE A 807 -14.18 -9.21 -16.57
CA ILE A 807 -13.55 -9.86 -15.40
C ILE A 807 -12.34 -10.68 -15.81
N HIS A 808 -12.52 -11.54 -16.79
CA HIS A 808 -11.41 -12.31 -17.35
C HIS A 808 -10.21 -11.41 -17.69
N LEU A 809 -10.42 -10.37 -18.47
CA LEU A 809 -9.35 -9.48 -18.82
C LEU A 809 -8.72 -8.78 -17.63
N TYR A 810 -9.53 -8.42 -16.66
CA TYR A 810 -9.05 -7.73 -15.45
C TYR A 810 -8.17 -8.66 -14.64
N ARG A 811 -8.52 -9.94 -14.61
CA ARG A 811 -7.73 -10.98 -13.96
C ARG A 811 -6.59 -11.57 -14.82
N ASP A 812 -6.49 -11.18 -16.10
CA ASP A 812 -5.59 -11.82 -17.03
C ASP A 812 -5.73 -13.35 -17.03
N ALA A 813 -6.97 -13.83 -16.98
CA ALA A 813 -7.28 -15.25 -16.98
C ALA A 813 -7.87 -15.55 -18.35
N PRO A 814 -7.70 -16.78 -18.85
CA PRO A 814 -8.27 -17.06 -20.17
C PRO A 814 -9.78 -17.18 -20.10
N LEU A 815 -10.44 -16.96 -21.23
CA LEU A 815 -11.91 -17.07 -21.37
C LEU A 815 -12.42 -18.51 -21.25
N ALA A 816 -11.56 -19.47 -21.51
CA ALA A 816 -11.86 -20.88 -21.32
C ALA A 816 -12.07 -21.20 -19.84
N ALA A 817 -11.32 -20.53 -18.97
CA ALA A 817 -11.44 -20.70 -17.52
C ALA A 817 -12.74 -20.08 -16.96
N PRO A 818 -13.43 -20.78 -16.06
CA PRO A 818 -14.51 -20.05 -15.39
C PRO A 818 -13.88 -18.99 -14.48
N ALA A 819 -14.60 -17.89 -14.29
CA ALA A 819 -14.16 -16.80 -13.43
C ALA A 819 -15.32 -16.45 -12.50
N ARG A 820 -15.48 -17.25 -11.46
CA ARG A 820 -16.55 -17.03 -10.52
C ARG A 820 -16.27 -15.80 -9.67
N HIS A 821 -17.35 -15.17 -9.22
CA HIS A 821 -17.26 -14.07 -8.28
C HIS A 821 -18.00 -14.40 -7.01
N GLY A 822 -17.40 -14.00 -5.89
CA GLY A 822 -17.94 -14.20 -4.58
C GLY A 822 -18.46 -12.89 -4.05
N VAL A 823 -18.97 -12.92 -2.83
CA VAL A 823 -19.61 -11.75 -2.26
C VAL A 823 -18.52 -10.84 -1.67
N ASP A 824 -18.55 -9.54 -2.00
CA ASP A 824 -17.66 -8.53 -1.43
C ASP A 824 -18.20 -7.74 -0.22
N VAL A 825 -19.44 -7.29 -0.26
CA VAL A 825 -20.08 -6.52 0.83
C VAL A 825 -21.51 -7.03 1.16
N VAL A 826 -21.79 -7.21 2.43
CA VAL A 826 -23.11 -7.51 2.92
C VAL A 826 -23.77 -6.25 3.49
N ALA A 827 -24.86 -5.82 2.86
CA ALA A 827 -25.59 -4.65 3.32
C ALA A 827 -27.09 -4.95 3.41
N ALA A 828 -27.51 -5.39 4.58
CA ALA A 828 -28.93 -5.70 4.85
C ALA A 828 -29.70 -4.42 4.96
N GLY A 829 -31.00 -4.51 4.90
CA GLY A 829 -31.83 -3.32 4.96
C GLY A 829 -32.83 -3.45 6.05
N ARG A 830 -33.28 -2.31 6.56
CA ARG A 830 -34.24 -2.25 7.62
C ARG A 830 -35.38 -1.35 7.23
N ARG A 831 -36.62 -1.80 7.45
CA ARG A 831 -37.80 -0.89 7.42
C ARG A 831 -37.89 -0.15 8.73
N ASN A 832 -37.79 1.17 8.70
CA ASN A 832 -37.90 2.00 9.90
C ASN A 832 -39.14 2.81 9.79
N ASN A 833 -39.78 3.06 10.93
CA ASN A 833 -41.01 3.86 10.96
C ASN A 833 -41.06 4.78 12.21
N PRO A 834 -41.74 5.92 12.09
CA PRO A 834 -42.07 6.70 13.23
C PRO A 834 -43.18 6.09 14.06
N PRO A 835 -43.28 6.49 15.34
CA PRO A 835 -44.38 5.96 16.13
C PRO A 835 -45.68 6.61 15.73
N GLU A 836 -46.76 5.96 16.13
CA GLU A 836 -48.11 6.35 15.81
C GLU A 836 -49.01 5.67 16.83
N PRO A 837 -50.25 6.13 16.96
CA PRO A 837 -51.23 5.32 17.71
C PRO A 837 -51.23 3.80 17.35
N GLY A 838 -50.86 2.95 18.30
CA GLY A 838 -50.72 1.51 18.06
C GLY A 838 -49.56 1.01 17.20
N VAL A 839 -48.58 1.88 16.92
CA VAL A 839 -47.38 1.53 16.12
C VAL A 839 -46.16 2.00 16.93
N PRO A 840 -45.29 1.08 17.33
CA PRO A 840 -44.15 1.49 18.13
C PRO A 840 -43.05 2.16 17.28
N ALA A 841 -42.32 3.08 17.91
CA ALA A 841 -41.17 3.76 17.33
C ALA A 841 -40.10 2.80 16.90
N LEU A 842 -39.65 2.93 15.67
CA LEU A 842 -38.49 2.18 15.19
C LEU A 842 -37.75 3.02 14.23
N CYS A 843 -37.18 4.09 14.73
CA CYS A 843 -36.57 5.04 13.84
C CYS A 843 -35.28 5.60 14.44
N ALA A 844 -34.50 4.76 15.11
CA ALA A 844 -33.22 5.19 15.67
C ALA A 844 -32.07 5.20 14.64
N TYR A 845 -32.28 4.63 13.47
CA TYR A 845 -31.15 4.38 12.58
C TYR A 845 -30.96 5.52 11.64
N ASN A 846 -29.70 5.85 11.36
CA ASN A 846 -29.34 6.83 10.34
C ASN A 846 -29.19 6.10 8.97
N PRO A 847 -28.76 6.79 7.92
CA PRO A 847 -28.68 6.10 6.62
C PRO A 847 -27.95 4.75 6.59
N LEU A 848 -26.89 4.62 7.38
CA LEU A 848 -25.97 3.53 7.28
C LEU A 848 -25.25 3.24 8.57
N HIS A 849 -25.57 2.09 9.15
CA HIS A 849 -24.90 1.58 10.34
C HIS A 849 -24.02 0.39 10.02
N TYR A 850 -22.97 0.23 10.80
CA TYR A 850 -22.13 -0.93 10.76
C TYR A 850 -22.35 -1.56 12.08
N MSE A 851 -22.40 -2.88 12.11
CA MSE A 851 -22.63 -3.59 13.33
C MSE A 851 -21.67 -4.70 13.46
O MSE A 851 -21.55 -5.50 12.56
CB MSE A 851 -23.98 -4.23 13.15
CG MSE A 851 -24.77 -3.84 14.37
SE MSE A 851 -26.68 -3.60 14.09
CE MSE A 851 -26.05 -1.83 13.52
N GLU A 852 -20.98 -4.76 14.59
CA GLU A 852 -20.15 -5.89 14.93
C GLU A 852 -21.07 -7.08 15.11
N LEU A 853 -20.50 -8.26 15.08
CA LEU A 853 -21.25 -9.51 14.94
C LEU A 853 -22.31 -9.82 16.00
N PRO A 854 -22.05 -9.56 17.28
CA PRO A 854 -23.08 -9.73 18.30
C PRO A 854 -24.33 -8.86 18.10
N GLU A 855 -24.13 -7.62 17.70
CA GLU A 855 -25.21 -6.70 17.57
C GLU A 855 -25.90 -7.05 16.29
N LEU A 856 -25.12 -7.43 15.28
CA LEU A 856 -25.68 -7.84 14.00
C LEU A 856 -26.69 -8.94 14.21
N PHE A 857 -26.36 -9.88 15.10
CA PHE A 857 -27.14 -11.08 15.24
C PHE A 857 -28.35 -10.92 16.12
N MSE A 858 -28.34 -9.86 16.92
CA MSE A 858 -29.53 -9.46 17.60
C MSE A 858 -30.52 -9.04 16.53
O MSE A 858 -31.70 -9.41 16.59
CB MSE A 858 -29.17 -8.40 18.62
CG MSE A 858 -28.57 -9.07 19.84
SE MSE A 858 -27.97 -7.61 21.04
CE MSE A 858 -28.17 -8.63 22.69
N GLU A 859 -30.05 -8.27 15.57
CA GLU A 859 -30.89 -7.78 14.50
C GLU A 859 -31.42 -8.95 13.65
N PHE A 860 -30.55 -9.87 13.27
CA PHE A 860 -30.93 -10.94 12.41
C PHE A 860 -31.88 -11.93 13.05
N ILE A 861 -31.67 -12.20 14.31
CA ILE A 861 -32.54 -13.11 15.07
C ILE A 861 -33.96 -12.52 15.20
N SER A 862 -34.04 -11.19 15.27
CA SER A 862 -35.27 -10.49 15.56
C SER A 862 -36.06 -10.10 14.34
N SER A 863 -35.37 -9.62 13.32
CA SER A 863 -35.94 -9.22 12.02
C SER A 863 -37.22 -8.47 12.26
N MSE A 864 -37.05 -7.35 12.91
CA MSE A 864 -38.09 -6.56 13.53
C MSE A 864 -38.75 -5.66 12.53
O MSE A 864 -38.07 -5.12 11.65
CB MSE A 864 -37.30 -5.65 14.46
CG MSE A 864 -37.89 -5.47 15.81
SE MSE A 864 -36.53 -4.31 16.65
CE MSE A 864 -35.43 -5.74 17.37
N THR A 865 -40.04 -5.44 12.71
CA THR A 865 -40.80 -4.51 11.87
C THR A 865 -41.91 -3.87 12.67
N GLY A 866 -42.32 -2.68 12.25
CA GLY A 866 -43.47 -2.04 12.87
C GLY A 866 -44.85 -2.64 12.54
N LYS A 867 -44.92 -3.41 11.46
CA LYS A 867 -46.09 -4.19 11.07
C LYS A 867 -46.31 -5.35 12.08
N SER A 868 -47.58 -5.58 12.46
CA SER A 868 -48.00 -6.62 13.45
C SER A 868 -47.23 -6.61 14.74
N PRO A 869 -47.30 -5.50 15.49
CA PRO A 869 -46.67 -5.55 16.81
C PRO A 869 -47.22 -6.61 17.76
N SER A 870 -46.33 -7.08 18.64
CA SER A 870 -46.66 -8.03 19.71
C SER A 870 -47.19 -7.27 20.95
N THR A 871 -47.43 -8.00 22.04
CA THR A 871 -47.89 -7.40 23.29
C THR A 871 -46.81 -6.55 23.96
N THR A 872 -45.55 -6.86 23.71
CA THR A 872 -44.45 -6.14 24.38
C THR A 872 -43.58 -5.26 23.50
N GLY A 873 -43.64 -5.45 22.20
CA GLY A 873 -42.76 -4.71 21.31
C GLY A 873 -43.26 -4.78 19.91
N ALA A 874 -42.34 -4.98 18.97
CA ALA A 874 -42.62 -4.87 17.55
C ALA A 874 -42.86 -6.25 16.91
N GLY A 875 -43.28 -6.26 15.66
CA GLY A 875 -43.41 -7.50 14.92
C GLY A 875 -42.04 -8.05 14.54
N SER A 876 -41.99 -9.34 14.26
CA SER A 876 -40.80 -10.04 13.93
C SER A 876 -41.14 -10.97 12.77
N GLU A 877 -40.32 -10.92 11.70
CA GLU A 877 -40.34 -11.96 10.65
C GLU A 877 -39.47 -13.19 10.99
N GLY A 878 -39.02 -13.31 12.23
CA GLY A 878 -38.20 -14.45 12.68
C GLY A 878 -36.79 -14.46 12.12
N ALA A 879 -36.02 -15.44 12.57
CA ALA A 879 -34.61 -15.53 12.25
C ALA A 879 -34.38 -15.37 10.78
N LEU A 880 -33.66 -14.32 10.39
CA LEU A 880 -33.26 -14.14 8.99
C LEU A 880 -34.40 -13.86 8.02
N THR A 881 -35.55 -13.46 8.56
CA THR A 881 -36.78 -13.21 7.79
C THR A 881 -37.38 -14.47 7.25
N LYS A 882 -37.05 -15.62 7.84
CA LYS A 882 -37.40 -16.93 7.28
C LYS A 882 -38.34 -17.75 8.12
N SER A 883 -38.89 -17.20 9.18
CA SER A 883 -39.86 -17.94 9.98
C SER A 883 -41.02 -18.58 9.13
N PRO A 884 -41.58 -17.86 8.19
CA PRO A 884 -42.60 -18.53 7.38
C PRO A 884 -42.11 -19.65 6.42
N PHE A 885 -40.81 -19.82 6.27
CA PHE A 885 -40.20 -20.66 5.29
C PHE A 885 -39.12 -21.55 5.89
N ASN A 886 -39.26 -21.91 7.14
CA ASN A 886 -38.28 -22.72 7.78
C ASN A 886 -39.04 -23.68 8.68
N ALA A 887 -38.97 -24.96 8.29
CA ALA A 887 -39.70 -26.02 8.97
C ALA A 887 -38.92 -26.56 10.14
N LEU A 888 -37.68 -26.08 10.32
CA LEU A 888 -36.74 -26.58 11.35
C LEU A 888 -36.39 -25.59 12.45
N PRO A 889 -35.85 -26.11 13.58
CA PRO A 889 -35.29 -25.21 14.62
C PRO A 889 -34.37 -24.12 14.02
N PRO A 890 -34.77 -22.84 14.17
CA PRO A 890 -34.08 -21.80 13.48
C PRO A 890 -32.61 -21.63 13.85
N VAL A 891 -32.22 -22.12 15.03
CA VAL A 891 -30.81 -22.18 15.40
C VAL A 891 -29.86 -22.88 14.44
N TYR A 892 -30.38 -23.83 13.66
CA TYR A 892 -29.51 -24.48 12.69
C TYR A 892 -29.11 -23.42 11.68
N ASP A 893 -30.09 -22.65 11.22
CA ASP A 893 -29.82 -21.52 10.32
C ASP A 893 -28.88 -20.51 10.91
N LEU A 894 -29.04 -20.26 12.21
CA LEU A 894 -28.29 -19.21 12.86
C LEU A 894 -26.85 -19.62 13.07
N ASN A 895 -26.64 -20.86 13.51
CA ASN A 895 -25.29 -21.34 13.64
C ASN A 895 -24.52 -21.21 12.33
N ALA A 896 -25.13 -21.61 11.24
CA ALA A 896 -24.47 -21.53 9.94
C ALA A 896 -24.19 -20.09 9.53
N ALA A 897 -25.21 -19.26 9.64
CA ALA A 897 -25.08 -17.85 9.24
C ALA A 897 -23.91 -17.21 9.97
N LEU A 898 -23.87 -17.40 11.28
CA LEU A 898 -22.85 -16.80 12.13
C LEU A 898 -21.46 -17.15 11.59
N LEU A 899 -21.22 -18.45 11.40
CA LEU A 899 -19.97 -18.92 10.88
C LEU A 899 -19.66 -18.26 9.55
N SER A 900 -20.68 -18.02 8.76
CA SER A 900 -20.41 -17.42 7.46
C SER A 900 -19.81 -16.00 7.60
N TYR A 901 -20.31 -15.21 8.54
CA TYR A 901 -19.81 -13.85 8.73
C TYR A 901 -18.42 -13.90 9.38
N ALA A 902 -18.24 -14.74 10.41
CA ALA A 902 -17.00 -14.73 11.15
C ALA A 902 -15.86 -15.33 10.31
N LEU A 903 -16.10 -16.49 9.68
CA LEU A 903 -15.10 -17.16 8.85
C LEU A 903 -14.82 -16.41 7.58
N GLY A 904 -15.80 -15.67 7.09
CA GLY A 904 -15.64 -14.87 5.88
C GLY A 904 -15.13 -13.46 6.12
N GLY A 905 -15.02 -13.05 7.37
CA GLY A 905 -14.55 -11.69 7.69
C GLY A 905 -15.43 -10.62 7.08
N TYR A 906 -16.75 -10.79 7.18
CA TYR A 906 -17.73 -9.91 6.52
C TYR A 906 -18.31 -8.90 7.54
N ASP A 907 -18.10 -7.63 7.24
CA ASP A 907 -18.63 -6.55 7.97
C ASP A 907 -20.11 -6.51 7.73
N GLY A 908 -20.89 -6.50 8.81
CA GLY A 908 -22.33 -6.34 8.71
C GLY A 908 -22.77 -4.90 8.60
N TRP A 909 -23.21 -4.48 7.40
CA TRP A 909 -23.85 -3.16 7.21
C TRP A 909 -25.39 -3.24 7.18
N LEU A 910 -26.01 -2.14 7.62
CA LEU A 910 -27.47 -2.00 7.67
C LEU A 910 -27.85 -0.68 7.07
N SER A 911 -28.57 -0.70 5.94
CA SER A 911 -29.11 0.52 5.39
C SER A 911 -30.54 0.78 5.84
N SER A 912 -30.94 2.05 5.75
CA SER A 912 -32.17 2.52 6.25
C SER A 912 -33.17 2.74 5.14
N ALA A 913 -34.35 2.14 5.32
CA ALA A 913 -35.48 2.37 4.44
C ALA A 913 -36.73 2.85 5.25
N GLY A 914 -37.64 3.52 4.54
CA GLY A 914 -38.84 4.13 5.12
C GLY A 914 -38.61 5.54 5.63
N TYR A 915 -38.17 5.56 6.88
CA TYR A 915 -37.88 6.77 7.62
C TYR A 915 -36.49 6.73 8.29
N ILE A 916 -35.88 7.90 8.37
CA ILE A 916 -34.79 8.14 9.26
C ILE A 916 -35.31 9.06 10.33
N GLY A 917 -35.33 8.57 11.57
CA GLY A 917 -35.98 9.32 12.67
C GLY A 917 -37.47 9.50 12.39
N PRO A 918 -38.17 10.18 13.31
CA PRO A 918 -39.62 10.30 13.14
C PRO A 918 -40.11 11.18 12.03
N LYS A 919 -39.28 12.07 11.49
CA LYS A 919 -39.79 13.13 10.66
C LYS A 919 -39.38 13.08 9.23
N VAL A 920 -38.33 12.33 8.90
CA VAL A 920 -37.72 12.38 7.55
C VAL A 920 -38.02 11.11 6.85
N LYS A 921 -38.89 11.18 5.86
CA LYS A 921 -39.22 10.06 5.00
C LYS A 921 -38.04 9.86 4.02
N VAL A 922 -37.58 8.62 3.82
CA VAL A 922 -36.54 8.31 2.79
C VAL A 922 -36.99 7.35 1.70
N ALA A 923 -38.09 6.65 1.89
CA ALA A 923 -38.52 5.60 0.96
C ALA A 923 -37.35 4.67 0.71
N HIS A 924 -36.97 4.43 -0.54
CA HIS A 924 -35.78 3.65 -0.85
C HIS A 924 -34.65 4.48 -1.47
N ASP A 925 -34.71 5.78 -1.27
CA ASP A 925 -33.73 6.69 -1.82
C ASP A 925 -32.27 6.31 -1.39
N ILE A 926 -32.11 5.72 -0.21
CA ILE A 926 -30.82 5.27 0.31
C ILE A 926 -30.52 3.82 0.00
N SER A 927 -31.51 2.97 0.10
CA SER A 927 -31.42 1.62 -0.48
C SER A 927 -30.72 1.57 -1.88
N LEU A 928 -31.11 2.48 -2.79
CA LEU A 928 -30.50 2.55 -4.12
C LEU A 928 -29.04 3.03 -4.20
N LEU A 929 -28.61 3.83 -3.25
CA LEU A 929 -27.26 4.37 -3.26
C LEU A 929 -26.23 3.38 -2.73
N VAL A 930 -26.68 2.42 -1.93
CA VAL A 930 -25.75 1.49 -1.32
C VAL A 930 -24.69 0.94 -2.31
N PRO A 931 -25.12 0.26 -3.39
CA PRO A 931 -24.16 -0.37 -4.27
C PRO A 931 -23.27 0.63 -5.02
N GLU A 932 -23.75 1.85 -5.21
CA GLU A 932 -23.03 2.87 -5.91
C GLU A 932 -21.87 3.40 -5.07
N ILE A 933 -22.07 3.48 -3.76
CA ILE A 933 -21.08 4.01 -2.83
C ILE A 933 -20.00 2.97 -2.57
N PHE A 934 -20.40 1.73 -2.24
CA PHE A 934 -19.46 0.69 -1.90
C PHE A 934 -18.64 0.25 -3.09
N SER A 935 -19.24 0.30 -4.28
CA SER A 935 -18.54 -0.11 -5.48
C SER A 935 -17.52 0.94 -5.99
N ARG A 936 -17.59 2.16 -5.43
CA ARG A 936 -16.64 3.20 -5.71
C ARG A 936 -15.69 3.47 -4.53
N MSE A 937 -15.58 2.50 -3.63
CA MSE A 937 -14.59 2.47 -2.57
C MSE A 937 -13.83 1.18 -2.69
O MSE A 937 -14.39 0.13 -3.02
CB MSE A 937 -15.26 2.44 -1.19
CG MSE A 937 -15.99 3.76 -0.90
SE MSE A 937 -17.29 3.60 0.62
CE MSE A 937 -16.20 3.37 2.22
N THR A 938 -12.53 1.23 -2.37
CA THR A 938 -11.64 0.08 -2.42
C THR A 938 -12.00 -0.77 -1.24
N PRO A 939 -11.72 -2.06 -1.29
CA PRO A 939 -11.90 -2.88 -0.09
C PRO A 939 -11.18 -2.34 1.18
N GLN A 940 -9.98 -1.76 1.03
CA GLN A 940 -9.23 -1.26 2.18
C GLN A 940 -10.01 -0.08 2.80
N GLU A 941 -10.43 0.84 1.95
CA GLU A 941 -11.24 1.98 2.33
C GLU A 941 -12.57 1.69 3.04
N ARG A 942 -13.30 0.65 2.59
CA ARG A 942 -14.60 0.34 3.17
C ARG A 942 -14.57 -0.69 4.30
N ASP A 943 -13.39 -1.18 4.66
CA ASP A 943 -13.25 -2.08 5.82
C ASP A 943 -13.72 -1.32 7.08
N ALA A 944 -14.52 -1.97 7.92
CA ALA A 944 -15.08 -1.26 9.06
C ALA A 944 -13.99 -0.74 10.00
N ARG A 945 -13.01 -1.59 10.33
CA ARG A 945 -11.84 -1.17 11.16
C ARG A 945 -11.16 0.10 10.63
N ALA A 946 -10.94 0.18 9.34
CA ALA A 946 -10.30 1.34 8.75
C ALA A 946 -11.12 2.60 8.90
N LEU A 947 -12.43 2.45 8.71
CA LEU A 947 -13.34 3.60 8.79
C LEU A 947 -13.45 4.13 10.27
N ILE A 948 -13.45 3.22 11.22
CA ILE A 948 -13.44 3.60 12.64
C ILE A 948 -12.12 4.28 12.99
N GLU A 949 -10.98 3.73 12.55
CA GLU A 949 -9.68 4.41 12.79
C GLU A 949 -9.57 5.77 12.19
N ALA A 950 -10.17 6.01 11.03
CA ALA A 950 -10.19 7.36 10.44
C ALA A 950 -11.27 8.28 10.99
N GLY A 951 -12.16 7.79 11.82
CA GLY A 951 -13.22 8.66 12.38
C GLY A 951 -14.42 8.79 11.47
N TYR A 952 -14.59 7.86 10.51
CA TYR A 952 -15.71 7.94 9.55
C TYR A 952 -16.95 7.20 10.05
N LEU A 953 -16.80 6.30 11.03
CA LEU A 953 -17.92 5.70 11.78
C LEU A 953 -17.90 6.08 13.26
N GLU A 954 -19.04 6.35 13.85
CA GLU A 954 -19.07 6.73 15.27
C GLU A 954 -19.88 5.73 16.08
N ARG A 955 -19.31 5.22 17.17
CA ARG A 955 -19.97 4.25 18.05
C ARG A 955 -21.14 4.88 18.84
N LEU A 956 -22.17 4.09 19.14
CA LEU A 956 -23.33 4.53 19.94
C LEU A 956 -23.23 3.89 21.23
N GLU A 957 -23.59 4.62 22.26
CA GLU A 957 -23.34 4.19 23.59
C GLU A 957 -24.59 4.33 24.46
N ASP A 958 -24.64 3.56 25.55
CA ASP A 958 -25.79 3.63 26.48
C ASP A 958 -25.89 5.00 27.17
N PHE A 959 -27.12 5.37 27.52
CA PHE A 959 -27.41 6.58 28.21
C PHE A 959 -28.69 6.38 29.02
N ASP A 960 -28.99 7.35 29.89
CA ASP A 960 -30.15 7.30 30.77
C ASP A 960 -31.21 8.23 30.24
N HIS A 961 -32.47 7.80 30.34
CA HIS A 961 -33.57 8.62 29.95
C HIS A 961 -34.73 8.32 30.91
N GLU A 962 -35.27 9.39 31.50
CA GLU A 962 -36.23 9.31 32.61
C GLU A 962 -35.84 8.27 33.66
N GLY A 963 -34.54 8.21 33.96
CA GLY A 963 -34.00 7.27 34.91
C GLY A 963 -33.87 5.81 34.48
N ARG A 964 -34.27 5.47 33.24
CA ARG A 964 -34.13 4.10 32.72
C ARG A 964 -32.89 4.04 31.85
N ARG A 965 -32.14 2.98 31.95
CA ARG A 965 -31.01 2.76 31.02
C ARG A 965 -31.47 2.46 29.59
N ILE A 966 -31.06 3.28 28.63
CA ILE A 966 -31.38 3.06 27.21
C ILE A 966 -30.12 2.43 26.57
N GLU A 967 -30.28 1.23 25.99
CA GLU A 967 -29.17 0.44 25.52
C GLU A 967 -28.85 0.72 24.06
N ALA A 968 -28.67 1.99 23.74
CA ALA A 968 -28.31 2.40 22.39
C ALA A 968 -27.01 1.75 21.85
N SER A 969 -26.15 1.19 22.72
CA SER A 969 -25.02 0.44 22.19
C SER A 969 -25.36 -0.73 21.27
N ARG A 970 -26.59 -1.22 21.34
CA ARG A 970 -27.07 -2.27 20.46
C ARG A 970 -27.17 -1.85 19.00
N LEU A 971 -27.16 -0.54 18.74
CA LEU A 971 -27.22 -0.02 17.37
C LEU A 971 -25.88 0.06 16.67
N GLY A 972 -24.80 -0.41 17.28
CA GLY A 972 -23.50 -0.51 16.63
C GLY A 972 -22.83 0.81 16.41
N TYR A 973 -22.36 1.03 15.19
CA TYR A 973 -21.67 2.28 14.77
C TYR A 973 -22.51 2.87 13.65
N ARG A 974 -22.32 4.14 13.34
CA ARG A 974 -23.00 4.75 12.22
C ARG A 974 -22.10 5.75 11.51
N MSE A 975 -22.40 6.00 10.26
CA MSE A 975 -21.68 6.99 9.46
C MSE A 975 -21.93 8.35 10.03
O MSE A 975 -22.96 8.59 10.57
CB MSE A 975 -22.05 6.99 7.98
CG MSE A 975 -23.54 7.21 7.67
SE MSE A 975 -24.01 7.69 5.78
CE MSE A 975 -22.97 9.32 5.50
N ASN A 976 -20.99 9.25 9.85
CA ASN A 976 -21.07 10.64 10.32
C ASN A 976 -20.77 11.58 9.17
N ALA A 977 -20.70 12.87 9.45
CA ALA A 977 -20.51 13.88 8.44
C ALA A 977 -19.18 13.71 7.69
N ALA A 978 -18.17 13.18 8.37
CA ALA A 978 -16.86 12.96 7.77
C ALA A 978 -16.87 11.85 6.71
N PHE A 979 -17.66 10.79 6.93
CA PHE A 979 -17.89 9.73 5.91
C PHE A 979 -18.53 10.34 4.68
N ALA A 980 -19.53 11.18 4.87
CA ALA A 980 -20.12 11.85 3.74
C ALA A 980 -19.09 12.68 2.97
N THR A 981 -18.20 13.38 3.66
CA THR A 981 -17.26 14.25 2.97
C THR A 981 -16.24 13.42 2.22
N ALA A 982 -15.77 12.36 2.88
CA ALA A 982 -14.74 11.52 2.31
C ALA A 982 -15.15 10.72 1.08
N TYR A 983 -16.41 10.29 0.99
CA TYR A 983 -16.80 9.21 0.06
C TYR A 983 -18.04 9.47 -0.80
N PHE A 984 -19.06 10.14 -0.25
CA PHE A 984 -20.25 10.47 -1.01
C PHE A 984 -19.95 11.50 -2.08
N GLY A 985 -18.82 12.18 -1.90
CA GLY A 985 -18.23 13.01 -2.97
C GLY A 985 -17.91 12.32 -4.29
N ARG A 986 -17.90 11.00 -4.27
CA ARG A 986 -17.71 10.21 -5.49
C ARG A 986 -18.97 9.97 -6.33
N ILE A 987 -20.16 10.25 -5.78
CA ILE A 987 -21.44 10.24 -6.49
C ILE A 987 -21.97 11.64 -6.62
N PHE A 988 -21.98 12.39 -5.52
CA PHE A 988 -22.60 13.70 -5.49
C PHE A 988 -21.58 14.83 -5.55
N LEU A 989 -22.06 15.98 -5.98
CA LEU A 989 -21.24 17.13 -6.20
C LEU A 989 -21.04 17.95 -4.93
N HIS A 990 -22.04 17.98 -4.03
CA HIS A 990 -21.95 18.70 -2.74
C HIS A 990 -22.18 17.76 -1.55
N PRO A 991 -21.25 16.83 -1.34
CA PRO A 991 -21.48 15.78 -0.37
C PRO A 991 -21.85 16.23 1.06
N ASP A 992 -21.61 17.50 1.38
CA ASP A 992 -21.86 18.01 2.72
C ASP A 992 -23.34 18.41 2.95
N VAL A 993 -24.09 18.64 1.89
CA VAL A 993 -25.53 18.87 2.01
C VAL A 993 -26.39 17.65 1.61
N VAL A 994 -25.76 16.50 1.34
CA VAL A 994 -26.48 15.30 0.99
C VAL A 994 -27.42 14.88 2.11
N PHE A 995 -26.87 14.79 3.31
CA PHE A 995 -27.62 14.45 4.50
C PHE A 995 -27.55 15.65 5.45
N THR A 996 -28.71 16.05 5.95
CA THR A 996 -28.85 17.00 7.03
C THR A 996 -28.28 16.43 8.29
N GLU A 997 -28.06 17.31 9.24
CA GLU A 997 -27.55 16.95 10.54
C GLU A 997 -28.56 16.01 11.22
N GLU A 998 -29.85 16.32 11.10
CA GLU A 998 -30.92 15.48 11.64
C GLU A 998 -31.04 14.09 10.97
N MSE A 999 -30.65 14.02 9.70
CA MSE A 999 -30.54 12.74 9.01
C MSE A 999 -29.37 11.97 9.56
O MSE A 999 -29.48 10.75 9.76
CB MSE A 999 -30.54 12.91 7.48
CG MSE A 999 -31.92 13.30 7.00
SE MSE A 999 -31.85 14.07 5.20
CE MSE A 999 -31.90 12.23 4.48
N LEU A 1000 -28.22 12.59 9.78
CA LEU A 1000 -27.08 11.80 10.33
C LEU A 1000 -27.21 11.48 11.81
N ARG A 1001 -27.91 12.32 12.55
CA ARG A 1001 -28.10 12.17 13.99
C ARG A 1001 -29.59 12.26 14.29
N PRO A 1002 -30.31 11.16 14.10
CA PRO A 1002 -31.74 11.26 14.20
C PRO A 1002 -32.27 11.64 15.58
N GLU A 1003 -31.47 11.42 16.65
CA GLU A 1003 -31.82 11.90 18.04
C GLU A 1003 -32.09 13.36 18.18
N LEU A 1004 -31.61 14.18 17.24
CA LEU A 1004 -31.87 15.63 17.26
C LEU A 1004 -33.27 15.95 16.84
N GLN A 1005 -33.92 15.04 16.13
CA GLN A 1005 -35.27 15.28 15.67
C GLN A 1005 -36.23 15.26 16.84
N ASP A 1006 -36.00 14.30 17.74
CA ASP A 1006 -36.73 14.16 19.00
C ASP A 1006 -36.01 13.14 19.89
N PRO A 1007 -35.41 13.61 20.97
CA PRO A 1007 -34.66 12.63 21.82
C PRO A 1007 -35.52 11.65 22.54
N ALA A 1008 -36.77 12.03 22.82
CA ALA A 1008 -37.65 11.10 23.52
C ALA A 1008 -37.89 9.86 22.61
N ILE A 1009 -38.28 10.10 21.35
CA ILE A 1009 -38.62 9.04 20.39
C ILE A 1009 -37.39 8.13 20.16
N PHE A 1010 -36.21 8.75 19.97
CA PHE A 1010 -34.96 7.97 19.86
C PHE A 1010 -34.74 6.99 20.99
N ALA A 1011 -34.92 7.46 22.22
CA ALA A 1011 -34.92 6.56 23.37
C ALA A 1011 -36.09 5.57 23.36
N ASP A 1012 -37.24 5.96 22.81
CA ASP A 1012 -38.40 5.02 22.75
C ASP A 1012 -38.11 3.86 21.81
N SER A 1013 -37.50 4.18 20.66
CA SER A 1013 -37.07 3.20 19.65
C SER A 1013 -36.10 2.21 20.19
N VAL A 1014 -35.11 2.68 20.92
CA VAL A 1014 -34.17 1.72 21.52
C VAL A 1014 -34.84 0.83 22.54
N GLU A 1015 -35.77 1.36 23.33
CA GLU A 1015 -36.50 0.48 24.27
C GLU A 1015 -37.36 -0.56 23.59
N VAL A 1016 -37.96 -0.18 22.47
CA VAL A 1016 -38.71 -1.12 21.62
C VAL A 1016 -37.79 -2.23 21.08
N ILE A 1017 -36.61 -1.85 20.56
CA ILE A 1017 -35.59 -2.80 20.17
C ILE A 1017 -35.26 -3.78 21.29
N VAL A 1018 -34.96 -3.28 22.49
CA VAL A 1018 -34.60 -4.20 23.61
C VAL A 1018 -35.78 -5.10 24.03
N ALA A 1019 -36.99 -4.56 24.00
CA ALA A 1019 -38.15 -5.40 24.36
C ALA A 1019 -38.34 -6.49 23.31
N THR A 1020 -38.23 -6.11 22.03
CA THR A 1020 -38.40 -7.05 20.95
C THR A 1020 -37.30 -8.14 20.93
N HIS A 1021 -36.04 -7.81 21.24
CA HIS A 1021 -35.01 -8.82 21.46
C HIS A 1021 -35.41 -9.81 22.52
N ARG A 1022 -36.06 -9.35 23.56
CA ARG A 1022 -36.42 -10.20 24.69
C ARG A 1022 -37.51 -11.16 24.28
N ALA A 1023 -38.59 -10.62 23.71
CA ALA A 1023 -39.71 -11.43 23.25
C ALA A 1023 -39.30 -12.49 22.22
N VAL A 1024 -38.38 -12.14 21.34
CA VAL A 1024 -37.86 -13.10 20.34
C VAL A 1024 -36.96 -14.14 20.98
N ALA A 1025 -36.05 -13.72 21.84
CA ALA A 1025 -35.20 -14.70 22.52
C ALA A 1025 -36.02 -15.72 23.31
N LYS A 1026 -37.15 -15.28 23.89
CA LYS A 1026 -38.04 -16.19 24.65
C LYS A 1026 -38.45 -17.46 23.89
N HIS A 1027 -38.68 -17.36 22.59
CA HIS A 1027 -38.89 -18.53 21.71
C HIS A 1027 -37.83 -19.61 21.87
N TYR A 1028 -36.57 -19.21 21.95
CA TYR A 1028 -35.49 -20.18 22.07
C TYR A 1028 -35.41 -20.78 23.46
N VAL A 1029 -35.78 -20.00 24.45
CA VAL A 1029 -35.87 -20.50 25.80
C VAL A 1029 -37.05 -21.50 25.89
N ASP A 1030 -38.22 -21.16 25.38
CA ASP A 1030 -39.40 -22.02 25.59
C ASP A 1030 -39.32 -23.39 24.91
N ASP A 1031 -38.67 -23.47 23.74
CA ASP A 1031 -38.49 -24.73 23.04
C ASP A 1031 -37.17 -25.47 23.36
N GLY A 1032 -36.31 -24.89 24.20
CA GLY A 1032 -34.98 -25.47 24.48
C GLY A 1032 -33.89 -25.32 23.39
N SER A 1033 -34.23 -24.70 22.25
CA SER A 1033 -33.31 -24.38 21.14
C SER A 1033 -32.06 -23.75 21.59
N ILE A 1034 -32.20 -22.94 22.62
CA ILE A 1034 -31.05 -22.22 23.18
C ILE A 1034 -29.89 -23.15 23.53
N GLN A 1035 -30.21 -24.38 23.94
CA GLN A 1035 -29.19 -25.40 24.23
C GLN A 1035 -28.42 -25.84 23.00
N TRP A 1036 -28.97 -25.67 21.78
CA TRP A 1036 -28.31 -26.14 20.55
C TRP A 1036 -27.64 -25.00 19.81
N ALA A 1037 -27.70 -23.79 20.35
CA ALA A 1037 -27.01 -22.69 19.75
C ALA A 1037 -25.52 -22.82 20.04
N VAL A 1038 -24.66 -22.42 19.09
CA VAL A 1038 -23.20 -22.46 19.34
C VAL A 1038 -22.85 -21.43 20.42
N PRO A 1039 -21.83 -21.68 21.27
CA PRO A 1039 -21.54 -20.78 22.43
C PRO A 1039 -21.76 -19.25 22.26
N PRO A 1040 -21.12 -18.61 21.25
CA PRO A 1040 -21.40 -17.18 21.14
C PRO A 1040 -22.89 -16.83 21.00
N LEU A 1041 -23.68 -17.66 20.29
CA LEU A 1041 -25.11 -17.40 20.14
C LEU A 1041 -25.93 -17.78 21.35
N LYS A 1042 -25.54 -18.83 22.04
CA LYS A 1042 -26.22 -19.21 23.27
C LYS A 1042 -26.19 -18.05 24.23
N ALA A 1043 -25.00 -17.56 24.49
CA ALA A 1043 -24.80 -16.38 25.34
C ALA A 1043 -25.58 -15.17 24.86
N LEU A 1044 -25.56 -14.95 23.57
CA LEU A 1044 -26.23 -13.81 22.99
C LEU A 1044 -27.73 -13.89 23.26
N LEU A 1045 -28.29 -15.07 23.06
CA LEU A 1045 -29.70 -15.30 23.34
C LEU A 1045 -30.04 -15.13 24.81
N GLU A 1046 -29.18 -15.63 25.69
CA GLU A 1046 -29.38 -15.48 27.13
C GLU A 1046 -29.41 -14.01 27.56
N ILE A 1047 -28.50 -13.23 27.00
CA ILE A 1047 -28.46 -11.77 27.27
C ILE A 1047 -29.72 -11.10 26.82
N MSE A 1048 -30.19 -11.45 25.61
CA MSE A 1048 -31.36 -10.82 24.99
C MSE A 1048 -32.55 -11.06 25.88
O MSE A 1048 -33.37 -10.15 26.12
CB MSE A 1048 -31.63 -11.43 23.62
CG MSE A 1048 -30.65 -11.01 22.55
SE MSE A 1048 -30.83 -11.97 20.81
CE MSE A 1048 -32.43 -11.14 20.10
N TYR A 1049 -32.63 -12.27 26.40
CA TYR A 1049 -33.76 -12.67 27.20
C TYR A 1049 -33.72 -12.07 28.63
N SER A 1050 -32.67 -12.39 29.38
CA SER A 1050 -32.56 -12.01 30.79
C SER A 1050 -31.54 -10.89 31.16
N GLY A 1051 -30.69 -10.47 30.24
CA GLY A 1051 -29.65 -9.46 30.53
C GLY A 1051 -28.25 -10.01 30.74
N ARG A 1052 -28.15 -11.26 31.17
CA ARG A 1052 -26.88 -11.88 31.45
C ARG A 1052 -26.82 -13.26 30.86
N SER A 1053 -25.66 -13.62 30.32
CA SER A 1053 -25.36 -15.01 29.98
C SER A 1053 -25.37 -15.89 31.21
N GLU A 1054 -25.26 -17.18 31.01
CA GLU A 1054 -25.19 -18.15 32.11
C GLU A 1054 -23.92 -17.98 32.94
N GLU A 1055 -22.82 -17.60 32.29
CA GLU A 1055 -21.55 -17.34 32.98
C GLU A 1055 -21.55 -15.97 33.68
N GLY A 1056 -22.61 -15.16 33.51
CA GLY A 1056 -22.66 -13.83 34.03
C GLY A 1056 -22.23 -12.70 33.10
N TRP A 1057 -21.99 -13.00 31.83
CA TRP A 1057 -21.55 -11.97 30.88
C TRP A 1057 -22.67 -11.06 30.38
N THR A 1058 -22.27 -9.92 29.85
CA THR A 1058 -23.17 -8.98 29.19
C THR A 1058 -22.57 -8.65 27.86
N LEU A 1059 -23.26 -7.79 27.10
CA LEU A 1059 -22.74 -7.50 25.77
C LEU A 1059 -21.32 -6.94 25.69
N SER A 1060 -20.84 -6.26 26.72
CA SER A 1060 -19.55 -5.63 26.70
C SER A 1060 -18.47 -6.45 27.39
N SER A 1061 -18.84 -7.57 28.01
CA SER A 1061 -17.87 -8.54 28.52
C SER A 1061 -16.90 -8.95 27.41
N PRO A 1062 -15.60 -8.69 27.58
CA PRO A 1062 -14.59 -9.10 26.56
C PRO A 1062 -14.59 -10.60 26.27
N GLU A 1063 -14.98 -11.39 27.26
CA GLU A 1063 -15.04 -12.84 27.09
C GLU A 1063 -16.14 -13.22 26.11
N LEU A 1064 -17.25 -12.51 26.17
CA LEU A 1064 -18.35 -12.82 25.27
C LEU A 1064 -17.96 -12.38 23.84
N ARG A 1065 -17.40 -11.19 23.73
CA ARG A 1065 -16.96 -10.67 22.44
C ARG A 1065 -15.87 -11.53 21.76
N ALA A 1066 -15.04 -12.19 22.56
CA ALA A 1066 -13.95 -13.02 22.07
C ALA A 1066 -14.48 -14.29 21.39
N LEU A 1067 -15.56 -14.86 21.92
CA LEU A 1067 -16.27 -15.99 21.28
C LEU A 1067 -16.75 -15.71 19.84
N PHE A 1068 -16.90 -14.43 19.45
CA PHE A 1068 -17.27 -14.09 18.07
C PHE A 1068 -16.08 -13.85 17.13
N GLU A 1069 -14.85 -14.04 17.59
CA GLU A 1069 -13.67 -13.69 16.74
C GLU A 1069 -13.32 -14.87 15.91
N ARG A 1070 -12.86 -14.60 14.70
CA ARG A 1070 -12.55 -15.67 13.70
C ARG A 1070 -11.56 -16.70 14.24
N GLU A 1071 -10.48 -16.22 14.84
CA GLU A 1071 -9.43 -17.10 15.41
C GLU A 1071 -9.93 -18.00 16.51
N ASN A 1072 -10.72 -17.48 17.44
CA ASN A 1072 -11.23 -18.33 18.53
C ASN A 1072 -12.23 -19.37 18.07
N ILE A 1073 -12.96 -19.07 17.00
CA ILE A 1073 -13.88 -20.04 16.43
C ILE A 1073 -13.12 -21.19 15.77
N LEU A 1074 -12.19 -20.85 14.88
CA LEU A 1074 -11.37 -21.87 14.18
C LEU A 1074 -10.58 -22.78 15.14
N ALA A 1075 -10.27 -22.29 16.33
CA ALA A 1075 -9.59 -23.10 17.38
C ALA A 1075 -10.50 -23.94 18.26
N SER A 1076 -11.80 -23.62 18.26
CA SER A 1076 -12.73 -24.18 19.25
C SER A 1076 -13.03 -25.63 18.99
N ASP A 1077 -13.40 -26.32 20.04
CA ASP A 1077 -13.94 -27.66 19.93
C ASP A 1077 -15.23 -27.68 19.21
N TRP A 1078 -16.14 -26.76 19.56
CA TRP A 1078 -17.46 -26.79 18.96
C TRP A 1078 -17.37 -26.66 17.45
N TYR A 1079 -16.47 -25.82 16.93
CA TYR A 1079 -16.32 -25.68 15.46
C TYR A 1079 -15.74 -26.97 14.87
N ALA A 1080 -14.74 -27.55 15.53
CA ALA A 1080 -14.18 -28.83 15.07
C ALA A 1080 -15.25 -29.91 15.02
N GLU A 1081 -16.14 -29.88 16.00
CA GLU A 1081 -17.27 -30.84 16.09
C GLU A 1081 -18.24 -30.74 14.90
N ARG A 1082 -18.39 -29.56 14.32
CA ARG A 1082 -19.19 -29.35 13.13
C ARG A 1082 -18.53 -29.86 11.87
N VAL A 1083 -17.21 -29.66 11.76
CA VAL A 1083 -16.44 -30.14 10.63
C VAL A 1083 -16.50 -31.64 10.59
N ASP A 1084 -16.28 -32.25 11.74
CA ASP A 1084 -16.42 -33.73 11.87
C ASP A 1084 -17.83 -34.31 11.62
N ALA A 1085 -18.89 -33.55 11.92
CA ALA A 1085 -20.25 -34.02 11.62
C ALA A 1085 -20.46 -34.02 10.12
N LYS A 1086 -19.92 -32.99 9.47
CA LYS A 1086 -19.99 -32.93 7.99
C LYS A 1086 -19.28 -34.12 7.31
N VAL A 1087 -18.12 -34.52 7.84
CA VAL A 1087 -17.40 -35.67 7.32
C VAL A 1087 -18.25 -36.91 7.51
N GLU A 1088 -18.83 -37.05 8.68
CA GLU A 1088 -19.64 -38.22 8.99
C GLU A 1088 -20.95 -38.31 8.21
N ARG A 1089 -21.55 -37.18 7.89
CA ARG A 1089 -22.75 -37.20 7.04
C ARG A 1089 -22.37 -37.64 5.64
N ASP A 1090 -21.36 -36.98 5.06
CA ASP A 1090 -20.85 -37.29 3.71
C ASP A 1090 -20.44 -38.79 3.52
N ARG A 1091 -19.68 -39.31 4.46
CA ARG A 1091 -19.42 -40.73 4.53
C ARG A 1091 -20.71 -41.57 4.39
N LYS A 1092 -21.69 -41.41 5.30
CA LYS A 1092 -22.98 -42.20 5.19
C LYS A 1092 -23.69 -42.11 3.84
N GLN A 1093 -23.69 -40.91 3.26
CA GLN A 1093 -24.27 -40.68 1.92
C GLN A 1093 -23.48 -41.30 0.80
N ALA A 1094 -22.14 -41.34 0.92
CA ALA A 1094 -21.29 -42.04 -0.02
C ALA A 1094 -21.48 -43.56 0.10
N GLU A 1095 -21.67 -44.08 1.31
CA GLU A 1095 -22.11 -45.48 1.51
C GLU A 1095 -23.54 -45.76 0.99
N SER A 1096 -24.46 -44.84 1.18
CA SER A 1096 -25.80 -45.00 0.68
C SER A 1096 -25.83 -44.92 -0.87
N ALA A 1097 -24.86 -44.20 -1.45
CA ALA A 1097 -24.69 -44.12 -2.93
C ALA A 1097 -24.13 -45.42 -3.55
N ILE A 1098 -23.10 -45.98 -2.92
CA ILE A 1098 -22.52 -47.28 -3.29
C ILE A 1098 -23.56 -48.40 -3.23
N ALA A 1099 -24.33 -48.46 -2.14
CA ALA A 1099 -25.46 -49.40 -1.99
C ALA A 1099 -26.57 -49.28 -3.06
N ALA A 1100 -26.82 -48.07 -3.56
CA ALA A 1100 -27.87 -47.83 -4.54
C ALA A 1100 -27.39 -48.15 -5.94
N LEU A 1101 -26.14 -47.82 -6.24
CA LEU A 1101 -25.61 -48.12 -7.55
C LEU A 1101 -25.48 -49.63 -7.73
N THR A 1102 -24.98 -50.33 -6.72
CA THR A 1102 -24.84 -51.78 -6.83
C THR A 1102 -26.18 -52.47 -7.05
N ARG A 1103 -27.15 -52.20 -6.16
CA ARG A 1103 -28.47 -52.83 -6.26
C ARG A 1103 -29.11 -52.69 -7.66
N PHE A 1104 -28.87 -51.57 -8.31
CA PHE A 1104 -29.36 -51.33 -9.65
C PHE A 1104 -28.61 -52.19 -10.70
N THR A 1105 -27.27 -52.20 -10.65
CA THR A 1105 -26.43 -52.97 -11.62
C THR A 1105 -26.59 -54.49 -11.54
N THR A 1106 -27.18 -54.95 -10.44
CA THR A 1106 -27.48 -56.34 -10.17
C THR A 1106 -28.97 -56.49 -9.82
N THR A 1107 -29.84 -55.76 -10.51
CA THR A 1107 -31.25 -56.13 -10.57
C THR A 1107 -31.44 -56.81 -11.92
N GLN A 1108 -32.34 -57.79 -11.91
CA GLN A 1108 -32.70 -58.58 -13.09
C GLN A 1108 -33.15 -57.67 -14.27
N GLY A 1109 -32.38 -57.75 -15.34
CA GLY A 1109 -32.75 -57.17 -16.63
C GLY A 1109 -32.44 -55.69 -16.78
N ASN A 1110 -31.29 -55.27 -16.25
CA ASN A 1110 -30.89 -53.87 -16.22
C ASN A 1110 -29.55 -53.65 -16.88
N GLU A 1111 -29.15 -54.57 -17.76
CA GLU A 1111 -27.77 -54.61 -18.26
C GLU A 1111 -27.51 -53.60 -19.38
N GLU A 1112 -28.56 -53.27 -20.14
CA GLU A 1112 -28.45 -52.43 -21.34
C GLU A 1112 -28.53 -50.94 -20.96
N VAL A 1113 -29.42 -50.63 -20.03
CA VAL A 1113 -29.33 -49.35 -19.31
C VAL A 1113 -27.98 -49.18 -18.56
N THR A 1114 -27.53 -50.22 -17.85
CA THR A 1114 -26.27 -50.22 -17.08
C THR A 1114 -25.02 -49.90 -17.89
N GLU A 1115 -24.97 -50.26 -19.17
CA GLU A 1115 -23.82 -49.88 -20.01
C GLU A 1115 -24.04 -48.55 -20.69
N ARG A 1116 -25.27 -48.26 -21.10
CA ARG A 1116 -25.59 -47.00 -21.80
C ARG A 1116 -25.21 -45.77 -20.95
N LEU A 1117 -25.57 -45.83 -19.68
CA LEU A 1117 -25.27 -44.79 -18.70
C LEU A 1117 -23.91 -44.94 -17.97
N ASP A 1118 -23.09 -45.94 -18.33
CA ASP A 1118 -21.75 -46.13 -17.77
C ASP A 1118 -21.86 -46.17 -16.25
N ILE A 1119 -22.77 -47.00 -15.76
CA ILE A 1119 -23.11 -47.05 -14.34
C ILE A 1119 -21.96 -47.58 -13.49
N GLU A 1120 -21.20 -48.53 -14.02
CA GLU A 1120 -20.09 -49.08 -13.26
C GLU A 1120 -18.90 -48.13 -13.23
N GLY A 1121 -18.81 -47.24 -14.23
CA GLY A 1121 -17.92 -46.05 -14.15
C GLY A 1121 -18.31 -45.06 -13.06
N ARG A 1122 -19.62 -44.97 -12.77
CA ARG A 1122 -20.13 -44.21 -11.65
C ARG A 1122 -19.88 -44.88 -10.30
N LEU A 1123 -20.01 -46.20 -10.27
CA LEU A 1123 -19.80 -46.95 -9.04
C LEU A 1123 -18.32 -46.99 -8.66
N ALA A 1124 -17.45 -46.90 -9.64
CA ALA A 1124 -16.03 -46.75 -9.33
C ALA A 1124 -15.75 -45.35 -8.75
N SER A 1125 -16.42 -44.32 -9.27
CA SER A 1125 -16.26 -42.96 -8.74
C SER A 1125 -16.84 -42.89 -7.34
N ALA A 1126 -17.99 -43.54 -7.11
CA ALA A 1126 -18.63 -43.58 -5.79
C ALA A 1126 -17.80 -44.29 -4.74
N ARG A 1127 -17.02 -45.29 -5.17
CA ARG A 1127 -16.04 -46.00 -4.33
C ARG A 1127 -14.78 -45.20 -4.06
N ALA A 1128 -14.29 -44.48 -5.07
CA ALA A 1128 -13.15 -43.55 -4.88
C ALA A 1128 -13.49 -42.34 -3.95
N TRP A 1129 -14.70 -41.81 -4.10
CA TRP A 1129 -15.27 -40.75 -3.25
C TRP A 1129 -15.31 -41.15 -1.76
N LEU A 1130 -15.99 -42.25 -1.40
CA LEU A 1130 -15.95 -42.77 -0.02
C LEU A 1130 -14.56 -42.77 0.60
N ASP A 1131 -13.55 -43.18 -0.16
CA ASP A 1131 -12.16 -43.15 0.30
C ASP A 1131 -11.66 -41.75 0.52
N GLU A 1132 -11.98 -40.87 -0.43
CA GLU A 1132 -11.67 -39.47 -0.28
C GLU A 1132 -12.37 -38.79 0.91
N VAL A 1133 -13.67 -39.08 1.17
CA VAL A 1133 -14.37 -38.36 2.26
C VAL A 1133 -13.84 -38.74 3.63
N THR A 1134 -13.36 -39.98 3.78
CA THR A 1134 -12.74 -40.43 5.04
C THR A 1134 -11.25 -40.00 5.20
N SER A 1135 -10.62 -39.50 4.14
CA SER A 1135 -9.20 -39.15 4.19
C SER A 1135 -8.97 -37.83 4.95
N PRO A 1136 -7.75 -37.64 5.48
CA PRO A 1136 -7.45 -36.39 6.18
C PRO A 1136 -7.41 -35.15 5.31
N ALA A 1137 -6.98 -35.25 4.06
CA ALA A 1137 -6.98 -34.07 3.18
C ALA A 1137 -8.39 -33.44 3.01
N TYR A 1138 -9.42 -34.27 3.12
CA TYR A 1138 -10.82 -33.85 3.01
C TYR A 1138 -11.32 -33.14 4.27
N ARG A 1139 -11.09 -33.75 5.43
CA ARG A 1139 -11.30 -33.07 6.71
C ARG A 1139 -10.65 -31.67 6.78
N ALA A 1140 -9.44 -31.52 6.22
CA ALA A 1140 -8.69 -30.23 6.21
C ALA A 1140 -9.22 -29.20 5.22
N HIS A 1141 -9.66 -29.65 4.03
CA HIS A 1141 -10.29 -28.74 3.00
C HIS A 1141 -11.64 -28.17 3.50
N LEU A 1142 -12.31 -28.88 4.41
CA LEU A 1142 -13.47 -28.36 5.13
C LEU A 1142 -13.21 -27.29 6.24
N VAL A 1143 -11.95 -27.01 6.61
CA VAL A 1143 -11.69 -26.06 7.67
C VAL A 1143 -11.79 -24.67 7.07
N GLY A 1144 -12.70 -23.87 7.62
CA GLY A 1144 -13.08 -22.61 7.03
C GLY A 1144 -14.41 -22.62 6.29
N THR A 1145 -15.11 -23.76 6.31
CA THR A 1145 -16.49 -23.90 5.80
C THR A 1145 -17.47 -23.87 6.97
N LEU A 1146 -18.77 -24.01 6.69
CA LEU A 1146 -19.81 -23.93 7.75
C LEU A 1146 -20.03 -25.21 8.54
N GLY A 1147 -19.50 -26.33 8.06
CA GLY A 1147 -19.74 -27.62 8.69
C GLY A 1147 -21.21 -27.95 8.80
N LEU A 1148 -21.53 -28.85 9.72
CA LEU A 1148 -22.91 -29.32 9.92
C LEU A 1148 -23.22 -29.36 11.42
N GLN A 1149 -24.51 -29.19 11.73
CA GLN A 1149 -25.01 -29.29 13.09
C GLN A 1149 -24.79 -30.70 13.53
N PRO A 1150 -24.09 -30.91 14.64
CA PRO A 1150 -23.76 -32.32 14.92
C PRO A 1150 -24.93 -33.27 15.08
N SER A 1151 -26.01 -32.88 15.77
CA SER A 1151 -27.18 -33.75 15.89
C SER A 1151 -27.74 -34.26 14.57
N LEU A 1152 -27.45 -33.56 13.48
CA LEU A 1152 -27.85 -33.97 12.13
C LEU A 1152 -26.83 -34.80 11.31
N ALA A 1153 -25.66 -35.14 11.87
CA ALA A 1153 -24.66 -35.96 11.14
C ALA A 1153 -25.33 -37.23 10.74
N SER B 15 28.50 14.15 -31.40
CA SER B 15 27.52 14.96 -30.59
C SER B 15 28.24 16.03 -29.79
N ALA B 16 29.24 15.57 -29.03
CA ALA B 16 30.05 16.43 -28.19
C ALA B 16 30.88 17.43 -28.98
N ASN B 17 31.54 16.97 -30.05
CA ASN B 17 32.39 17.86 -30.87
C ASN B 17 31.62 18.94 -31.62
N SER B 18 30.36 18.66 -31.90
CA SER B 18 29.45 19.62 -32.56
C SER B 18 29.06 20.74 -31.61
N ALA B 19 28.52 20.33 -30.46
CA ALA B 19 28.31 21.21 -29.31
C ALA B 19 29.53 22.12 -29.02
N ILE B 20 30.72 21.53 -29.05
CA ILE B 20 31.95 22.30 -28.87
C ILE B 20 32.17 23.28 -30.02
N ALA B 21 32.21 22.78 -31.26
CA ALA B 21 32.44 23.65 -32.47
C ALA B 21 31.48 24.86 -32.53
N LEU B 22 30.21 24.56 -32.30
CA LEU B 22 29.16 25.55 -32.28
C LEU B 22 29.45 26.70 -31.31
N ARG B 23 29.84 26.36 -30.07
CA ARG B 23 30.09 27.35 -28.97
C ARG B 23 31.36 28.18 -29.15
N LEU B 24 32.39 27.58 -29.73
CA LEU B 24 33.58 28.32 -30.15
C LEU B 24 33.30 29.28 -31.29
N GLU B 25 32.46 28.84 -32.25
CA GLU B 25 32.04 29.69 -33.39
C GLU B 25 31.32 30.94 -32.82
N LEU B 26 30.33 30.75 -31.93
CA LEU B 26 29.65 31.89 -31.24
C LEU B 26 30.58 32.85 -30.50
N LEU B 27 31.68 32.35 -29.98
CA LEU B 27 32.64 33.20 -29.27
C LEU B 27 33.62 33.86 -30.19
N GLY B 28 33.63 33.44 -31.45
CA GLY B 28 34.48 34.02 -32.47
C GLY B 28 35.88 33.47 -32.39
N ALA B 29 35.98 32.19 -32.06
CA ALA B 29 37.24 31.52 -31.89
C ALA B 29 37.46 30.63 -33.11
N PRO B 30 38.74 30.37 -33.50
CA PRO B 30 39.03 29.52 -34.68
C PRO B 30 38.46 28.09 -34.60
N VAL B 31 38.14 27.49 -35.74
CA VAL B 31 37.50 26.15 -35.83
C VAL B 31 37.94 25.50 -37.14
N PRO B 32 37.99 24.14 -37.23
CA PRO B 32 38.20 23.51 -38.55
C PRO B 32 36.96 23.59 -39.44
N ARG B 46 26.22 21.19 -39.06
CA ARG B 46 27.19 22.30 -39.26
C ARG B 46 26.79 23.26 -40.42
N LEU B 47 26.18 22.71 -41.48
CA LEU B 47 25.62 23.51 -42.58
C LEU B 47 24.28 24.18 -42.17
N VAL B 48 23.46 23.53 -41.32
CA VAL B 48 22.14 24.07 -40.84
C VAL B 48 22.23 25.14 -39.72
N ALA B 49 23.45 25.51 -39.31
CA ALA B 49 23.69 26.66 -38.43
C ALA B 49 24.43 27.80 -39.17
N PRO B 50 23.76 28.48 -40.13
CA PRO B 50 24.26 29.78 -40.68
C PRO B 50 23.59 31.00 -40.02
N ILE B 51 22.40 30.80 -39.45
CA ILE B 51 21.68 31.76 -38.55
C ILE B 51 22.35 31.94 -37.16
N LEU B 52 23.49 31.28 -36.95
CA LEU B 52 24.55 31.73 -36.03
C LEU B 52 25.24 33.01 -36.56
N ALA B 53 25.70 32.97 -37.81
CA ALA B 53 26.34 34.12 -38.48
C ALA B 53 25.44 35.37 -38.63
N ARG B 54 24.13 35.20 -38.41
CA ARG B 54 23.16 36.30 -38.49
C ARG B 54 23.12 37.02 -37.15
N GLN B 55 22.84 36.30 -36.09
CA GLN B 55 22.79 36.91 -34.76
C GLN B 55 24.14 37.57 -34.32
N ARG B 56 25.26 37.05 -34.81
CA ARG B 56 26.57 37.67 -34.63
C ARG B 56 26.66 39.15 -35.06
N GLU B 57 25.90 39.54 -36.08
CA GLU B 57 25.87 40.95 -36.56
C GLU B 57 24.73 41.75 -35.92
N LEU B 58 23.99 41.09 -35.02
CA LEU B 58 23.09 41.72 -34.08
C LEU B 58 23.63 41.61 -32.63
N THR B 59 24.81 41.02 -32.40
CA THR B 59 25.46 41.09 -31.08
C THR B 59 26.39 42.31 -30.98
N ARG B 60 27.10 42.66 -32.06
CA ARG B 60 27.97 43.84 -32.07
C ARG B 60 27.22 45.19 -32.08
N ARG B 61 25.91 45.16 -31.79
CA ARG B 61 25.15 46.34 -31.42
C ARG B 61 25.00 46.51 -29.91
N LEU B 62 25.27 45.46 -29.14
CA LEU B 62 25.43 45.59 -27.68
C LEU B 62 26.89 45.44 -27.29
N ALA B 63 27.32 46.24 -26.30
CA ALA B 63 28.60 45.99 -25.62
C ALA B 63 28.40 44.83 -24.64
N ASN B 64 29.46 44.06 -24.41
CA ASN B 64 29.36 42.77 -23.65
C ASN B 64 28.91 43.03 -22.21
N ARG B 65 27.99 42.20 -21.74
CA ARG B 65 27.49 42.29 -20.36
C ARG B 65 27.84 40.98 -19.63
N PRO B 66 28.48 41.06 -18.44
CA PRO B 66 28.76 39.80 -17.75
C PRO B 66 27.47 39.21 -17.13
N CYS B 67 27.47 37.89 -16.87
CA CYS B 67 26.32 37.21 -16.22
C CYS B 67 26.05 37.76 -14.80
N ALA B 68 24.92 37.36 -14.21
CA ALA B 68 24.52 37.85 -12.87
C ALA B 68 25.57 37.52 -11.75
N ALA B 69 26.10 36.30 -11.81
CA ALA B 69 27.16 35.87 -10.91
C ALA B 69 28.45 36.71 -11.02
N ASP B 70 29.03 36.81 -12.21
CA ASP B 70 30.22 37.67 -12.46
C ASP B 70 29.93 39.20 -12.17
N ARG B 71 28.67 39.64 -12.30
CA ARG B 71 28.31 41.03 -11.99
C ARG B 71 28.55 41.31 -10.51
N ARG B 72 28.01 40.45 -9.66
CA ARG B 72 28.21 40.52 -8.20
C ARG B 72 29.69 40.42 -7.85
N ILE B 73 30.42 39.53 -8.51
CA ILE B 73 31.85 39.40 -8.22
C ILE B 73 32.61 40.67 -8.56
N GLN B 74 32.36 41.21 -9.75
CA GLN B 74 33.07 42.40 -10.20
C GLN B 74 32.71 43.62 -9.35
N ALA B 75 31.47 43.69 -8.87
CA ALA B 75 31.05 44.81 -7.99
C ALA B 75 31.86 44.86 -6.68
N PHE B 76 31.92 43.71 -5.99
CA PHE B 76 32.79 43.53 -4.82
C PHE B 76 34.24 43.90 -5.12
N LEU B 77 34.77 43.28 -6.15
CA LEU B 77 36.18 43.42 -6.45
C LEU B 77 36.57 44.88 -6.75
N ASP B 78 35.68 45.61 -7.40
CA ASP B 78 35.91 47.04 -7.70
C ASP B 78 35.72 47.94 -6.47
N SER B 79 34.76 47.59 -5.60
CA SER B 79 34.59 48.30 -4.33
C SER B 79 35.82 48.04 -3.43
N TYR B 80 36.15 46.76 -3.23
CA TYR B 80 37.32 46.29 -2.46
C TYR B 80 38.65 46.89 -2.90
N LEU B 81 38.91 47.00 -4.21
CA LEU B 81 40.18 47.61 -4.66
C LEU B 81 40.00 49.03 -5.22
N ASP B 82 38.95 49.72 -4.76
CA ASP B 82 38.81 51.14 -5.06
C ASP B 82 40.06 51.90 -4.58
N GLY B 83 40.71 52.63 -5.49
CA GLY B 83 41.91 53.37 -5.16
C GLY B 83 43.13 52.53 -4.82
N ALA B 84 43.14 51.27 -5.26
CA ALA B 84 44.31 50.42 -5.15
C ALA B 84 45.16 50.58 -6.42
N ALA B 85 46.31 49.89 -6.48
CA ALA B 85 47.21 49.93 -7.66
C ALA B 85 46.61 49.44 -9.00
N ALA B 86 45.44 48.82 -8.98
CA ALA B 86 44.72 48.43 -10.21
C ALA B 86 43.33 47.95 -9.82
N GLN B 87 42.39 47.96 -10.77
CA GLN B 87 41.08 47.34 -10.54
C GLN B 87 40.71 46.34 -11.66
N PRO B 88 41.38 45.17 -11.70
CA PRO B 88 41.25 44.27 -12.85
C PRO B 88 39.84 43.75 -13.11
N LYS B 89 39.68 43.30 -14.34
CA LYS B 89 38.40 42.85 -14.81
C LYS B 89 38.49 41.33 -14.95
N LEU B 90 37.41 40.65 -14.56
CA LEU B 90 37.24 39.24 -14.85
C LEU B 90 37.20 39.09 -16.36
N PRO B 91 37.76 38.01 -16.89
CA PRO B 91 37.61 37.84 -18.34
C PRO B 91 36.12 37.78 -18.75
N GLY B 92 35.78 38.50 -19.83
CA GLY B 92 34.40 38.58 -20.36
C GLY B 92 34.08 37.62 -21.49
N ALA B 93 35.11 37.20 -22.24
CA ALA B 93 34.94 36.26 -23.34
C ALA B 93 35.29 34.84 -22.90
N THR B 94 34.42 34.21 -22.11
CA THR B 94 34.68 32.82 -21.69
C THR B 94 33.80 31.80 -22.40
N LEU B 95 34.44 30.71 -22.76
CA LEU B 95 33.74 29.50 -23.19
C LEU B 95 33.04 28.93 -21.96
N VAL B 96 31.72 28.82 -22.03
CA VAL B 96 30.88 28.56 -20.88
C VAL B 96 30.49 27.09 -20.96
N LEU B 97 30.71 26.34 -19.87
CA LEU B 97 30.40 24.95 -19.83
C LEU B 97 29.00 24.86 -19.21
N ASP B 98 28.03 24.91 -20.11
CA ASP B 98 26.62 24.97 -19.75
C ASP B 98 25.98 23.61 -19.59
N GLN B 99 26.64 22.56 -20.10
CA GLN B 99 26.14 21.19 -19.98
C GLN B 99 27.21 20.21 -19.51
N PRO B 100 26.74 19.17 -18.80
CA PRO B 100 27.69 18.20 -18.31
C PRO B 100 28.36 17.50 -19.47
N GLY B 101 29.64 17.19 -19.33
CA GLY B 101 30.32 16.30 -20.26
C GLY B 101 31.19 17.01 -21.27
N LEU B 102 30.93 18.29 -21.49
CA LEU B 102 31.72 19.10 -22.44
C LEU B 102 33.12 19.24 -21.99
N ALA B 103 33.30 19.43 -20.69
CA ALA B 103 34.61 19.73 -20.16
C ALA B 103 35.57 18.55 -20.35
N ARG B 104 35.03 17.34 -20.21
CA ARG B 104 35.84 16.17 -20.45
C ARG B 104 36.25 16.15 -21.93
N ALA B 105 35.26 16.33 -22.82
CA ALA B 105 35.53 16.34 -24.26
C ALA B 105 36.54 17.42 -24.65
N LEU B 106 36.50 18.58 -23.98
CA LEU B 106 37.52 19.57 -24.23
C LEU B 106 38.94 19.21 -23.77
N SER B 107 39.07 18.20 -22.92
CA SER B 107 40.35 17.91 -22.24
C SER B 107 41.37 17.17 -23.09
N LEU B 108 40.91 16.58 -24.20
CA LEU B 108 41.81 15.90 -25.16
C LEU B 108 41.64 16.41 -26.59
N PRO B 109 42.71 16.35 -27.40
CA PRO B 109 42.57 16.81 -28.78
C PRO B 109 41.47 16.06 -29.52
N VAL B 110 40.65 16.81 -30.24
CA VAL B 110 39.54 16.27 -31.05
C VAL B 110 39.90 15.00 -31.84
N ASP B 111 41.17 14.89 -32.23
CA ASP B 111 41.68 13.79 -33.05
C ASP B 111 42.66 12.78 -32.36
N ALA B 112 43.04 12.99 -31.11
CA ALA B 112 44.05 12.15 -30.43
C ALA B 112 43.65 11.64 -29.02
N THR B 113 44.41 10.66 -28.53
CA THR B 113 44.19 10.06 -27.23
C THR B 113 45.20 10.53 -26.13
N SER B 114 46.21 11.31 -26.48
CA SER B 114 47.03 11.96 -25.51
C SER B 114 47.20 13.46 -25.80
N PHE B 115 47.77 14.17 -24.83
CA PHE B 115 47.99 15.58 -24.87
C PHE B 115 49.09 15.91 -23.90
N THR B 116 49.94 16.88 -24.23
CA THR B 116 51.02 17.31 -23.34
C THR B 116 51.18 18.80 -23.35
N SER B 117 51.42 19.37 -22.17
CA SER B 117 51.83 20.75 -22.06
C SER B 117 52.80 20.76 -20.92
N ASP B 118 53.33 21.93 -20.58
CA ASP B 118 54.16 22.06 -19.38
C ASP B 118 53.33 21.96 -18.10
N TYR B 119 52.01 21.94 -18.22
CA TYR B 119 51.12 21.97 -17.09
C TYR B 119 50.47 20.64 -16.78
N VAL B 120 50.22 19.82 -17.80
CA VAL B 120 49.48 18.58 -17.56
C VAL B 120 49.76 17.57 -18.66
N GLU B 121 49.99 16.31 -18.32
CA GLU B 121 49.94 15.21 -19.31
C GLU B 121 48.61 14.50 -19.19
N SER B 122 47.85 14.39 -20.28
CA SER B 122 46.50 13.83 -20.24
C SER B 122 46.32 12.71 -21.27
N TYR B 123 45.39 11.78 -21.01
CA TYR B 123 45.30 10.54 -21.77
C TYR B 123 43.89 10.04 -21.69
N ARG B 124 43.42 9.38 -22.74
CA ARG B 124 42.14 8.72 -22.73
C ARG B 124 42.49 7.27 -22.44
N VAL B 125 41.88 6.70 -21.39
CA VAL B 125 42.25 5.37 -20.92
C VAL B 125 41.03 4.51 -20.86
N LEU B 126 41.22 3.20 -20.89
CA LEU B 126 40.09 2.28 -20.86
C LEU B 126 39.10 2.50 -19.71
N SER B 127 39.57 3.01 -18.57
CA SER B 127 38.71 3.23 -17.40
C SER B 127 38.11 4.65 -17.32
N GLY B 128 38.55 5.56 -18.19
CA GLY B 128 38.02 6.92 -18.22
C GLY B 128 39.06 7.87 -18.73
N VAL B 129 39.41 8.85 -17.92
CA VAL B 129 40.39 9.80 -18.32
C VAL B 129 41.44 9.91 -17.21
N LEU B 130 42.69 10.11 -17.62
CA LEU B 130 43.84 10.19 -16.76
C LEU B 130 44.57 11.51 -16.96
N HIS B 131 44.92 12.20 -15.88
CA HIS B 131 45.57 13.47 -15.92
C HIS B 131 46.66 13.53 -14.85
N ASN B 132 47.89 13.70 -15.31
CA ASN B 132 49.04 13.85 -14.48
C ASN B 132 49.55 15.29 -14.49
N PRO B 133 49.15 16.12 -13.53
CA PRO B 133 49.59 17.51 -13.56
C PRO B 133 51.07 17.72 -13.23
N ARG B 134 51.61 18.88 -13.59
CA ARG B 134 53.03 19.18 -13.36
C ARG B 134 53.45 18.86 -11.92
N ASN B 135 52.66 19.29 -10.93
CA ASN B 135 52.86 18.91 -9.52
C ASN B 135 51.88 17.82 -9.13
N ASP B 136 52.38 16.78 -8.46
CA ASP B 136 51.59 15.57 -8.18
C ASP B 136 50.92 15.55 -6.82
N ARG B 137 51.21 16.53 -5.96
CA ARG B 137 50.61 16.59 -4.63
C ARG B 137 50.41 18.02 -4.16
N ARG B 138 49.51 18.15 -3.20
CA ARG B 138 49.20 19.38 -2.51
C ARG B 138 50.22 19.67 -1.40
N THR B 139 50.45 20.95 -1.13
CA THR B 139 51.18 21.41 0.06
C THR B 139 50.17 22.19 0.99
N THR B 140 50.56 22.36 2.24
CA THR B 140 49.84 23.25 3.14
C THR B 140 50.77 24.31 3.81
N ALA B 141 52.08 24.02 3.92
CA ALA B 141 53.05 24.92 4.55
C ALA B 141 53.26 26.16 3.65
N GLY B 142 52.92 27.33 4.19
CA GLY B 142 52.98 28.63 3.49
C GLY B 142 52.11 28.81 2.26
N VAL B 143 51.07 28.01 2.09
CA VAL B 143 50.28 28.03 0.87
C VAL B 143 49.11 29.04 0.93
N PHE B 144 48.60 29.32 2.12
CA PHE B 144 47.30 29.97 2.25
C PHE B 144 47.58 31.42 2.57
N HIS B 145 47.35 32.28 1.57
CA HIS B 145 47.61 33.72 1.67
C HIS B 145 46.30 34.50 1.65
N VAL B 146 46.24 35.59 2.39
CA VAL B 146 45.01 36.35 2.55
C VAL B 146 45.35 37.80 2.39
N ALA B 147 44.49 38.53 1.71
CA ALA B 147 44.70 39.92 1.40
C ALA B 147 44.15 40.82 2.49
N GLU B 148 44.89 41.88 2.81
CA GLU B 148 44.43 42.94 3.72
C GLU B 148 43.29 43.73 3.10
N GLY B 149 42.53 44.42 3.96
CA GLY B 149 41.40 45.23 3.53
C GLY B 149 40.06 44.52 3.65
N GLY B 150 40.07 43.34 4.26
CA GLY B 150 38.85 42.54 4.37
C GLY B 150 38.60 42.20 5.82
N LEU B 151 37.92 41.09 6.07
CA LEU B 151 37.76 40.59 7.42
C LEU B 151 39.15 40.28 8.00
N PRO B 152 39.26 40.21 9.35
CA PRO B 152 40.60 40.03 9.97
C PRO B 152 41.32 38.77 9.52
N ILE B 153 42.64 38.89 9.40
CA ILE B 153 43.46 37.77 8.95
C ILE B 153 43.77 36.84 10.17
N PRO B 154 43.60 35.52 10.03
CA PRO B 154 44.13 34.61 11.05
C PRO B 154 45.66 34.62 11.18
N ASP B 155 46.13 34.55 12.42
CA ASP B 155 47.56 34.66 12.72
C ASP B 155 48.41 33.64 11.95
N ASP B 156 47.88 32.44 11.75
CA ASP B 156 48.59 31.36 10.99
C ASP B 156 48.69 31.57 9.46
N LYS B 157 47.88 32.44 8.86
CA LYS B 157 47.99 32.69 7.43
C LYS B 157 49.06 33.71 7.12
N LYS B 158 49.43 33.81 5.84
CA LYS B 158 50.26 34.92 5.34
C LYS B 158 49.43 36.14 4.92
N ALA B 159 49.86 37.30 5.37
CA ALA B 159 49.17 38.55 5.09
C ALA B 159 49.78 39.19 3.83
N VAL B 160 48.89 39.50 2.89
CA VAL B 160 49.28 40.13 1.64
C VAL B 160 48.70 41.55 1.51
N PRO B 161 49.56 42.56 1.24
CA PRO B 161 48.98 43.90 1.05
C PRO B 161 47.97 43.99 -0.12
N ARG B 162 46.98 44.86 0.05
CA ARG B 162 45.93 45.00 -0.93
C ARG B 162 46.43 45.35 -2.35
N ASP B 163 47.40 46.24 -2.45
CA ASP B 163 48.03 46.56 -3.75
C ASP B 163 48.71 45.36 -4.46
N VAL B 164 49.33 44.49 -3.70
CA VAL B 164 50.06 43.32 -4.25
C VAL B 164 49.04 42.24 -4.69
N PHE B 165 47.94 42.11 -3.96
CA PHE B 165 46.80 41.30 -4.41
C PHE B 165 46.29 41.79 -5.76
N ALA B 166 45.99 43.08 -5.84
CA ALA B 166 45.49 43.69 -7.09
C ALA B 166 46.35 43.33 -8.30
N ARG B 167 47.67 43.42 -8.14
CA ARG B 167 48.63 43.08 -9.21
C ARG B 167 48.71 41.61 -9.53
N VAL B 168 48.55 40.74 -8.53
CA VAL B 168 48.56 39.29 -8.84
C VAL B 168 47.26 38.91 -9.52
N LEU B 169 46.13 39.49 -9.11
CA LEU B 169 44.89 39.31 -9.85
C LEU B 169 44.94 39.79 -11.32
N ALA B 170 45.68 40.89 -11.59
CA ALA B 170 45.86 41.40 -12.96
C ALA B 170 46.74 40.46 -13.78
N ALA B 171 47.85 40.00 -13.21
CA ALA B 171 48.67 38.97 -13.84
C ALA B 171 47.85 37.68 -14.11
N ALA B 172 46.96 37.33 -13.19
CA ALA B 172 46.14 36.12 -13.30
C ALA B 172 45.20 36.10 -14.50
N VAL B 173 44.63 37.25 -14.83
CA VAL B 173 43.72 37.38 -15.98
C VAL B 173 44.48 37.60 -17.32
N ASP B 174 45.79 37.83 -17.27
CA ASP B 174 46.65 37.85 -18.46
C ASP B 174 47.50 36.57 -18.51
N ALA B 175 46.89 35.46 -18.88
CA ALA B 175 47.59 34.18 -18.93
C ALA B 175 48.25 33.94 -20.29
N PRO B 176 49.49 33.39 -20.30
CA PRO B 176 50.22 33.16 -21.56
C PRO B 176 49.54 32.18 -22.49
N ASP B 177 49.99 32.18 -23.75
CA ASP B 177 49.26 31.51 -24.83
C ASP B 177 49.23 30.00 -24.70
N ASP B 178 50.35 29.41 -24.30
CA ASP B 178 50.41 27.95 -24.11
C ASP B 178 49.34 27.51 -23.13
N LEU B 179 49.23 28.25 -22.03
CA LEU B 179 48.32 27.89 -20.98
C LEU B 179 46.85 28.02 -21.40
N MSE B 180 46.62 28.96 -22.32
CA MSE B 180 45.28 29.28 -22.81
C MSE B 180 44.75 28.32 -23.87
O MSE B 180 43.57 28.35 -24.20
CB MSE B 180 45.39 30.73 -23.34
CG MSE B 180 45.65 31.68 -22.18
SE MSE B 180 43.99 32.41 -21.44
CE MSE B 180 42.73 31.08 -21.93
N THR B 181 45.61 27.46 -24.38
CA THR B 181 45.27 26.65 -25.50
C THR B 181 44.42 25.48 -25.07
N LEU B 182 43.15 25.48 -25.50
CA LEU B 182 42.27 24.33 -25.29
C LEU B 182 42.91 23.07 -25.84
N PRO B 183 42.97 21.98 -25.05
CA PRO B 183 43.60 20.77 -25.60
C PRO B 183 42.90 20.29 -26.87
N TRP B 184 41.57 20.45 -26.90
CA TRP B 184 40.69 19.98 -27.96
C TRP B 184 41.09 20.43 -29.37
N ALA B 185 41.51 21.68 -29.47
CA ALA B 185 41.97 22.27 -30.72
C ALA B 185 43.49 22.47 -30.75
N SER B 186 44.25 21.73 -29.95
CA SER B 186 45.70 21.99 -29.82
C SER B 186 46.51 21.45 -31.01
N THR B 187 45.89 20.59 -31.82
CA THR B 187 46.51 19.98 -33.01
C THR B 187 46.17 20.67 -34.34
N GLN B 188 45.29 21.67 -34.30
CA GLN B 188 44.80 22.35 -35.51
C GLN B 188 45.79 23.43 -35.93
N ALA B 189 45.56 23.97 -37.12
CA ALA B 189 46.42 24.99 -37.72
C ALA B 189 46.44 26.26 -36.89
N ASP B 190 45.25 26.77 -36.57
CA ASP B 190 45.12 27.87 -35.63
C ASP B 190 44.42 27.34 -34.34
N PRO B 191 45.21 27.00 -33.29
CA PRO B 191 44.56 26.49 -32.06
C PRO B 191 43.75 27.56 -31.31
N ALA B 192 42.52 27.23 -30.94
CA ALA B 192 41.70 28.09 -30.09
C ALA B 192 42.32 28.34 -28.69
N ARG B 193 42.18 29.56 -28.21
CA ARG B 193 42.74 30.01 -26.94
C ARG B 193 41.70 30.86 -26.22
N CYS B 194 41.19 30.37 -25.10
CA CYS B 194 40.20 31.14 -24.34
C CYS B 194 40.15 30.72 -22.90
N PHE B 195 39.50 31.54 -22.10
CA PHE B 195 39.17 31.16 -20.75
C PHE B 195 37.90 30.33 -20.83
N VAL B 196 37.84 29.29 -19.99
CA VAL B 196 36.68 28.42 -19.82
C VAL B 196 36.14 28.73 -18.46
N SER B 197 34.87 28.43 -18.25
CA SER B 197 34.23 28.80 -17.03
C SER B 197 32.98 27.96 -16.73
N LEU B 198 32.66 27.86 -15.45
CA LEU B 198 31.64 26.95 -14.94
C LEU B 198 30.90 27.63 -13.81
N LEU B 199 29.62 27.34 -13.68
CA LEU B 199 28.83 27.75 -12.55
C LEU B 199 28.64 26.55 -11.68
N LEU B 200 28.88 26.67 -10.36
CA LEU B 200 28.53 25.60 -9.41
C LEU B 200 27.54 26.10 -8.38
N ARG B 201 26.74 25.20 -7.83
CA ARG B 201 25.85 25.56 -6.73
C ARG B 201 26.05 24.63 -5.54
N PRO B 202 27.23 24.71 -4.87
CA PRO B 202 27.51 23.74 -3.80
C PRO B 202 26.61 23.95 -2.57
N VAL B 203 26.07 22.83 -2.06
CA VAL B 203 25.23 22.83 -0.85
C VAL B 203 25.96 23.38 0.41
N VAL B 204 25.28 24.28 1.13
CA VAL B 204 25.73 24.85 2.41
C VAL B 204 24.71 24.62 3.55
N VAL B 205 23.42 24.59 3.24
CA VAL B 205 22.40 24.38 4.24
C VAL B 205 21.62 23.14 3.88
N PRO B 206 21.65 22.13 4.73
CA PRO B 206 20.93 20.93 4.39
C PRO B 206 19.43 21.03 4.63
N GLU B 207 18.72 20.12 3.99
CA GLU B 207 17.30 20.05 4.12
C GLU B 207 16.97 19.32 5.40
N VAL B 208 16.04 19.84 6.17
CA VAL B 208 15.41 19.06 7.26
C VAL B 208 13.92 19.31 7.24
N PRO B 209 13.13 18.24 7.04
CA PRO B 209 11.71 18.35 6.78
C PRO B 209 10.91 19.44 7.49
N GLY B 210 10.83 19.46 8.81
CA GLY B 210 10.00 20.50 9.42
C GLY B 210 10.68 21.86 9.55
N PHE B 211 11.89 22.02 8.99
CA PHE B 211 12.81 23.02 9.50
C PHE B 211 13.54 23.86 8.46
N SER B 212 14.17 23.26 7.45
CA SER B 212 14.99 24.05 6.53
C SER B 212 14.94 23.50 5.12
N ALA B 213 14.90 24.43 4.17
CA ALA B 213 15.03 24.10 2.78
C ALA B 213 16.52 23.95 2.52
N GLU B 214 16.91 23.00 1.67
CA GLU B 214 18.28 22.98 1.19
C GLU B 214 18.57 24.33 0.55
N ARG B 215 19.73 24.89 0.83
CA ARG B 215 20.24 26.11 0.18
C ARG B 215 21.65 25.87 -0.26
N SER B 216 22.10 26.64 -1.24
CA SER B 216 23.47 26.54 -1.77
C SER B 216 23.99 27.93 -1.97
N MSE B 217 25.30 28.07 -2.09
CA MSE B 217 25.91 29.30 -2.61
C MSE B 217 26.08 29.13 -4.10
O MSE B 217 25.69 28.08 -4.66
CB MSE B 217 27.28 29.60 -1.94
CG MSE B 217 28.36 28.63 -2.33
SE MSE B 217 30.02 28.89 -1.32
CE MSE B 217 30.67 30.69 -1.73
N GLU B 218 26.68 30.11 -4.77
CA GLU B 218 27.04 29.98 -6.18
C GLU B 218 28.54 30.22 -6.33
N ILE B 219 29.20 29.43 -7.17
CA ILE B 219 30.62 29.64 -7.41
C ILE B 219 30.85 29.66 -8.89
N ARG B 220 31.75 30.56 -9.28
CA ARG B 220 32.16 30.67 -10.63
C ARG B 220 33.60 30.24 -10.74
N PHE B 221 33.80 29.11 -11.42
CA PHE B 221 35.14 28.65 -11.70
C PHE B 221 35.56 29.16 -13.06
N ILE B 222 36.69 29.86 -13.10
CA ILE B 222 37.26 30.39 -14.30
C ILE B 222 38.66 29.88 -14.47
N ALA B 223 39.06 29.54 -15.69
CA ALA B 223 40.36 28.92 -15.93
C ALA B 223 40.78 29.12 -17.38
N PRO B 224 42.11 29.21 -17.64
CA PRO B 224 42.67 29.08 -18.98
C PRO B 224 42.37 27.74 -19.62
N GLY B 225 42.06 27.73 -20.91
CA GLY B 225 41.64 26.54 -21.62
C GLY B 225 42.54 25.35 -21.48
N GLY B 226 43.84 25.59 -21.36
CA GLY B 226 44.80 24.52 -21.04
C GLY B 226 44.45 23.66 -19.82
N LEU B 227 43.68 24.22 -18.87
CA LEU B 227 43.29 23.58 -17.61
C LEU B 227 41.80 23.27 -17.54
N VAL B 228 41.24 22.85 -18.64
CA VAL B 228 39.81 22.49 -18.67
C VAL B 228 39.55 21.15 -17.93
N SER B 229 40.58 20.28 -17.85
CA SER B 229 40.52 19.07 -16.98
C SER B 229 40.06 19.44 -15.55
N ASN B 230 40.59 20.55 -15.02
CA ASN B 230 40.19 21.02 -13.68
C ASN B 230 38.71 21.33 -13.52
N LEU B 231 38.06 21.75 -14.59
CA LEU B 231 36.62 22.03 -14.55
C LEU B 231 35.81 20.78 -14.63
N ASP B 232 36.29 19.85 -15.44
CA ASP B 232 35.70 18.52 -15.51
C ASP B 232 35.72 17.95 -14.11
N PHE B 233 36.86 18.14 -13.45
CA PHE B 233 37.05 17.67 -12.08
C PHE B 233 35.95 18.17 -11.14
N VAL B 234 35.87 19.49 -10.98
CA VAL B 234 34.88 20.07 -10.03
C VAL B 234 33.41 19.83 -10.41
N GLU B 235 33.13 19.75 -11.71
CA GLU B 235 31.77 19.53 -12.21
C GLU B 235 31.26 18.18 -11.80
N GLY B 236 32.12 17.17 -11.87
CA GLY B 236 31.72 15.81 -11.40
C GLY B 236 31.44 15.77 -9.91
N ILE B 237 32.21 16.53 -9.13
CA ILE B 237 32.06 16.49 -7.67
C ILE B 237 30.82 17.28 -7.23
N PHE B 238 30.71 18.53 -7.68
CA PHE B 238 29.61 19.41 -7.27
C PHE B 238 28.43 19.68 -8.25
N GLY B 239 28.38 18.99 -9.39
CA GLY B 239 27.32 19.21 -10.39
C GLY B 239 27.50 20.43 -11.31
N ASN B 240 26.89 20.38 -12.49
CA ASN B 240 26.89 21.54 -13.43
C ASN B 240 25.68 22.42 -13.18
N GLY B 241 25.93 23.70 -12.91
CA GLY B 241 24.87 24.62 -12.57
C GLY B 241 24.12 25.19 -13.76
N GLY B 242 24.64 24.97 -14.96
CA GLY B 242 24.06 25.48 -16.20
C GLY B 242 24.62 26.81 -16.67
N ASP B 243 23.92 27.42 -17.63
CA ASP B 243 24.37 28.67 -18.24
C ASP B 243 24.07 29.82 -17.26
N PRO B 244 25.11 30.50 -16.79
CA PRO B 244 24.88 31.53 -15.76
C PRO B 244 24.09 32.75 -16.27
N TYR B 245 24.16 32.95 -17.61
CA TYR B 245 23.45 34.05 -18.29
C TYR B 245 21.93 33.86 -18.34
N LEU B 246 21.39 32.67 -18.09
CA LEU B 246 19.92 32.50 -17.93
C LEU B 246 19.43 32.89 -16.52
N PRO B 247 18.32 33.62 -16.44
CA PRO B 247 17.59 33.84 -15.19
C PRO B 247 17.00 32.60 -14.50
N GLU B 248 16.87 31.48 -15.19
CA GLU B 248 16.56 30.24 -14.48
C GLU B 248 17.66 29.86 -13.47
N ASN B 249 18.91 30.25 -13.77
CA ASN B 249 20.14 29.90 -13.04
C ASN B 249 20.83 31.11 -12.36
N ASP B 250 20.07 32.18 -12.18
CA ASP B 250 20.56 33.33 -11.43
C ASP B 250 19.97 33.13 -10.03
N ALA B 251 20.90 33.17 -9.09
CA ALA B 251 20.68 32.76 -7.72
C ALA B 251 19.73 33.69 -7.01
N SER B 252 19.94 34.98 -7.27
CA SER B 252 19.12 36.05 -6.65
C SER B 252 17.66 35.88 -6.94
N LEU B 253 17.34 35.33 -8.11
CA LEU B 253 15.95 35.10 -8.52
C LEU B 253 15.29 33.84 -7.95
N ALA B 254 16.04 32.93 -7.33
CA ALA B 254 15.43 31.85 -6.53
C ALA B 254 15.99 31.94 -5.08
N PRO B 255 15.69 33.06 -4.39
CA PRO B 255 16.31 33.31 -3.09
C PRO B 255 16.02 32.22 -2.06
N GLU B 256 14.84 31.60 -2.13
CA GLU B 256 14.42 30.55 -1.19
C GLU B 256 15.44 29.43 -1.00
N SER B 257 16.34 29.30 -1.97
CA SER B 257 17.35 28.26 -1.99
C SER B 257 18.76 28.79 -2.17
N TRP B 258 19.03 30.06 -1.86
CA TRP B 258 20.45 30.46 -1.66
C TRP B 258 20.80 31.20 -0.35
N THR B 259 22.10 31.25 -0.11
CA THR B 259 22.69 31.75 1.11
C THR B 259 22.95 33.22 1.02
N GLY B 260 22.87 33.76 -0.18
CA GLY B 260 23.17 35.18 -0.44
C GLY B 260 24.58 35.40 -0.90
N HIS B 261 25.36 34.32 -1.06
CA HIS B 261 26.81 34.47 -1.17
C HIS B 261 27.32 33.95 -2.50
N THR B 262 28.43 34.53 -2.94
CA THR B 262 28.96 34.22 -4.22
C THR B 262 30.44 34.04 -4.09
N GLY B 263 30.98 33.05 -4.78
CA GLY B 263 32.42 32.84 -4.78
C GLY B 263 32.96 32.83 -6.17
N CYS B 264 34.27 33.06 -6.28
CA CYS B 264 35.00 32.97 -7.52
C CYS B 264 36.36 32.28 -7.36
N VAL B 265 36.71 31.39 -8.30
CA VAL B 265 38.01 30.73 -8.31
C VAL B 265 38.67 30.88 -9.66
N ILE B 266 39.93 31.28 -9.65
CA ILE B 266 40.69 31.54 -10.84
C ILE B 266 41.99 30.73 -10.79
N LEU B 267 42.22 29.84 -11.76
CA LEU B 267 43.46 29.08 -11.83
C LEU B 267 44.50 29.85 -12.61
N ALA B 268 45.72 29.92 -12.08
CA ALA B 268 46.76 30.74 -12.63
C ALA B 268 48.18 30.28 -12.27
N PRO B 269 48.57 29.07 -12.71
CA PRO B 269 49.88 28.47 -12.36
C PRO B 269 51.12 29.21 -12.82
N HIS B 270 50.98 30.09 -13.81
CA HIS B 270 52.06 30.94 -14.29
C HIS B 270 52.54 31.97 -13.29
N LEU B 271 51.75 32.21 -12.23
CA LEU B 271 52.07 33.23 -11.21
C LEU B 271 53.24 32.89 -10.28
N THR B 272 53.68 31.64 -10.30
CA THR B 272 54.85 31.22 -9.53
C THR B 272 56.16 31.65 -10.20
N ARG B 273 56.07 32.39 -11.32
CA ARG B 273 57.22 32.96 -12.01
C ARG B 273 57.48 34.41 -11.58
N LEU B 274 56.47 35.09 -11.04
CA LEU B 274 56.61 36.51 -10.69
C LEU B 274 57.52 36.75 -9.50
N THR B 275 58.22 37.89 -9.47
CA THR B 275 59.08 38.26 -8.34
C THR B 275 58.31 39.12 -7.36
N LYS B 276 58.82 39.10 -6.13
CA LYS B 276 58.25 39.87 -5.03
C LYS B 276 58.42 41.37 -5.30
N LYS B 277 59.58 41.78 -5.83
CA LYS B 277 59.80 43.19 -6.13
C LYS B 277 58.75 43.72 -7.10
N GLU B 278 58.57 43.00 -8.21
CA GLU B 278 57.68 43.39 -9.30
C GLU B 278 56.19 43.55 -8.88
N LEU B 279 55.77 42.87 -7.82
CA LEU B 279 54.39 43.00 -7.31
C LEU B 279 54.24 44.10 -6.26
N GLY B 280 55.35 44.74 -5.89
CA GLY B 280 55.30 45.91 -5.04
C GLY B 280 55.43 45.61 -3.56
N LEU B 281 55.91 44.42 -3.21
CA LEU B 281 56.31 44.10 -1.85
C LEU B 281 57.54 44.89 -1.43
N PRO B 282 57.68 45.16 -0.12
CA PRO B 282 58.81 45.96 0.33
C PRO B 282 60.09 45.13 0.43
N ALA B 283 61.24 45.80 0.27
CA ALA B 283 62.53 45.19 0.57
C ALA B 283 62.61 44.89 2.07
N TRP B 284 63.44 43.91 2.42
CA TRP B 284 63.61 43.42 3.81
C TRP B 284 63.74 44.53 4.85
N GLU B 285 64.56 45.55 4.55
CA GLU B 285 64.82 46.65 5.50
C GLU B 285 63.58 47.49 5.85
N GLU B 286 62.66 47.64 4.91
CA GLU B 286 61.40 48.41 5.12
C GLU B 286 60.22 47.52 5.60
N ALA B 287 60.45 46.23 5.87
CA ALA B 287 59.36 45.30 6.18
C ALA B 287 59.14 45.10 7.69
N THR B 288 57.87 44.95 8.08
CA THR B 288 57.49 44.66 9.48
C THR B 288 57.99 43.27 9.90
N GLU B 289 58.00 43.00 11.22
CA GLU B 289 58.29 41.66 11.73
C GLU B 289 57.37 40.59 11.07
N ARG B 290 56.09 40.93 10.89
CA ARG B 290 55.10 40.03 10.31
C ARG B 290 55.39 39.71 8.83
N GLN B 291 55.58 40.78 8.06
CA GLN B 291 55.99 40.64 6.68
C GLN B 291 57.25 39.79 6.54
N ARG B 292 58.18 39.89 7.49
CA ARG B 292 59.40 39.06 7.44
C ARG B 292 59.15 37.63 7.88
N ARG B 293 58.20 37.42 8.78
CA ARG B 293 57.76 36.06 9.14
C ARG B 293 57.13 35.36 7.94
N ASP B 294 56.27 36.07 7.24
CA ASP B 294 55.57 35.54 6.08
C ASP B 294 56.38 35.44 4.78
N GLY B 295 57.66 35.84 4.76
CA GLY B 295 58.39 35.93 3.50
C GLY B 295 57.82 36.97 2.52
N MSE B 296 57.10 37.99 3.02
CA MSE B 296 56.40 38.99 2.17
C MSE B 296 57.27 40.22 2.06
O MSE B 296 56.82 41.36 2.30
CB MSE B 296 55.00 39.31 2.68
CG MSE B 296 54.10 38.09 2.54
SE MSE B 296 53.41 37.89 0.70
CE MSE B 296 54.06 36.07 0.34
N CYS B 297 58.53 39.98 1.71
CA CYS B 297 59.54 41.01 1.52
C CYS B 297 60.72 40.33 0.85
N TRP B 298 61.67 41.12 0.36
CA TRP B 298 62.77 40.57 -0.41
C TRP B 298 64.09 41.18 -0.06
N ARG B 299 65.08 40.33 0.03
CA ARG B 299 66.48 40.69 0.13
C ARG B 299 67.17 40.77 -1.23
N GLY B 300 66.59 40.13 -2.25
CA GLY B 300 67.15 40.11 -3.60
C GLY B 300 66.07 40.50 -4.60
N ALA B 301 66.44 41.26 -5.63
CA ALA B 301 65.49 41.68 -6.67
C ALA B 301 64.84 40.49 -7.37
N ASP B 302 65.60 39.40 -7.50
CA ASP B 302 65.14 38.18 -8.18
C ASP B 302 64.26 37.22 -7.34
N GLU B 303 64.03 37.50 -6.05
CA GLU B 303 63.27 36.57 -5.21
C GLU B 303 61.85 36.38 -5.79
N LEU B 304 61.51 35.11 -5.98
CA LEU B 304 60.21 34.74 -6.51
C LEU B 304 59.16 34.84 -5.40
N TYR B 305 57.93 35.19 -5.77
CA TYR B 305 56.81 35.24 -4.84
C TYR B 305 56.53 33.86 -4.28
N ASN B 306 56.48 33.76 -2.95
CA ASN B 306 56.33 32.48 -2.22
C ASN B 306 57.49 31.53 -2.53
N ASP B 307 58.65 32.11 -2.84
CA ASP B 307 59.84 31.37 -3.27
C ASP B 307 59.59 30.41 -4.42
N GLY B 308 58.73 30.83 -5.35
CA GLY B 308 58.38 30.03 -6.53
C GLY B 308 57.47 28.84 -6.31
N LYS B 309 56.87 28.73 -5.13
CA LYS B 309 56.10 27.54 -4.78
C LYS B 309 54.60 27.86 -4.87
N ALA B 310 53.79 26.82 -4.95
CA ALA B 310 52.35 26.95 -5.08
C ALA B 310 51.71 27.68 -3.87
N PHE B 311 50.70 28.50 -4.16
CA PHE B 311 49.98 29.20 -3.13
C PHE B 311 48.56 29.41 -3.57
N LYS B 312 47.74 29.88 -2.65
CA LYS B 312 46.45 30.44 -3.00
C LYS B 312 46.26 31.76 -2.27
N LEU B 313 45.66 32.73 -2.97
CA LEU B 313 45.48 34.09 -2.49
C LEU B 313 44.00 34.37 -2.45
N VAL B 314 43.50 34.70 -1.28
CA VAL B 314 42.08 34.88 -1.09
C VAL B 314 41.80 36.33 -0.79
N ALA B 315 40.65 36.85 -1.27
CA ALA B 315 40.10 38.13 -0.78
C ALA B 315 38.66 37.96 -0.44
N ARG B 316 38.26 38.54 0.69
CA ARG B 316 36.89 38.39 1.19
C ARG B 316 36.60 39.30 2.36
N ASP B 317 35.31 39.55 2.62
CA ASP B 317 34.90 40.32 3.78
C ASP B 317 33.44 40.01 4.11
N GLU B 318 32.75 40.86 4.88
CA GLU B 318 31.39 40.55 5.34
C GLU B 318 30.32 40.61 4.27
N ARG B 319 30.66 41.17 3.10
CA ARG B 319 29.66 41.34 2.02
C ARG B 319 29.20 40.06 1.35
N GLY B 320 29.96 38.98 1.50
CA GLY B 320 29.48 37.65 1.10
C GLY B 320 30.00 37.18 -0.23
N VAL B 321 31.14 37.74 -0.64
CA VAL B 321 31.80 37.26 -1.84
C VAL B 321 33.28 37.04 -1.62
N ILE B 322 33.72 35.88 -2.06
CA ILE B 322 35.04 35.39 -1.75
C ILE B 322 35.71 35.11 -3.09
N VAL B 323 36.92 35.57 -3.26
CA VAL B 323 37.60 35.46 -4.53
C VAL B 323 38.95 34.81 -4.32
N THR B 324 39.19 33.66 -4.92
CA THR B 324 40.46 32.97 -4.72
C THR B 324 41.20 32.77 -6.01
N ILE B 325 42.50 33.08 -5.99
CA ILE B 325 43.41 32.75 -7.06
C ILE B 325 44.27 31.56 -6.62
N ILE B 326 44.39 30.53 -7.47
CA ILE B 326 45.24 29.36 -7.20
C ILE B 326 46.41 29.30 -8.17
N ALA B 327 47.63 29.36 -7.68
CA ALA B 327 48.80 29.29 -8.55
C ALA B 327 49.31 27.85 -8.76
N ASP B 328 48.40 26.92 -9.05
CA ASP B 328 48.76 25.53 -9.37
C ASP B 328 47.51 24.82 -9.88
N ASN B 329 47.69 23.79 -10.68
CA ASN B 329 46.59 23.08 -11.29
C ASN B 329 46.41 21.65 -10.80
N TYR B 330 47.00 21.32 -9.66
CA TYR B 330 46.79 20.00 -9.05
C TYR B 330 45.37 19.98 -8.50
N TYR B 331 44.65 18.90 -8.76
CA TYR B 331 43.18 18.92 -8.71
C TYR B 331 42.67 19.08 -7.29
N GLY B 332 43.48 18.64 -6.33
CA GLY B 332 43.17 18.76 -4.92
C GLY B 332 42.88 20.17 -4.52
N TYR B 333 43.70 21.13 -4.98
CA TYR B 333 43.49 22.53 -4.55
C TYR B 333 42.11 23.02 -4.98
N CYS B 334 41.59 22.50 -6.09
CA CYS B 334 40.28 22.94 -6.60
C CYS B 334 39.13 22.51 -5.70
N LYS B 335 39.14 21.22 -5.39
CA LYS B 335 38.26 20.59 -4.39
C LYS B 335 38.31 21.34 -3.01
N LYS B 336 39.50 21.67 -2.55
CA LYS B 336 39.63 22.26 -1.20
C LYS B 336 39.34 23.75 -1.20
N GLU B 337 39.38 24.38 -2.37
CA GLU B 337 38.91 25.75 -2.43
C GLU B 337 37.38 25.82 -2.44
N VAL B 338 36.68 24.89 -3.06
CA VAL B 338 35.22 24.84 -2.89
C VAL B 338 34.89 24.71 -1.40
N LYS B 339 35.56 23.75 -0.73
CA LYS B 339 35.43 23.57 0.71
C LYS B 339 35.58 24.86 1.45
N THR B 340 36.70 25.54 1.24
CA THR B 340 36.97 26.81 1.90
C THR B 340 35.85 27.82 1.68
N GLN B 341 35.38 27.90 0.44
CA GLN B 341 34.36 28.86 0.08
C GLN B 341 33.03 28.42 0.68
N ILE B 342 32.74 27.13 0.67
CA ILE B 342 31.55 26.65 1.38
C ILE B 342 31.63 27.05 2.88
N SER B 343 32.82 26.91 3.49
CA SER B 343 33.03 27.20 4.90
C SER B 343 32.86 28.67 5.18
N TYR B 344 33.37 29.51 4.29
CA TYR B 344 33.04 30.94 4.32
C TYR B 344 31.51 31.24 4.36
N SER B 345 30.75 30.62 3.47
CA SER B 345 29.35 30.87 3.36
C SER B 345 28.63 30.42 4.65
N ALA B 346 28.98 29.26 5.15
CA ALA B 346 28.43 28.75 6.43
C ALA B 346 28.65 29.71 7.58
N ASN B 347 29.86 30.24 7.68
CA ASN B 347 30.20 31.20 8.73
C ASN B 347 29.30 32.44 8.68
N LEU B 348 29.04 32.96 7.47
CA LEU B 348 28.21 34.17 7.29
C LEU B 348 26.71 33.92 7.25
N PHE B 349 26.29 32.68 7.01
CA PHE B 349 24.87 32.41 6.99
C PHE B 349 24.26 32.24 8.40
N GLY B 350 25.02 31.64 9.32
CA GLY B 350 24.55 31.33 10.66
C GLY B 350 23.81 30.02 10.66
N CYS B 351 23.62 29.44 11.85
CA CYS B 351 22.90 28.17 12.04
C CYS B 351 23.55 26.89 11.49
N VAL B 352 24.56 27.02 10.64
CA VAL B 352 25.13 25.86 9.99
C VAL B 352 26.62 25.83 10.20
N GLU B 353 27.20 24.66 9.94
CA GLU B 353 28.65 24.49 9.90
C GLU B 353 29.03 23.74 8.62
N GLU B 354 30.19 24.10 8.09
CA GLU B 354 30.96 23.20 7.25
C GLU B 354 32.00 22.46 8.14
N GLU B 355 32.16 21.15 7.95
CA GLU B 355 33.10 20.32 8.72
C GLU B 355 33.86 19.41 7.79
N HIS B 356 35.08 19.06 8.20
CA HIS B 356 35.93 18.07 7.59
C HIS B 356 35.63 16.74 8.36
N SER B 357 34.76 15.87 7.84
CA SER B 357 34.29 14.74 8.61
C SER B 357 33.71 13.62 7.83
N GLY B 358 33.72 12.46 8.46
CA GLY B 358 33.12 11.23 7.91
C GLY B 358 31.85 10.82 8.67
N GLY B 359 31.14 9.80 8.21
CA GLY B 359 29.97 9.35 8.94
C GLY B 359 29.24 8.20 8.31
N ALA B 360 28.38 7.58 9.07
CA ALA B 360 27.57 6.51 8.52
C ALA B 360 26.41 6.27 9.40
N LEU B 361 25.37 5.72 8.80
CA LEU B 361 24.17 5.35 9.51
C LEU B 361 24.25 3.85 9.57
N ALA B 362 24.26 3.28 10.78
CA ALA B 362 24.50 1.88 10.94
C ALA B 362 23.33 1.13 11.53
N PHE B 363 23.01 -0.01 10.91
CA PHE B 363 21.97 -0.90 11.34
C PHE B 363 22.57 -2.22 11.80
N PRO B 364 22.37 -2.57 13.05
CA PRO B 364 23.00 -3.78 13.50
C PRO B 364 22.58 -4.99 12.66
N ARG B 365 23.53 -5.91 12.42
CA ARG B 365 23.21 -7.16 11.78
C ARG B 365 23.58 -8.38 12.55
N TYR B 366 23.01 -9.52 12.14
CA TYR B 366 23.10 -10.78 12.86
C TYR B 366 23.20 -11.91 11.89
N ASN B 367 23.88 -12.96 12.31
CA ASN B 367 24.02 -14.15 11.52
C ASN B 367 23.05 -15.10 12.13
N LEU B 368 21.95 -15.34 11.43
CA LEU B 368 20.85 -16.13 11.97
C LEU B 368 20.93 -17.60 11.69
N GLY B 369 22.00 -18.05 11.02
CA GLY B 369 22.22 -19.46 10.76
C GLY B 369 21.38 -19.91 9.59
N GLN B 370 20.99 -21.17 9.69
CA GLN B 370 20.16 -21.86 8.70
C GLN B 370 18.65 -21.72 8.98
N GLU B 371 18.27 -21.52 10.24
CA GLU B 371 16.87 -21.62 10.69
C GLU B 371 16.56 -20.49 11.66
N TYR B 372 15.56 -19.67 11.37
CA TYR B 372 15.28 -18.54 12.24
C TYR B 372 13.81 -18.19 12.30
N THR B 373 13.30 -17.98 13.51
CA THR B 373 11.95 -17.53 13.70
C THR B 373 12.03 -16.10 14.14
N ASP B 374 11.26 -15.24 13.50
CA ASP B 374 11.27 -13.85 13.89
C ASP B 374 10.75 -13.68 15.34
N VAL B 375 11.50 -12.94 16.16
CA VAL B 375 11.13 -12.63 17.54
C VAL B 375 11.37 -11.13 17.89
N HIS B 376 11.45 -10.23 16.90
CA HIS B 376 11.76 -8.80 17.17
C HIS B 376 10.74 -7.87 16.60
N THR B 377 9.58 -8.39 16.22
CA THR B 377 8.47 -7.52 15.86
C THR B 377 7.74 -7.15 17.17
N PRO B 378 7.64 -5.84 17.49
CA PRO B 378 6.90 -5.48 18.69
C PRO B 378 5.40 -5.71 18.45
N ALA B 379 4.73 -6.17 19.51
CA ALA B 379 3.28 -6.38 19.51
C ALA B 379 2.65 -5.04 19.13
N GLY B 380 1.67 -5.10 18.23
CA GLY B 380 1.13 -3.88 17.66
C GLY B 380 1.51 -3.77 16.21
N ALA B 381 2.79 -4.06 15.90
CA ALA B 381 3.24 -4.11 14.51
C ALA B 381 2.77 -5.41 13.78
N THR B 382 2.04 -5.20 12.66
CA THR B 382 1.31 -6.28 11.93
C THR B 382 1.28 -5.88 10.45
N VAL B 383 1.19 -6.90 9.59
CA VAL B 383 1.04 -6.71 8.14
C VAL B 383 -0.13 -5.76 7.81
N GLU B 384 -1.26 -5.97 8.50
CA GLU B 384 -2.50 -5.20 8.35
C GLU B 384 -2.24 -3.73 8.60
N ARG B 385 -1.55 -3.45 9.70
CA ARG B 385 -1.31 -2.08 10.11
C ARG B 385 -0.41 -1.36 9.10
N VAL B 386 0.60 -2.09 8.60
CA VAL B 386 1.53 -1.55 7.60
C VAL B 386 0.76 -1.19 6.35
N LEU B 387 -0.04 -2.16 5.90
CA LEU B 387 -0.88 -1.99 4.74
C LEU B 387 -1.85 -0.83 4.88
N ALA B 388 -2.44 -0.70 6.07
CA ALA B 388 -3.38 0.38 6.32
C ALA B 388 -2.69 1.75 6.38
N ARG B 389 -1.45 1.83 6.86
CA ARG B 389 -0.72 3.14 6.84
C ARG B 389 -0.21 3.54 5.49
N ASN B 390 -0.14 2.57 4.57
CA ASN B 390 0.26 2.79 3.18
C ASN B 390 -0.78 2.27 2.21
N PRO B 391 -1.91 2.98 2.09
CA PRO B 391 -2.83 2.66 0.98
C PRO B 391 -2.14 2.72 -0.42
N GLY B 392 -2.46 1.75 -1.28
CA GLY B 392 -1.96 1.68 -2.64
C GLY B 392 -0.46 1.43 -2.90
N ARG B 393 0.34 1.18 -1.87
CA ARG B 393 1.76 0.94 -2.07
C ARG B 393 2.07 -0.53 -2.20
N PHE B 394 1.19 -1.37 -1.67
CA PHE B 394 1.40 -2.81 -1.53
C PHE B 394 0.39 -3.63 -2.36
N GLU B 395 0.72 -4.89 -2.59
CA GLU B 395 -0.22 -5.87 -3.11
C GLU B 395 -0.26 -6.98 -2.09
N ALA B 396 -1.37 -7.05 -1.37
CA ALA B 396 -1.64 -8.09 -0.37
C ALA B 396 -1.88 -9.46 -1.04
N ARG B 397 -1.33 -10.51 -0.45
CA ARG B 397 -1.41 -11.87 -0.99
C ARG B 397 -2.30 -12.67 -0.11
N ALA B 398 -2.94 -13.65 -0.69
CA ALA B 398 -3.84 -14.57 0.04
C ALA B 398 -3.19 -15.18 1.29
N ASP B 399 -1.91 -15.52 1.19
CA ASP B 399 -1.22 -16.22 2.28
C ASP B 399 -0.93 -15.37 3.56
N GLY B 400 -1.07 -14.05 3.49
CA GLY B 400 -0.69 -13.15 4.59
C GLY B 400 0.53 -12.27 4.30
N SER B 401 1.35 -12.66 3.32
CA SER B 401 2.43 -11.80 2.83
C SER B 401 1.91 -10.60 1.94
N ALA B 402 2.80 -9.70 1.61
CA ALA B 402 2.52 -8.59 0.69
C ALA B 402 3.80 -8.16 0.02
N VAL B 403 3.64 -7.46 -1.10
CA VAL B 403 4.81 -7.02 -1.87
C VAL B 403 4.63 -5.56 -2.28
N LEU B 404 5.72 -4.81 -2.40
CA LEU B 404 5.65 -3.43 -2.89
C LEU B 404 5.32 -3.38 -4.35
N LEU B 405 4.66 -2.31 -4.75
CA LEU B 405 4.30 -2.03 -6.14
C LEU B 405 5.34 -1.13 -6.83
N ASP B 406 5.59 -1.40 -8.13
CA ASP B 406 6.47 -0.61 -8.99
C ASP B 406 5.92 0.79 -9.13
N ASP B 407 6.83 1.71 -9.46
CA ASP B 407 6.50 3.03 -10.03
C ASP B 407 5.34 2.96 -11.09
N ASP B 408 5.30 1.87 -11.86
CA ASP B 408 4.27 1.60 -12.89
C ASP B 408 3.03 0.74 -12.46
N GLY B 409 2.80 0.52 -11.16
CA GLY B 409 1.60 -0.22 -10.66
C GLY B 409 1.64 -1.75 -10.60
N ARG B 410 2.71 -2.39 -11.12
CA ARG B 410 2.88 -3.86 -11.12
C ARG B 410 3.80 -4.29 -9.94
N PRO B 411 3.51 -5.43 -9.28
CA PRO B 411 4.29 -5.79 -8.08
C PRO B 411 5.77 -6.04 -8.33
N ASP B 412 6.63 -5.65 -7.36
CA ASP B 412 8.09 -5.93 -7.38
C ASP B 412 8.40 -7.05 -6.39
N GLU B 413 8.68 -8.24 -6.94
CA GLU B 413 8.94 -9.44 -6.13
C GLU B 413 10.24 -9.38 -5.27
N GLY B 414 11.12 -8.38 -5.52
CA GLY B 414 12.38 -8.21 -4.78
C GLY B 414 12.30 -7.94 -3.27
N ILE B 415 11.15 -7.47 -2.80
CA ILE B 415 10.94 -7.18 -1.42
C ILE B 415 9.61 -7.76 -0.96
N VAL B 416 9.67 -8.69 -0.02
CA VAL B 416 8.49 -9.37 0.48
C VAL B 416 8.22 -9.09 1.98
N LEU B 417 7.15 -8.34 2.28
CA LEU B 417 6.67 -8.11 3.65
C LEU B 417 6.04 -9.40 4.20
N VAL B 418 6.47 -9.86 5.35
CA VAL B 418 5.97 -11.15 5.90
C VAL B 418 5.42 -10.98 7.34
N PRO B 419 4.61 -11.94 7.82
CA PRO B 419 4.03 -11.68 9.15
C PRO B 419 5.02 -11.77 10.30
N ALA B 420 4.71 -11.05 11.36
CA ALA B 420 5.38 -11.22 12.63
C ALA B 420 5.38 -12.68 13.00
N GLY B 421 6.51 -13.14 13.50
CA GLY B 421 6.66 -14.54 13.89
C GLY B 421 6.94 -15.51 12.76
N ALA B 422 7.13 -15.05 11.51
CA ALA B 422 7.54 -15.92 10.37
C ALA B 422 8.83 -16.73 10.65
N HIS B 423 8.90 -17.95 10.09
CA HIS B 423 10.07 -18.83 10.21
C HIS B 423 10.80 -18.94 8.88
N PHE B 424 12.13 -18.92 8.90
CA PHE B 424 12.97 -18.87 7.66
C PHE B 424 13.88 -20.05 7.67
N SER B 425 13.87 -20.84 6.58
CA SER B 425 14.60 -22.12 6.60
C SER B 425 15.39 -22.28 5.34
N MSE B 426 16.71 -22.37 5.48
CA MSE B 426 17.58 -22.66 4.36
C MSE B 426 17.56 -24.12 3.97
O MSE B 426 18.06 -24.47 2.91
CB MSE B 426 19.05 -22.33 4.66
CG MSE B 426 19.32 -20.91 5.08
SE MSE B 426 19.17 -19.72 3.54
CE MSE B 426 20.87 -20.21 2.72
N ARG B 427 17.05 -25.00 4.84
CA ARG B 427 16.93 -26.43 4.53
C ARG B 427 15.78 -26.68 3.56
N THR B 428 14.62 -26.13 3.86
CA THR B 428 13.48 -26.17 2.92
C THR B 428 13.48 -25.00 1.93
N GLN B 429 14.33 -24.00 2.12
CA GLN B 429 14.34 -22.76 1.29
C GLN B 429 12.94 -22.14 1.23
N THR B 430 12.28 -22.04 2.39
CA THR B 430 10.96 -21.40 2.50
C THR B 430 10.76 -20.56 3.74
N VAL B 431 10.01 -19.48 3.57
CA VAL B 431 9.41 -18.76 4.68
C VAL B 431 7.99 -19.34 4.98
N THR B 432 7.79 -19.80 6.22
CA THR B 432 6.53 -20.35 6.70
C THR B 432 5.95 -19.58 7.90
N TRP B 433 4.64 -19.73 8.10
CA TRP B 433 3.97 -19.22 9.27
C TRP B 433 2.62 -19.89 9.40
N ASP B 434 2.09 -19.93 10.63
CA ASP B 434 0.77 -20.51 10.83
C ASP B 434 -0.31 -19.51 10.60
N ARG B 435 -1.44 -20.03 10.15
CA ARG B 435 -2.64 -19.28 9.92
C ARG B 435 -3.63 -19.71 11.04
N ALA B 436 -4.54 -18.81 11.39
CA ALA B 436 -5.70 -19.11 12.26
C ALA B 436 -6.43 -20.43 11.87
N ASP B 437 -6.56 -20.70 10.58
CA ASP B 437 -7.20 -21.94 10.06
C ASP B 437 -6.30 -23.21 10.15
N GLY B 438 -5.06 -23.06 10.59
CA GLY B 438 -4.13 -24.15 10.70
C GLY B 438 -3.40 -24.60 9.43
N ARG B 439 -3.75 -24.04 8.25
CA ARG B 439 -3.14 -24.44 6.94
C ARG B 439 -1.60 -24.37 6.82
N GLU B 440 -0.91 -23.53 7.59
CA GLU B 440 0.53 -23.19 7.32
C GLU B 440 0.92 -22.64 5.91
N ALA B 441 1.19 -21.33 5.85
CA ALA B 441 1.53 -20.70 4.59
C ALA B 441 3.01 -20.94 4.34
N SER B 442 3.44 -20.78 3.08
CA SER B 442 4.81 -21.09 2.67
C SER B 442 5.18 -20.45 1.35
N ILE B 443 6.15 -19.55 1.36
CA ILE B 443 6.66 -18.95 0.13
C ILE B 443 8.11 -19.31 -0.04
N PRO B 444 8.65 -19.17 -1.28
CA PRO B 444 10.06 -19.53 -1.48
C PRO B 444 10.98 -18.58 -0.76
N LEU B 445 12.04 -19.12 -0.15
CA LEU B 445 13.15 -18.29 0.36
C LEU B 445 14.27 -18.29 -0.72
N LEU B 446 14.51 -17.13 -1.35
CA LEU B 446 15.41 -17.04 -2.49
C LEU B 446 16.46 -15.98 -2.26
N ALA B 447 17.68 -16.27 -2.75
CA ALA B 447 18.86 -15.42 -2.54
C ALA B 447 18.72 -14.02 -3.05
N ASP B 448 18.03 -13.83 -4.16
CA ASP B 448 17.93 -12.46 -4.70
C ASP B 448 16.77 -11.60 -4.09
N ARG B 449 16.14 -12.09 -3.02
CA ARG B 449 15.06 -11.35 -2.34
C ARG B 449 15.44 -10.85 -0.93
N VAL B 450 14.71 -9.86 -0.47
CA VAL B 450 14.80 -9.36 0.90
C VAL B 450 13.45 -9.47 1.61
N TYR B 451 13.40 -10.23 2.67
CA TYR B 451 12.18 -10.47 3.43
C TYR B 451 12.17 -9.52 4.65
N ILE B 452 11.08 -8.81 4.87
CA ILE B 452 11.03 -7.81 5.94
C ILE B 452 9.73 -7.97 6.76
N ALA B 453 9.88 -7.98 8.08
CA ALA B 453 8.79 -8.17 9.01
C ALA B 453 8.18 -6.80 9.32
N PRO B 454 7.02 -6.76 10.00
CA PRO B 454 6.25 -5.52 9.99
C PRO B 454 6.80 -4.35 10.81
N GLY B 455 7.75 -4.63 11.71
CA GLY B 455 8.48 -3.59 12.45
C GLY B 455 9.81 -3.16 11.84
N GLY B 456 10.12 -3.69 10.64
CA GLY B 456 11.24 -3.18 9.82
C GLY B 456 12.50 -4.03 9.80
N TYR B 457 12.52 -5.10 10.60
CA TYR B 457 13.63 -6.01 10.70
C TYR B 457 13.69 -6.88 9.42
N ARG B 458 14.84 -6.87 8.73
CA ARG B 458 15.00 -7.60 7.45
C ARG B 458 15.70 -8.94 7.59
N VAL B 459 15.42 -9.83 6.67
CA VAL B 459 16.09 -11.11 6.56
C VAL B 459 16.45 -11.35 5.09
N HIS B 460 17.72 -11.68 4.84
CA HIS B 460 18.15 -12.12 3.52
C HIS B 460 19.25 -13.16 3.63
N ALA B 461 19.55 -13.82 2.51
CA ALA B 461 20.50 -14.90 2.46
C ALA B 461 21.76 -14.43 1.71
N LYS B 462 22.92 -14.91 2.16
CA LYS B 462 24.21 -14.55 1.53
C LYS B 462 25.18 -15.67 1.78
N HIS B 463 26.18 -15.78 0.92
CA HIS B 463 27.25 -16.74 1.17
C HIS B 463 28.11 -16.23 2.30
N ARG B 464 28.70 -17.14 3.07
CA ARG B 464 29.68 -16.75 4.15
C ARG B 464 30.78 -15.89 3.56
N GLU B 465 31.32 -15.04 4.40
CA GLU B 465 32.30 -14.14 3.89
C GLU B 465 33.57 -14.86 3.41
N GLY B 466 33.97 -15.93 4.07
CA GLY B 466 35.16 -16.65 3.58
C GLY B 466 34.98 -17.73 2.52
N ASP B 467 33.74 -17.98 2.10
CA ASP B 467 33.43 -19.22 1.37
C ASP B 467 32.13 -19.04 0.57
N ALA B 468 32.26 -18.99 -0.74
CA ALA B 468 31.11 -18.78 -1.65
C ALA B 468 30.17 -19.93 -1.71
N THR B 469 30.54 -21.08 -1.14
CA THR B 469 29.77 -22.32 -1.18
C THR B 469 28.95 -22.62 0.09
N GLN B 470 29.01 -21.74 1.09
CA GLN B 470 28.26 -21.89 2.32
C GLN B 470 27.46 -20.62 2.52
N TRP B 471 26.19 -20.80 2.87
CA TRP B 471 25.23 -19.73 2.85
C TRP B 471 24.59 -19.66 4.21
N HIS B 472 24.14 -18.49 4.61
CA HIS B 472 23.36 -18.37 5.89
C HIS B 472 22.46 -17.15 5.80
N LEU B 473 21.63 -16.97 6.82
CA LEU B 473 20.64 -15.89 6.86
C LEU B 473 21.23 -14.72 7.62
N VAL B 474 20.89 -13.51 7.19
CA VAL B 474 21.35 -12.32 7.85
C VAL B 474 20.14 -11.49 8.30
N GLY B 475 20.10 -11.14 9.59
CA GLY B 475 19.09 -10.24 10.13
C GLY B 475 19.63 -8.83 10.17
N THR B 476 18.84 -7.86 9.73
CA THR B 476 19.15 -6.45 9.86
C THR B 476 18.05 -5.79 10.73
N ALA B 477 18.41 -5.34 11.93
CA ALA B 477 17.54 -4.59 12.79
C ALA B 477 17.39 -3.18 12.28
N PRO B 478 16.22 -2.56 12.51
CA PRO B 478 15.85 -1.26 11.94
C PRO B 478 16.09 -0.04 12.80
N TRP B 479 16.49 -0.28 14.05
CA TRP B 479 16.84 0.80 15.00
C TRP B 479 18.30 1.18 14.73
N ALA B 480 18.52 2.15 13.84
CA ALA B 480 19.84 2.47 13.39
C ALA B 480 20.44 3.42 14.38
N THR B 481 21.77 3.58 14.28
CA THR B 481 22.56 4.64 14.91
C THR B 481 23.45 5.37 13.90
N GLN B 482 23.38 6.70 13.88
CA GLN B 482 24.19 7.48 12.99
C GLN B 482 25.42 8.05 13.68
N ALA B 483 26.61 7.68 13.17
CA ALA B 483 27.86 8.18 13.68
C ALA B 483 28.38 9.26 12.80
N HIS B 484 29.11 10.17 13.43
CA HIS B 484 29.65 11.35 12.81
C HIS B 484 31.10 11.48 13.32
N LYS B 485 32.08 11.65 12.42
CA LYS B 485 33.50 11.60 12.80
C LYS B 485 34.18 12.80 12.31
N PRO B 486 34.14 13.87 13.11
CA PRO B 486 34.73 15.12 12.72
C PRO B 486 36.13 15.35 13.27
N ALA B 487 36.73 16.42 12.77
CA ALA B 487 37.92 17.03 13.32
C ALA B 487 38.96 15.97 13.68
N THR B 488 39.24 15.10 12.71
CA THR B 488 40.08 13.96 12.89
C THR B 488 41.31 14.16 11.99
N VAL B 489 42.49 14.29 12.58
CA VAL B 489 43.70 14.54 11.84
C VAL B 489 43.99 13.37 10.94
N SER B 490 44.91 13.61 10.02
CA SER B 490 45.28 12.63 9.00
C SER B 490 45.94 11.49 9.72
N GLY B 491 45.68 10.25 9.31
CA GLY B 491 45.97 9.08 10.11
C GLY B 491 44.92 8.76 11.18
N GLY B 492 43.97 9.66 11.44
CA GLY B 492 42.96 9.42 12.43
C GLY B 492 41.82 8.51 12.05
N GLY B 493 41.69 8.21 10.76
CA GLY B 493 40.69 7.28 10.21
C GLY B 493 39.29 7.86 10.03
N LYS B 494 39.21 9.06 9.49
CA LYS B 494 37.90 9.73 9.21
C LYS B 494 37.04 8.90 8.28
N SER B 495 37.64 8.41 7.21
CA SER B 495 36.91 7.58 6.26
C SER B 495 36.62 6.21 6.77
N GLU B 496 37.39 5.75 7.76
CA GLU B 496 37.20 4.40 8.28
C GLU B 496 35.80 4.21 8.85
N ILE B 497 35.15 5.26 9.37
CA ILE B 497 33.85 5.08 9.99
C ILE B 497 32.83 4.45 9.03
N SER B 498 32.95 4.79 7.74
CA SER B 498 32.06 4.24 6.72
C SER B 498 32.62 3.05 5.92
N LYS B 499 33.81 2.57 6.26
CA LYS B 499 34.48 1.53 5.50
C LYS B 499 33.93 0.20 5.97
N SER B 500 34.12 -0.83 5.17
CA SER B 500 33.43 -2.10 5.40
C SER B 500 34.21 -3.00 6.37
N LEU B 501 33.52 -3.59 7.33
CA LEU B 501 34.18 -4.43 8.31
C LEU B 501 34.45 -5.82 7.77
N LEU B 502 33.72 -6.21 6.72
CA LEU B 502 33.87 -7.53 6.16
C LEU B 502 35.24 -7.80 5.57
N ASP B 503 35.90 -6.76 5.10
CA ASP B 503 37.22 -6.87 4.49
C ASP B 503 38.30 -7.14 5.53
N ALA B 504 37.99 -6.79 6.79
CA ALA B 504 38.87 -7.01 7.88
C ALA B 504 38.72 -8.39 8.53
N PHE B 505 37.75 -9.20 8.13
CA PHE B 505 37.56 -10.53 8.76
C PHE B 505 38.73 -11.42 8.54
N VAL B 506 39.06 -12.20 9.56
CA VAL B 506 40.05 -13.28 9.48
C VAL B 506 39.34 -14.57 9.86
N PHE B 507 39.74 -15.67 9.19
CA PHE B 507 39.07 -16.92 9.34
C PHE B 507 40.00 -17.84 10.08
N GLY B 508 39.70 -18.10 11.36
CA GLY B 508 40.48 -19.01 12.20
C GLY B 508 39.73 -20.28 12.52
N GLU B 509 40.15 -20.99 13.56
CA GLU B 509 39.62 -22.29 13.93
C GLU B 509 39.01 -22.24 15.32
N ALA B 510 38.18 -23.24 15.63
CA ALA B 510 37.60 -23.43 16.96
C ALA B 510 38.57 -24.23 17.80
N TYR B 511 39.01 -23.70 18.94
CA TYR B 511 40.10 -24.30 19.72
C TYR B 511 39.64 -25.50 20.51
N VAL B 512 40.43 -26.58 20.49
CA VAL B 512 40.24 -27.76 21.31
C VAL B 512 41.55 -28.05 22.09
N GLY B 513 41.48 -28.14 23.41
CA GLY B 513 42.66 -28.47 24.22
C GLY B 513 42.95 -29.95 24.17
N ASP B 514 42.07 -30.72 24.78
CA ASP B 514 42.07 -32.18 24.71
C ASP B 514 40.67 -32.57 24.25
N VAL B 515 40.58 -33.22 23.09
CA VAL B 515 39.28 -33.45 22.46
C VAL B 515 38.31 -34.31 23.28
N ASP B 516 38.83 -35.30 23.99
CA ASP B 516 38.01 -36.19 24.82
C ASP B 516 37.50 -35.41 25.99
N ALA B 517 38.42 -34.84 26.77
CA ALA B 517 38.04 -34.05 27.94
C ALA B 517 37.05 -32.95 27.54
N ASP B 518 37.40 -32.17 26.52
CA ASP B 518 36.62 -30.98 26.12
C ASP B 518 35.23 -31.33 25.64
N LEU B 519 35.10 -32.37 24.84
CA LEU B 519 33.80 -32.77 24.33
C LEU B 519 32.91 -33.43 25.40
N ASP B 520 33.55 -34.15 26.33
CA ASP B 520 32.88 -34.65 27.55
C ASP B 520 32.34 -33.48 28.34
N ALA B 521 33.19 -32.48 28.60
CA ALA B 521 32.76 -31.25 29.28
C ALA B 521 31.62 -30.52 28.56
N VAL B 522 31.62 -30.54 27.22
CA VAL B 522 30.52 -29.98 26.42
C VAL B 522 29.25 -30.78 26.64
N GLN B 523 29.41 -32.11 26.72
CA GLN B 523 28.29 -33.02 26.96
C GLN B 523 27.52 -32.66 28.23
N LYS B 524 28.27 -32.52 29.34
CA LYS B 524 27.72 -32.22 30.68
C LYS B 524 26.82 -31.01 30.60
N ILE B 525 27.38 -29.93 30.05
CA ILE B 525 26.67 -28.66 29.92
C ILE B 525 25.38 -28.77 29.10
N LEU B 526 25.33 -29.65 28.10
CA LEU B 526 24.11 -29.77 27.26
C LEU B 526 22.85 -30.37 27.90
N ASP B 527 22.90 -30.70 29.20
CA ASP B 527 21.77 -31.31 29.95
C ASP B 527 20.92 -30.34 30.80
N PRO B 546 16.09 -26.32 26.78
CA PRO B 546 16.93 -27.39 26.19
C PRO B 546 17.81 -26.92 25.00
N ILE B 547 19.13 -27.09 25.13
CA ILE B 547 20.13 -26.36 24.32
C ILE B 547 20.17 -26.62 22.82
N LEU B 548 20.05 -27.87 22.39
CA LEU B 548 20.10 -28.22 20.95
C LEU B 548 18.74 -28.23 20.26
N SER B 549 17.70 -27.73 20.93
CA SER B 549 16.32 -27.68 20.39
C SER B 549 16.29 -26.70 19.21
N GLU B 550 15.80 -27.11 18.02
CA GLU B 550 15.91 -26.26 16.80
C GLU B 550 15.13 -24.96 16.79
N ARG B 551 14.24 -24.77 17.77
CA ARG B 551 13.57 -23.46 17.94
C ARG B 551 14.26 -22.57 18.95
N ARG B 552 15.09 -23.13 19.80
CA ARG B 552 15.97 -22.28 20.59
C ARG B 552 17.14 -21.74 19.68
N SER B 553 17.19 -20.41 19.44
CA SER B 553 18.20 -19.81 18.53
C SER B 553 19.63 -19.87 19.11
N LEU B 554 20.63 -19.63 18.24
CA LEU B 554 22.04 -19.58 18.67
C LEU B 554 22.26 -18.43 19.67
N GLY B 555 21.72 -17.26 19.35
CA GLY B 555 21.78 -16.13 20.28
C GLY B 555 21.30 -16.42 21.70
N SER B 556 20.19 -17.12 21.85
CA SER B 556 19.65 -17.41 23.20
C SER B 556 20.62 -18.30 23.97
N VAL B 557 21.26 -19.23 23.27
CA VAL B 557 22.24 -20.09 23.90
C VAL B 557 23.40 -19.23 24.43
N ILE B 558 23.84 -18.23 23.67
CA ILE B 558 24.90 -17.33 24.15
C ILE B 558 24.45 -16.51 25.38
N LYS B 559 23.21 -15.99 25.33
CA LYS B 559 22.58 -15.34 26.51
C LYS B 559 22.55 -16.29 27.72
N LEU B 560 22.16 -17.53 27.47
CA LEU B 560 22.13 -18.56 28.50
C LEU B 560 23.48 -18.66 29.24
N LEU B 561 24.58 -18.74 28.49
CA LEU B 561 25.91 -18.99 29.05
C LEU B 561 26.79 -17.75 29.26
N THR B 562 26.19 -16.56 29.32
CA THR B 562 26.97 -15.31 29.64
C THR B 562 26.44 -14.69 30.96
N PRO B 563 27.34 -14.55 31.95
CA PRO B 563 26.93 -14.01 33.24
C PRO B 563 26.15 -12.70 33.08
N SER B 564 24.99 -12.64 33.73
CA SER B 564 24.11 -11.50 33.73
C SER B 564 23.66 -11.23 35.17
N SER B 565 23.20 -10.00 35.41
CA SER B 565 22.67 -9.56 36.71
C SER B 565 21.23 -10.05 37.03
N MSE B 566 20.65 -10.82 36.14
CA MSE B 566 19.35 -11.42 36.37
C MSE B 566 19.50 -12.90 36.61
O MSE B 566 18.53 -13.65 36.45
CB MSE B 566 18.44 -11.19 35.15
CG MSE B 566 18.59 -9.94 34.27
SE MSE B 566 17.69 -10.33 32.56
CE MSE B 566 18.82 -11.67 31.63
N TYR B 567 20.72 -13.37 36.95
CA TYR B 567 20.95 -14.77 37.29
C TYR B 567 21.37 -14.92 38.75
N THR B 568 20.86 -15.97 39.39
CA THR B 568 21.28 -16.40 40.73
C THR B 568 22.82 -16.32 40.87
N GLU B 569 23.33 -15.68 41.91
CA GLU B 569 24.78 -15.55 42.10
C GLU B 569 25.57 -16.87 42.16
N GLU B 570 24.90 -17.97 42.52
CA GLU B 570 25.44 -19.32 42.34
C GLU B 570 25.58 -19.66 40.84
N TYR B 571 24.54 -19.38 40.06
CA TYR B 571 24.53 -19.66 38.61
C TYR B 571 25.65 -18.96 37.82
N ASN B 572 25.93 -17.71 38.17
CA ASN B 572 27.06 -17.00 37.59
C ASN B 572 28.44 -17.59 37.95
N ALA B 573 28.57 -18.08 39.18
CA ALA B 573 29.82 -18.72 39.62
C ALA B 573 30.04 -20.02 38.84
N PHE B 574 28.96 -20.70 38.48
CA PHE B 574 28.96 -21.87 37.56
C PHE B 574 29.41 -21.49 36.13
N LEU B 575 28.88 -20.38 35.61
CA LEU B 575 29.29 -19.84 34.31
C LEU B 575 30.78 -19.47 34.32
N GLU B 576 31.25 -18.84 35.39
CA GLU B 576 32.70 -18.59 35.56
C GLU B 576 33.54 -19.88 35.60
N SER B 577 32.94 -20.96 36.08
CA SER B 577 33.61 -22.27 36.10
C SER B 577 33.76 -22.87 34.72
N ILE B 578 32.91 -22.45 33.76
CA ILE B 578 33.02 -22.95 32.37
C ILE B 578 34.17 -22.25 31.64
N PRO B 579 35.24 -23.00 31.28
CA PRO B 579 36.33 -22.31 30.57
C PRO B 579 35.89 -21.72 29.22
N ALA B 580 36.69 -20.76 28.75
CA ALA B 580 36.34 -19.93 27.61
C ALA B 580 36.14 -20.82 26.40
N HIS B 581 37.13 -21.64 26.14
CA HIS B 581 37.06 -22.52 24.98
C HIS B 581 35.89 -23.53 24.96
N ILE B 582 35.41 -23.97 26.12
CA ILE B 582 34.25 -24.89 26.18
C ILE B 582 32.97 -24.17 25.72
N LYS B 583 32.79 -22.92 26.11
CA LYS B 583 31.67 -22.12 25.58
C LYS B 583 31.71 -21.98 24.08
N GLU B 584 32.88 -21.63 23.52
CA GLU B 584 33.04 -21.51 22.06
C GLU B 584 32.73 -22.83 21.38
N LEU B 585 33.21 -23.94 21.95
CA LEU B 585 32.87 -25.27 21.45
C LEU B 585 31.36 -25.57 21.54
N ILE B 586 30.68 -25.14 22.60
CA ILE B 586 29.24 -25.33 22.66
C ILE B 586 28.55 -24.57 21.53
N PHE B 587 28.85 -23.28 21.39
CA PHE B 587 28.17 -22.46 20.37
C PHE B 587 28.46 -22.96 18.95
N THR B 588 29.66 -23.51 18.75
CA THR B 588 30.01 -24.08 17.47
C THR B 588 29.17 -25.33 17.22
N VAL B 589 29.08 -26.19 18.23
CA VAL B 589 28.27 -27.42 18.09
C VAL B 589 26.82 -27.03 17.79
N LYS B 590 26.32 -26.05 18.53
CA LYS B 590 24.98 -25.53 18.31
C LYS B 590 24.77 -25.09 16.87
N ARG B 591 25.67 -24.27 16.35
CA ARG B 591 25.56 -23.76 14.99
C ARG B 591 25.44 -24.85 13.95
N TYR B 592 26.18 -25.95 14.11
CA TYR B 592 26.22 -27.02 13.08
C TYR B 592 25.32 -28.24 13.35
N TYR B 593 24.75 -28.36 14.55
CA TYR B 593 23.82 -29.48 14.92
C TYR B 593 22.74 -29.72 13.89
N GLN B 594 22.52 -30.99 13.55
CA GLN B 594 21.41 -31.38 12.68
C GLN B 594 20.37 -32.14 13.53
N PRO B 595 19.04 -31.95 13.27
CA PRO B 595 17.99 -32.87 13.78
C PRO B 595 18.31 -34.35 13.59
N GLY B 596 18.66 -34.70 12.33
CA GLY B 596 18.98 -36.06 11.90
C GLY B 596 19.91 -36.85 12.78
N TRP B 597 20.86 -36.19 13.44
CA TRP B 597 21.81 -36.90 14.28
C TRP B 597 21.16 -37.32 15.58
N GLY B 598 20.14 -36.57 16.02
CA GLY B 598 19.37 -36.89 17.22
C GLY B 598 20.14 -37.53 18.36
N ALA B 599 21.02 -36.77 18.98
CA ALA B 599 21.77 -37.18 20.21
C ALA B 599 23.09 -37.97 19.99
N ASP B 600 23.33 -38.44 18.77
CA ASP B 600 24.68 -38.88 18.35
C ASP B 600 25.35 -37.73 17.51
N TRP B 601 25.42 -36.53 18.11
CA TRP B 601 26.18 -35.40 17.54
C TRP B 601 27.67 -35.67 17.69
N ARG B 602 28.05 -36.20 18.86
CA ARG B 602 29.45 -36.48 19.22
C ARG B 602 30.31 -37.07 18.09
N SER B 603 29.76 -38.02 17.33
CA SER B 603 30.57 -38.71 16.30
C SER B 603 30.83 -37.85 15.06
N HIS B 604 30.10 -36.75 14.88
CA HIS B 604 30.40 -35.80 13.78
C HIS B 604 31.53 -34.80 14.08
N PHE B 605 32.03 -34.74 15.31
CA PHE B 605 33.01 -33.76 15.72
C PHE B 605 34.27 -34.44 16.16
N SER B 606 35.39 -33.83 15.82
CA SER B 606 36.69 -34.46 16.04
C SER B 606 37.79 -33.44 15.90
N VAL B 607 39.00 -33.90 16.11
CA VAL B 607 40.20 -33.19 15.73
C VAL B 607 40.97 -34.22 14.94
N GLY B 608 41.84 -33.79 14.05
CA GLY B 608 42.62 -34.78 13.32
C GLY B 608 43.70 -35.34 14.22
N ILE B 609 44.29 -36.43 13.80
CA ILE B 609 45.58 -36.81 14.31
C ILE B 609 46.65 -36.30 13.30
N ILE B 610 47.27 -35.17 13.61
CA ILE B 610 48.24 -34.54 12.69
C ILE B 610 49.64 -35.01 13.03
N ASN B 611 50.29 -35.73 12.13
CA ASN B 611 51.63 -36.26 12.38
C ASN B 611 51.80 -36.99 13.70
N GLY B 612 50.77 -37.68 14.16
CA GLY B 612 50.81 -38.49 15.38
C GLY B 612 50.45 -37.74 16.63
N ARG B 613 50.05 -36.48 16.50
CA ARG B 613 49.67 -35.63 17.60
C ARG B 613 48.20 -35.25 17.46
N LYS B 614 47.40 -35.42 18.49
CA LYS B 614 46.03 -34.94 18.49
C LYS B 614 46.02 -33.45 18.16
N GLY B 615 45.13 -33.04 17.25
CA GLY B 615 45.08 -31.67 16.74
C GLY B 615 44.26 -30.76 17.61
N ASN B 616 44.27 -29.47 17.30
CA ASN B 616 43.68 -28.40 18.12
C ASN B 616 42.51 -27.67 17.48
N SER B 617 42.09 -28.10 16.29
CA SER B 617 41.03 -27.45 15.53
C SER B 617 39.84 -28.39 15.42
N LEU B 618 38.66 -27.94 15.79
CA LEU B 618 37.51 -28.81 15.75
C LEU B 618 37.18 -29.05 14.27
N ARG B 619 36.92 -30.31 13.92
CA ARG B 619 36.46 -30.65 12.60
C ARG B 619 35.03 -31.20 12.60
N LEU B 620 34.27 -30.87 11.54
CA LEU B 620 32.95 -31.41 11.26
C LEU B 620 33.00 -32.38 10.09
N ASP B 621 32.83 -33.67 10.40
CA ASP B 621 33.02 -34.79 9.44
C ASP B 621 34.35 -34.68 8.72
N GLY B 622 35.40 -34.41 9.48
CA GLY B 622 36.75 -34.31 8.98
C GLY B 622 37.16 -32.96 8.42
N GLU B 623 36.24 -32.03 8.20
CA GLU B 623 36.61 -30.73 7.63
C GLU B 623 36.78 -29.71 8.75
N VAL B 624 37.87 -28.97 8.69
CA VAL B 624 38.15 -27.97 9.68
C VAL B 624 37.07 -26.93 9.67
N ILE B 625 36.52 -26.63 10.83
CA ILE B 625 35.48 -25.63 10.97
C ILE B 625 36.18 -24.32 10.99
N LYS B 626 35.57 -23.32 10.39
CA LYS B 626 36.16 -21.98 10.24
C LYS B 626 35.31 -20.97 10.98
N VAL B 627 35.91 -20.10 11.78
CA VAL B 627 35.16 -19.11 12.55
C VAL B 627 35.73 -17.74 12.30
N ASN B 628 34.88 -16.74 12.42
CA ASN B 628 35.24 -15.40 12.12
C ASN B 628 35.89 -14.72 13.29
N MSE B 629 36.95 -13.96 12.96
CA MSE B 629 37.69 -13.22 13.91
C MSE B 629 38.01 -11.89 13.34
O MSE B 629 37.96 -11.70 12.15
CB MSE B 629 38.96 -13.97 14.30
CG MSE B 629 38.78 -15.48 14.47
SE MSE B 629 40.43 -16.21 15.22
CE MSE B 629 39.86 -17.96 15.92
N LEU B 630 38.33 -10.95 14.23
CA LEU B 630 38.95 -9.69 13.87
C LEU B 630 40.27 -9.56 14.58
N ARG B 631 41.17 -8.80 13.95
CA ARG B 631 42.45 -8.47 14.56
C ARG B 631 42.23 -7.27 15.46
N VAL B 632 42.74 -7.33 16.68
CA VAL B 632 42.66 -6.15 17.54
C VAL B 632 44.10 -5.77 17.95
N GLY B 633 44.76 -5.04 17.08
CA GLY B 633 46.09 -4.61 17.35
C GLY B 633 47.11 -5.74 17.37
N PHE B 634 48.30 -5.38 17.82
CA PHE B 634 49.44 -6.26 17.74
C PHE B 634 50.14 -6.34 19.10
N GLU B 635 50.76 -7.47 19.42
CA GLU B 635 51.64 -7.52 20.61
C GLU B 635 52.94 -6.71 20.42
N ASP B 636 53.71 -6.55 21.49
CA ASP B 636 55.05 -5.86 21.50
C ASP B 636 56.00 -6.31 20.38
N ASP B 637 56.06 -7.61 20.17
CA ASP B 637 56.84 -8.19 19.08
C ASP B 637 56.19 -8.19 17.70
N GLY B 638 55.05 -7.54 17.54
CA GLY B 638 54.34 -7.53 16.25
C GLY B 638 53.46 -8.72 15.87
N ALA B 639 53.28 -9.70 16.76
CA ALA B 639 52.29 -10.78 16.53
C ALA B 639 50.85 -10.22 16.55
N TRP B 640 50.05 -10.80 15.68
CA TRP B 640 48.67 -10.39 15.52
C TRP B 640 47.84 -10.77 16.73
N ARG B 641 46.98 -9.90 17.22
CA ARG B 641 45.99 -10.32 18.23
C ARG B 641 44.65 -10.64 17.57
N LEU B 642 44.27 -11.92 17.52
CA LEU B 642 43.00 -12.29 16.90
C LEU B 642 41.93 -12.61 17.94
N LEU B 643 40.71 -12.14 17.71
CA LEU B 643 39.61 -12.34 18.64
C LEU B 643 38.37 -12.82 17.96
N SER B 644 37.90 -13.99 18.37
CA SER B 644 36.67 -14.52 17.87
C SER B 644 35.52 -13.55 18.02
N LEU B 645 34.86 -13.28 16.91
CA LEU B 645 33.57 -12.62 16.89
C LEU B 645 32.50 -13.57 17.40
N ARG B 646 31.42 -13.05 17.97
CA ARG B 646 30.29 -13.95 18.29
C ARG B 646 29.85 -14.64 17.00
N PRO B 647 29.48 -15.91 17.07
CA PRO B 647 28.90 -16.50 15.85
C PRO B 647 27.56 -15.89 15.34
N ASP B 648 26.84 -15.10 16.15
CA ASP B 648 25.66 -14.37 15.63
C ASP B 648 25.93 -12.90 15.27
N PHE B 649 27.21 -12.52 15.11
CA PHE B 649 27.56 -11.17 14.71
C PHE B 649 27.76 -11.06 13.19
N SER B 650 27.24 -9.99 12.58
CA SER B 650 27.51 -9.67 11.21
C SER B 650 27.71 -8.20 11.23
N PRO B 651 28.60 -7.69 10.37
CA PRO B 651 28.77 -6.27 10.42
C PRO B 651 27.49 -5.56 10.15
N ALA B 652 27.32 -4.46 10.86
CA ALA B 652 26.25 -3.54 10.69
C ALA B 652 26.23 -3.13 9.25
N ALA B 653 25.03 -2.81 8.74
CA ALA B 653 24.87 -2.27 7.41
C ALA B 653 25.08 -0.83 7.55
N LYS B 654 25.97 -0.26 6.74
CA LYS B 654 26.27 1.14 6.83
C LYS B 654 25.89 1.81 5.56
N VAL B 655 25.39 3.03 5.70
CA VAL B 655 25.09 3.89 4.59
C VAL B 655 25.82 5.16 4.85
N GLN B 656 26.80 5.46 4.01
CA GLN B 656 27.70 6.58 4.23
C GLN B 656 26.91 7.89 4.19
N THR B 657 27.13 8.76 5.18
CA THR B 657 26.44 10.05 5.28
C THR B 657 27.34 11.19 5.07
N GLU B 658 28.66 10.98 5.21
CA GLU B 658 29.64 12.07 5.05
C GLU B 658 30.94 11.45 4.57
N ASP B 659 31.86 12.25 4.08
CA ASP B 659 33.25 11.80 3.88
C ASP B 659 34.30 12.84 4.08
N ASP B 660 34.20 13.99 3.44
CA ASP B 660 35.29 14.98 3.49
C ASP B 660 34.80 16.38 3.54
N ILE B 661 33.82 16.72 2.73
CA ILE B 661 33.23 18.06 2.79
C ILE B 661 31.80 17.85 3.24
N THR B 662 31.47 18.42 4.39
CA THR B 662 30.18 18.21 5.02
C THR B 662 29.50 19.51 5.43
N SER B 663 28.20 19.51 5.28
CA SER B 663 27.39 20.61 5.65
C SER B 663 26.49 20.08 6.70
N SER B 664 26.30 20.90 7.73
CA SER B 664 25.48 20.48 8.85
C SER B 664 24.67 21.64 9.41
N ILE B 665 23.54 21.31 10.02
CA ILE B 665 22.64 22.30 10.64
C ILE B 665 22.17 21.73 11.96
N VAL B 666 21.99 22.57 12.97
CA VAL B 666 21.43 22.14 14.25
C VAL B 666 20.01 22.63 14.40
N ALA B 667 19.08 21.69 14.57
CA ALA B 667 17.62 21.96 14.79
C ALA B 667 17.17 21.73 16.22
N PRO B 668 16.22 22.55 16.75
CA PRO B 668 15.73 22.27 18.09
C PRO B 668 14.87 21.03 18.22
N GLY B 669 14.77 20.49 19.42
CA GLY B 669 13.93 19.32 19.70
C GLY B 669 12.45 19.64 19.69
N GLY B 670 11.64 18.58 19.62
CA GLY B 670 10.17 18.69 19.59
C GLY B 670 9.55 19.11 18.25
N LEU B 671 10.35 19.14 17.17
CA LEU B 671 9.84 19.44 15.82
C LEU B 671 9.52 18.15 15.11
N GLU B 672 8.96 18.28 13.91
CA GLU B 672 8.67 17.17 13.01
C GLU B 672 9.80 16.18 12.87
N SER B 673 11.00 16.69 12.59
CA SER B 673 12.15 15.82 12.35
C SER B 673 12.98 15.52 13.61
N THR B 674 12.59 16.13 14.74
CA THR B 674 13.19 15.84 16.05
C THR B 674 12.15 15.42 17.13
N ALA B 675 11.16 14.64 16.72
CA ALA B 675 9.95 14.37 17.54
C ALA B 675 10.25 13.79 18.91
N GLY B 676 11.30 12.98 19.01
CA GLY B 676 11.65 12.31 20.27
C GLY B 676 12.82 12.88 21.06
N SER B 677 13.07 14.19 20.96
CA SER B 677 14.25 14.80 21.59
C SER B 677 13.89 16.12 22.28
N SER B 678 14.25 16.23 23.55
CA SER B 678 14.20 17.49 24.32
C SER B 678 15.33 18.46 23.98
N VAL B 679 16.37 17.98 23.33
CA VAL B 679 17.56 18.78 23.08
C VAL B 679 17.67 18.95 21.58
N SER B 680 18.48 19.91 21.14
CA SER B 680 18.77 20.03 19.70
C SER B 680 19.40 18.75 19.07
N ARG B 681 19.27 18.67 17.75
CA ARG B 681 19.83 17.58 16.97
C ARG B 681 20.53 18.16 15.74
N LYS B 682 21.53 17.41 15.30
CA LYS B 682 22.35 17.79 14.19
C LYS B 682 21.98 16.94 12.97
N PHE B 683 21.85 17.60 11.81
CA PHE B 683 21.62 16.89 10.53
C PHE B 683 22.71 17.24 9.51
N VAL B 684 23.04 16.28 8.66
CA VAL B 684 24.17 16.45 7.72
C VAL B 684 23.82 16.06 6.30
N THR B 685 24.60 16.62 5.39
CA THR B 685 24.58 16.27 3.98
C THR B 685 26.03 16.32 3.46
N ASN B 686 26.35 15.39 2.57
CA ASN B 686 27.65 15.36 1.93
C ASN B 686 27.57 16.27 0.74
N CYS B 687 28.47 17.25 0.69
CA CYS B 687 28.46 18.17 -0.42
C CYS B 687 28.94 17.55 -1.76
N GLU B 688 29.73 16.47 -1.71
CA GLU B 688 30.36 15.89 -2.92
C GLU B 688 29.60 14.69 -3.46
N SER B 689 29.41 14.58 -4.78
CA SER B 689 28.79 13.38 -5.39
C SER B 689 29.87 12.35 -5.79
N LEU B 690 31.12 12.80 -5.89
CA LEU B 690 32.27 11.93 -6.11
C LEU B 690 33.34 12.20 -5.04
N LEU B 691 34.07 11.16 -4.62
CA LEU B 691 35.09 11.31 -3.55
C LEU B 691 36.51 11.11 -4.11
N PHE B 692 37.38 12.06 -3.84
CA PHE B 692 38.76 12.01 -4.34
C PHE B 692 39.64 11.09 -3.45
N GLN B 693 39.69 9.80 -3.81
CA GLN B 693 40.38 8.79 -2.99
C GLN B 693 41.85 8.66 -3.31
N ARG B 694 42.60 8.27 -2.30
CA ARG B 694 44.04 7.98 -2.38
C ARG B 694 44.20 6.54 -1.91
N PRO B 695 44.08 5.58 -2.85
CA PRO B 695 44.27 4.22 -2.47
C PRO B 695 45.75 3.85 -2.16
N ASP B 696 46.19 4.19 -0.94
CA ASP B 696 47.55 3.88 -0.45
C ASP B 696 47.86 2.39 -0.45
N ASP B 697 46.85 1.62 -0.14
CA ASP B 697 46.97 0.19 -0.08
C ASP B 697 46.99 -0.52 -1.43
N ALA B 698 46.45 0.07 -2.48
CA ALA B 698 46.20 -0.69 -3.72
C ALA B 698 47.44 -0.98 -4.55
N ILE B 699 48.53 -0.26 -4.24
CA ILE B 699 49.88 -0.58 -4.75
C ILE B 699 50.21 -2.09 -4.64
N VAL B 700 49.72 -2.74 -3.59
CA VAL B 700 49.89 -4.18 -3.36
C VAL B 700 48.75 -4.92 -3.98
N ARG B 701 49.08 -5.84 -4.86
CA ARG B 701 48.10 -6.47 -5.70
C ARG B 701 47.20 -7.36 -4.92
N GLY B 702 45.92 -7.26 -5.23
CA GLY B 702 44.90 -8.08 -4.61
C GLY B 702 44.38 -7.63 -3.25
N TYR B 703 45.00 -6.61 -2.67
CA TYR B 703 44.75 -6.24 -1.30
C TYR B 703 43.51 -5.32 -1.16
N ASP B 704 43.38 -4.34 -2.04
CA ASP B 704 42.28 -3.37 -1.98
C ASP B 704 41.25 -3.77 -3.03
N LYS B 705 40.24 -4.53 -2.60
CA LYS B 705 39.25 -5.08 -3.52
C LYS B 705 38.38 -4.01 -4.11
N GLN B 706 38.09 -2.99 -3.30
CA GLN B 706 37.17 -1.95 -3.70
C GLN B 706 37.78 -1.06 -4.77
N THR B 707 38.99 -0.54 -4.49
CA THR B 707 39.77 0.22 -5.50
C THR B 707 39.93 -0.53 -6.78
N GLU B 708 40.29 -1.81 -6.74
CA GLU B 708 40.58 -2.56 -7.96
C GLU B 708 39.32 -2.74 -8.80
N ARG B 709 38.18 -2.91 -8.14
CA ARG B 709 36.87 -2.99 -8.80
C ARG B 709 36.52 -1.65 -9.44
N ASP B 710 36.63 -0.58 -8.65
CA ASP B 710 36.30 0.76 -9.14
C ASP B 710 37.16 1.13 -10.33
N MSE B 711 38.47 0.88 -10.23
CA MSE B 711 39.36 1.28 -11.30
C MSE B 711 39.41 0.41 -12.53
O MSE B 711 40.05 0.77 -13.52
CB MSE B 711 40.73 1.54 -10.74
CG MSE B 711 40.66 3.04 -10.59
SE MSE B 711 42.34 3.68 -9.91
CE MSE B 711 43.60 3.11 -11.33
N SER B 712 38.71 -0.72 -12.48
CA SER B 712 38.46 -1.53 -13.65
C SER B 712 37.10 -1.23 -14.31
N GLY B 713 36.35 -0.27 -13.78
CA GLY B 713 35.11 0.21 -14.41
C GLY B 713 35.38 1.21 -15.53
N THR B 714 34.38 2.03 -15.82
CA THR B 714 34.50 3.03 -16.87
C THR B 714 34.02 4.39 -16.34
N GLY B 715 34.43 5.42 -17.05
CA GLY B 715 33.88 6.73 -16.86
C GLY B 715 34.54 7.51 -15.78
N LEU B 716 35.69 7.05 -15.27
CA LEU B 716 36.34 7.68 -14.11
C LEU B 716 37.30 8.78 -14.47
N PHE B 717 37.46 9.71 -13.54
CA PHE B 717 38.56 10.68 -13.57
C PHE B 717 39.70 10.10 -12.72
N ILE B 718 40.90 10.02 -13.27
CA ILE B 718 42.04 9.37 -12.62
C ILE B 718 43.20 10.32 -12.64
N SER B 719 44.03 10.34 -11.60
CA SER B 719 45.20 11.18 -11.58
C SER B 719 46.37 10.45 -10.96
N ASN B 720 47.58 10.82 -11.35
CA ASN B 720 48.85 10.27 -10.78
C ASN B 720 49.01 8.77 -10.91
N TYR B 721 48.57 8.26 -12.05
CA TYR B 721 48.86 6.90 -12.43
C TYR B 721 49.71 6.90 -13.71
N GLN B 722 50.35 5.78 -13.95
CA GLN B 722 51.30 5.65 -14.99
C GLN B 722 50.51 5.19 -16.21
N PRO B 723 50.66 5.92 -17.34
CA PRO B 723 49.92 5.58 -18.57
C PRO B 723 50.52 4.37 -19.22
N LEU B 724 49.74 3.31 -19.34
CA LEU B 724 50.26 2.07 -19.83
C LEU B 724 49.69 1.79 -21.20
N THR B 725 50.37 0.89 -21.91
CA THR B 725 50.06 0.56 -23.30
C THR B 725 49.73 -0.91 -23.36
N PRO B 726 49.14 -1.38 -24.47
CA PRO B 726 48.85 -2.79 -24.62
C PRO B 726 50.09 -3.68 -24.54
N ALA B 727 51.26 -3.14 -24.90
CA ALA B 727 52.51 -3.90 -24.82
C ALA B 727 52.81 -4.22 -23.35
N ASP B 728 52.66 -3.21 -22.51
CA ASP B 728 52.76 -3.38 -21.07
C ASP B 728 51.76 -4.41 -20.53
N ALA B 729 50.53 -4.42 -21.05
CA ALA B 729 49.56 -5.42 -20.66
C ALA B 729 49.97 -6.83 -21.08
N ARG B 730 50.54 -6.96 -22.26
CA ARG B 730 50.94 -8.30 -22.75
C ARG B 730 52.04 -8.87 -21.90
N ALA B 731 52.99 -8.02 -21.54
CA ALA B 731 54.02 -8.35 -20.62
C ALA B 731 53.47 -8.83 -19.24
N MSE B 732 52.48 -8.13 -18.71
CA MSE B 732 51.89 -8.47 -17.41
C MSE B 732 51.05 -9.70 -17.44
O MSE B 732 50.97 -10.42 -16.44
CB MSE B 732 51.05 -7.31 -16.91
CG MSE B 732 51.96 -6.16 -16.40
SE MSE B 732 50.90 -4.53 -16.05
CE MSE B 732 49.78 -4.92 -14.47
N VAL B 733 50.43 -9.99 -18.58
CA VAL B 733 49.71 -11.28 -18.76
C VAL B 733 50.67 -12.46 -18.72
N ALA B 734 51.81 -12.29 -19.38
CA ALA B 734 52.83 -13.35 -19.51
C ALA B 734 53.52 -13.64 -18.19
N ASP B 735 53.65 -12.63 -17.32
CA ASP B 735 53.92 -12.85 -15.89
C ASP B 735 52.67 -13.42 -15.20
N ALA B 736 52.45 -14.73 -15.36
CA ALA B 736 51.24 -15.38 -14.88
C ALA B 736 51.14 -15.37 -13.36
N PRO B 737 52.27 -15.50 -12.66
CA PRO B 737 52.21 -15.33 -11.19
C PRO B 737 51.70 -13.93 -10.75
N GLY B 738 52.35 -12.89 -11.25
CA GLY B 738 51.95 -11.50 -10.98
C GLY B 738 50.50 -11.25 -11.36
N LEU B 739 50.07 -11.73 -12.53
CA LEU B 739 48.68 -11.53 -12.93
C LEU B 739 47.68 -12.17 -11.91
N SER B 740 48.02 -13.34 -11.41
CA SER B 740 47.14 -14.10 -10.56
C SER B 740 46.92 -13.45 -9.18
N ARG B 741 47.81 -12.52 -8.79
CA ARG B 741 47.63 -11.72 -7.55
C ARG B 741 46.60 -10.57 -7.62
N PHE B 742 46.19 -10.14 -8.82
CA PHE B 742 45.14 -9.11 -8.93
C PHE B 742 43.84 -9.77 -8.59
N THR B 743 42.91 -9.00 -8.02
CA THR B 743 41.51 -9.43 -8.00
C THR B 743 41.03 -9.53 -9.44
N GLU B 744 39.97 -10.32 -9.64
CA GLU B 744 39.46 -10.67 -10.98
C GLU B 744 39.11 -9.46 -11.86
N PRO B 745 38.35 -8.47 -11.34
CA PRO B 745 38.10 -7.23 -12.08
C PRO B 745 39.33 -6.58 -12.70
N MSE B 746 40.46 -6.57 -11.97
CA MSE B 746 41.67 -5.91 -12.50
C MSE B 746 42.35 -6.78 -13.52
O MSE B 746 43.00 -6.26 -14.39
CB MSE B 746 42.53 -5.54 -11.32
CG MSE B 746 43.87 -4.91 -11.62
SE MSE B 746 43.77 -3.23 -12.62
CE MSE B 746 42.44 -2.13 -11.71
N GLN B 747 42.17 -8.08 -13.44
CA GLN B 747 42.68 -9.00 -14.41
C GLN B 747 41.96 -8.87 -15.72
N GLU B 748 40.63 -8.74 -15.68
CA GLU B 748 39.84 -8.60 -16.91
C GLU B 748 40.30 -7.35 -17.61
N LEU B 749 40.53 -6.28 -16.83
CA LEU B 749 41.12 -5.04 -17.37
C LEU B 749 42.51 -5.26 -18.00
N VAL B 750 43.39 -6.00 -17.36
CA VAL B 750 44.70 -6.26 -17.94
C VAL B 750 44.54 -7.04 -19.25
N ARG B 751 43.66 -8.02 -19.27
CA ARG B 751 43.38 -8.77 -20.50
C ARG B 751 42.75 -7.94 -21.61
N ARG B 752 41.81 -7.04 -21.30
CA ARG B 752 41.22 -6.19 -22.37
C ARG B 752 42.31 -5.40 -23.06
N ALA B 753 43.18 -4.79 -22.27
CA ALA B 753 44.33 -4.05 -22.82
C ALA B 753 45.35 -4.89 -23.61
N ALA B 754 45.58 -6.12 -23.20
CA ALA B 754 46.47 -7.03 -23.90
C ALA B 754 45.89 -7.44 -25.28
N ALA B 755 44.57 -7.51 -25.35
CA ALA B 755 43.85 -7.92 -26.56
C ALA B 755 43.71 -6.81 -27.63
N ILE B 756 44.38 -5.68 -27.47
CA ILE B 756 44.22 -4.56 -28.38
C ILE B 756 45.39 -4.53 -29.37
N PRO B 757 45.09 -4.69 -30.68
CA PRO B 757 46.16 -4.66 -31.69
C PRO B 757 46.84 -3.31 -31.68
N GLU B 758 48.14 -3.28 -31.99
CA GLU B 758 48.93 -2.06 -31.85
C GLU B 758 48.56 -0.94 -32.87
N ALA B 759 48.87 0.29 -32.50
CA ALA B 759 48.37 1.48 -33.22
C ALA B 759 49.23 1.84 -34.42
N ALA B 760 48.65 1.78 -35.62
CA ALA B 760 49.31 2.29 -36.83
C ALA B 760 49.78 3.74 -36.67
N ASP B 761 48.87 4.53 -36.12
CA ASP B 761 49.03 5.96 -35.93
C ASP B 761 49.48 6.23 -34.49
N PRO B 762 50.59 6.94 -34.27
CA PRO B 762 50.92 7.15 -32.85
C PRO B 762 49.79 7.81 -32.02
N ARG B 763 49.19 8.83 -32.58
CA ARG B 763 48.14 9.60 -31.90
C ARG B 763 46.77 8.90 -31.71
N GLU B 764 46.63 7.63 -32.03
CA GLU B 764 45.46 6.89 -31.55
C GLU B 764 45.84 5.57 -30.78
N GLU B 765 47.03 5.58 -30.17
CA GLU B 765 47.39 4.58 -29.15
C GLU B 765 46.30 4.45 -28.09
N THR B 766 46.16 3.24 -27.57
CA THR B 766 45.25 3.01 -26.45
C THR B 766 46.04 3.07 -25.13
N TYR B 767 45.44 3.70 -24.14
CA TYR B 767 46.08 3.79 -22.84
C TYR B 767 45.19 3.15 -21.78
N TRP B 768 45.85 2.70 -20.71
CA TRP B 768 45.14 2.17 -19.55
C TRP B 768 45.98 2.42 -18.32
N THR B 769 45.37 2.21 -17.15
CA THR B 769 46.02 2.36 -15.84
C THR B 769 45.84 1.13 -15.00
N SER B 770 46.84 0.85 -14.16
CA SER B 770 46.79 -0.23 -13.18
C SER B 770 46.97 0.25 -11.74
N THR B 771 46.17 -0.28 -10.81
CA THR B 771 46.33 0.01 -9.37
C THR B 771 47.74 -0.27 -8.84
N ALA B 772 48.44 -1.22 -9.44
CA ALA B 772 49.84 -1.49 -9.08
C ALA B 772 50.89 -0.52 -9.63
N ASN B 773 50.48 0.52 -10.37
CA ASN B 773 51.39 1.34 -11.16
C ASN B 773 51.12 2.84 -11.06
N PRO B 774 51.31 3.41 -9.87
CA PRO B 774 51.20 4.84 -9.77
C PRO B 774 52.28 5.56 -10.57
N ARG B 775 52.00 6.82 -10.88
CA ARG B 775 52.86 7.63 -11.70
C ARG B 775 54.26 7.73 -11.08
N LEU B 776 55.30 7.62 -11.90
CA LEU B 776 56.68 7.74 -11.44
C LEU B 776 57.03 9.21 -11.32
N VAL B 777 57.46 9.64 -10.12
CA VAL B 777 58.03 10.97 -9.88
C VAL B 777 59.41 10.79 -9.26
N GLY B 778 60.43 11.32 -9.95
CA GLY B 778 61.82 11.07 -9.64
C GLY B 778 62.13 9.59 -9.71
N GLY B 779 61.67 8.91 -10.78
CA GLY B 779 61.87 7.45 -10.92
C GLY B 779 61.45 6.55 -9.74
N ALA B 780 60.61 7.05 -8.82
CA ALA B 780 59.95 6.23 -7.78
C ALA B 780 58.43 6.42 -7.85
N PRO B 781 57.66 5.34 -7.59
CA PRO B 781 56.19 5.52 -7.63
C PRO B 781 55.72 6.59 -6.64
N THR B 782 54.89 7.51 -7.11
CA THR B 782 54.25 8.51 -6.24
C THR B 782 53.48 7.88 -5.07
N ARG B 783 53.36 8.66 -4.01
CA ARG B 783 52.60 8.26 -2.84
C ARG B 783 51.24 8.95 -2.81
N ASN B 784 50.89 9.69 -3.88
CA ASN B 784 49.57 10.34 -4.02
C ASN B 784 48.77 9.92 -5.26
N PRO B 785 48.62 8.60 -5.49
CA PRO B 785 47.74 8.15 -6.57
C PRO B 785 46.33 8.55 -6.27
N ARG B 786 45.50 8.80 -7.29
CA ARG B 786 44.15 9.36 -7.03
C ARG B 786 43.12 8.96 -8.04
N TYR B 787 41.88 8.85 -7.58
CA TYR B 787 40.76 8.75 -8.48
C TYR B 787 39.49 9.26 -7.83
N LEU B 788 38.54 9.69 -8.67
CA LEU B 788 37.23 10.14 -8.18
C LEU B 788 36.28 8.97 -8.17
N GLN B 789 35.92 8.54 -6.96
CA GLN B 789 35.09 7.38 -6.73
C GLN B 789 33.65 7.83 -6.68
N VAL B 790 32.76 7.01 -7.20
CA VAL B 790 31.33 7.29 -7.08
C VAL B 790 30.91 7.03 -5.64
N ARG B 791 30.28 8.03 -5.06
CA ARG B 791 29.81 7.95 -3.68
C ARG B 791 29.00 6.70 -3.49
N PRO B 792 29.33 5.92 -2.47
CA PRO B 792 28.73 4.56 -2.42
C PRO B 792 27.20 4.47 -2.18
N ASP B 793 26.59 5.54 -1.68
CA ASP B 793 25.13 5.58 -1.57
C ASP B 793 24.48 5.84 -2.93
N ILE B 794 25.19 6.53 -3.83
CA ILE B 794 24.77 6.69 -5.20
C ILE B 794 25.01 5.41 -6.01
N ALA B 795 26.15 4.77 -5.82
CA ALA B 795 26.43 3.56 -6.55
C ALA B 795 25.44 2.48 -6.13
N ASN B 796 25.16 2.35 -4.83
CA ASN B 796 24.27 1.28 -4.32
C ASN B 796 22.96 1.80 -3.80
N PRO B 797 22.07 2.25 -4.70
CA PRO B 797 20.86 2.89 -4.22
C PRO B 797 19.82 1.92 -3.56
N ARG B 798 19.88 0.61 -3.86
CA ARG B 798 19.04 -0.38 -3.14
C ARG B 798 19.28 -0.33 -1.64
N ASP B 799 20.53 -0.04 -1.22
CA ASP B 799 20.89 0.00 0.22
C ASP B 799 20.25 1.20 0.88
N VAL B 800 20.29 2.34 0.22
CA VAL B 800 19.54 3.48 0.70
C VAL B 800 18.00 3.16 0.81
N ALA B 801 17.41 2.60 -0.25
CA ALA B 801 15.98 2.30 -0.30
C ALA B 801 15.52 1.39 0.85
N LEU B 802 16.34 0.39 1.14
CA LEU B 802 16.05 -0.57 2.16
C LEU B 802 16.18 0.02 3.55
N ALA B 803 17.21 0.81 3.76
CA ALA B 803 17.33 1.58 5.01
C ALA B 803 16.09 2.48 5.28
N ASP B 804 15.66 3.21 4.26
CA ASP B 804 14.49 4.06 4.36
C ASP B 804 13.26 3.24 4.74
N LEU B 805 13.06 2.15 4.02
CA LEU B 805 11.92 1.32 4.27
C LEU B 805 11.95 0.79 5.72
N SER B 806 13.10 0.30 6.19
CA SER B 806 13.17 -0.20 7.58
C SER B 806 12.87 0.89 8.62
N ILE B 807 13.28 2.11 8.34
CA ILE B 807 13.06 3.22 9.26
C ILE B 807 11.59 3.56 9.35
N HIS B 808 10.94 3.77 8.20
CA HIS B 808 9.51 4.04 8.16
C HIS B 808 8.73 3.01 9.00
N LEU B 809 8.93 1.73 8.71
CA LEU B 809 8.22 0.68 9.44
C LEU B 809 8.54 0.66 10.92
N TYR B 810 9.77 0.98 11.27
CA TYR B 810 10.19 1.04 12.67
C TYR B 810 9.48 2.19 13.40
N ARG B 811 9.33 3.33 12.71
CA ARG B 811 8.61 4.50 13.22
C ARG B 811 7.08 4.43 13.04
N ASP B 812 6.57 3.39 12.35
CA ASP B 812 5.15 3.32 11.98
C ASP B 812 4.70 4.63 11.29
N ALA B 813 5.55 5.17 10.42
CA ALA B 813 5.27 6.40 9.67
C ALA B 813 4.99 5.94 8.26
N PRO B 814 4.14 6.68 7.53
CA PRO B 814 3.91 6.24 6.14
C PRO B 814 5.13 6.51 5.25
N LEU B 815 5.21 5.76 4.16
CA LEU B 815 6.28 5.90 3.14
C LEU B 815 6.23 7.19 2.34
N ALA B 816 5.06 7.77 2.27
CA ALA B 816 4.89 9.09 1.67
C ALA B 816 5.67 10.18 2.45
N ALA B 817 5.71 10.05 3.79
CA ALA B 817 6.40 11.01 4.66
C ALA B 817 7.94 10.90 4.52
N PRO B 818 8.66 12.03 4.43
CA PRO B 818 10.10 11.87 4.58
C PRO B 818 10.40 11.44 6.03
N ALA B 819 11.48 10.68 6.19
CA ALA B 819 11.94 10.22 7.51
C ALA B 819 13.44 10.52 7.63
N ARG B 820 13.76 11.76 7.91
CA ARG B 820 15.15 12.22 8.04
C ARG B 820 15.76 11.70 9.33
N HIS B 821 17.08 11.50 9.27
CA HIS B 821 17.84 11.00 10.42
C HIS B 821 18.93 11.97 10.80
N GLY B 822 19.05 12.21 12.09
CA GLY B 822 20.02 13.14 12.63
C GLY B 822 21.15 12.35 13.22
N VAL B 823 22.14 13.05 13.76
CA VAL B 823 23.31 12.45 14.30
C VAL B 823 22.98 11.93 15.67
N ASP B 824 23.30 10.66 15.92
CA ASP B 824 23.21 10.09 17.27
C ASP B 824 24.52 10.15 18.14
N VAL B 825 25.69 9.83 17.56
CA VAL B 825 26.96 9.75 18.29
C VAL B 825 28.12 10.41 17.55
N VAL B 826 28.86 11.26 18.26
CA VAL B 826 30.05 11.87 17.70
C VAL B 826 31.30 11.17 18.23
N ALA B 827 32.07 10.56 17.34
CA ALA B 827 33.27 9.86 17.73
C ALA B 827 34.41 10.25 16.84
N ALA B 828 35.14 11.27 17.27
CA ALA B 828 36.32 11.76 16.53
C ALA B 828 37.47 10.80 16.71
N GLY B 829 38.50 10.94 15.88
CA GLY B 829 39.61 10.00 15.89
C GLY B 829 40.86 10.76 16.12
N ARG B 830 41.87 10.10 16.66
CA ARG B 830 43.19 10.65 16.88
C ARG B 830 44.27 9.76 16.31
N ARG B 831 45.21 10.32 15.57
CA ARG B 831 46.48 9.62 15.25
C ARG B 831 47.40 9.71 16.45
N ASN B 832 47.73 8.56 17.04
CA ASN B 832 48.64 8.49 18.19
C ASN B 832 49.92 7.81 17.73
N ASN B 833 51.05 8.27 18.26
CA ASN B 833 52.37 7.72 17.88
C ASN B 833 53.32 7.63 19.07
N PRO B 834 54.24 6.67 19.03
CA PRO B 834 55.27 6.57 20.07
C PRO B 834 56.32 7.63 19.80
N PRO B 835 57.07 8.01 20.83
CA PRO B 835 58.18 8.90 20.55
C PRO B 835 59.32 8.21 19.76
N GLU B 836 60.16 9.05 19.19
CA GLU B 836 61.28 8.64 18.38
C GLU B 836 62.27 9.81 18.35
N PRO B 837 63.51 9.57 17.89
CA PRO B 837 64.40 10.71 17.57
C PRO B 837 63.72 11.84 16.71
N GLY B 838 63.55 13.04 17.27
CA GLY B 838 62.82 14.13 16.62
C GLY B 838 61.29 14.02 16.47
N VAL B 839 60.65 13.08 17.17
CA VAL B 839 59.20 12.87 17.10
C VAL B 839 58.72 12.80 18.54
N PRO B 840 57.90 13.77 18.94
CA PRO B 840 57.41 13.73 20.31
C PRO B 840 56.33 12.64 20.61
N ALA B 841 56.34 12.16 21.83
CA ALA B 841 55.37 11.18 22.34
C ALA B 841 53.96 11.70 22.23
N LEU B 842 53.08 10.90 21.63
CA LEU B 842 51.65 11.20 21.64
C LEU B 842 50.92 9.91 21.69
N CYS B 843 51.00 9.25 22.82
CA CYS B 843 50.41 7.92 22.94
C CYS B 843 49.78 7.71 24.31
N ALA B 844 49.15 8.73 24.89
CA ALA B 844 48.52 8.59 26.21
C ALA B 844 47.13 7.99 26.14
N TYR B 845 46.55 7.89 24.96
CA TYR B 845 45.14 7.52 24.86
C TYR B 845 44.96 6.04 24.74
N ASN B 846 43.90 5.53 25.38
CA ASN B 846 43.50 4.13 25.27
C ASN B 846 42.54 4.01 24.10
N PRO B 847 42.00 2.81 23.82
CA PRO B 847 41.04 2.73 22.70
C PRO B 847 39.96 3.82 22.56
N LEU B 848 39.39 4.28 23.68
CA LEU B 848 38.16 5.08 23.67
C LEU B 848 38.00 5.99 24.89
N HIS B 849 38.13 7.29 24.65
CA HIS B 849 38.01 8.33 25.66
C HIS B 849 36.75 9.12 25.42
N TYR B 850 36.17 9.58 26.52
CA TYR B 850 35.04 10.47 26.50
C TYR B 850 35.61 11.72 27.09
N MSE B 851 35.26 12.86 26.52
CA MSE B 851 35.80 14.13 26.94
C MSE B 851 34.69 15.07 27.12
O MSE B 851 33.84 15.22 26.27
CB MSE B 851 36.79 14.48 25.87
CG MSE B 851 38.09 13.70 26.02
SE MSE B 851 39.42 14.82 25.15
CE MSE B 851 40.78 13.53 25.51
N GLU B 852 34.59 15.65 28.33
CA GLU B 852 33.62 16.70 28.60
C GLU B 852 34.05 17.86 27.73
N LEU B 853 33.13 18.77 27.53
CA LEU B 853 33.27 19.79 26.51
C LEU B 853 34.53 20.65 26.55
N PRO B 854 34.97 21.10 27.73
CA PRO B 854 36.23 21.93 27.79
C PRO B 854 37.47 21.16 27.29
N GLU B 855 37.54 19.88 27.63
CA GLU B 855 38.69 19.06 27.27
C GLU B 855 38.57 18.70 25.83
N LEU B 856 37.35 18.41 25.39
CA LEU B 856 37.06 18.19 23.98
C LEU B 856 37.56 19.31 23.12
N PHE B 857 37.36 20.54 23.56
CA PHE B 857 37.71 21.68 22.74
C PHE B 857 39.16 22.07 22.73
N MSE B 858 39.88 21.61 23.74
CA MSE B 858 41.32 21.73 23.72
C MSE B 858 41.83 20.87 22.58
O MSE B 858 42.66 21.32 21.79
CB MSE B 858 41.85 21.38 25.10
CG MSE B 858 41.66 22.55 26.05
SE MSE B 858 42.24 21.97 27.84
CE MSE B 858 42.78 23.70 28.53
N GLU B 859 41.29 19.67 22.49
CA GLU B 859 41.64 18.75 21.42
C GLU B 859 41.27 19.31 20.04
N PHE B 860 40.04 19.79 19.89
CA PHE B 860 39.56 20.34 18.60
C PHE B 860 40.27 21.59 18.12
N ILE B 861 40.56 22.50 19.04
CA ILE B 861 41.32 23.71 18.72
C ILE B 861 42.73 23.36 18.25
N SER B 862 43.31 22.31 18.82
CA SER B 862 44.74 21.99 18.60
C SER B 862 44.96 21.09 17.42
N SER B 863 44.10 20.08 17.28
CA SER B 863 44.16 19.05 16.20
C SER B 863 45.59 18.63 15.96
N MSE B 864 46.13 18.02 17.00
CA MSE B 864 47.56 17.74 17.17
C MSE B 864 47.96 16.48 16.45
O MSE B 864 47.18 15.52 16.40
CB MSE B 864 47.68 17.40 18.64
CG MSE B 864 48.84 18.00 19.35
SE MSE B 864 48.54 17.40 21.20
CE MSE B 864 47.36 18.87 21.75
N THR B 865 49.17 16.48 15.88
CA THR B 865 49.72 15.30 15.24
C THR B 865 51.23 15.24 15.42
N GLY B 866 51.80 14.05 15.39
CA GLY B 866 53.25 13.88 15.45
C GLY B 866 54.03 14.22 14.18
N LYS B 867 53.32 14.30 13.05
CA LYS B 867 53.85 14.85 11.78
C LYS B 867 54.12 16.37 11.92
N SER B 868 55.27 16.81 11.38
CA SER B 868 55.71 18.23 11.40
C SER B 868 55.69 18.88 12.77
N PRO B 869 56.49 18.36 13.71
CA PRO B 869 56.49 19.04 15.02
C PRO B 869 57.04 20.46 14.93
N SER B 870 56.53 21.28 15.84
CA SER B 870 57.00 22.64 15.99
C SER B 870 58.29 22.60 16.84
N THR B 871 58.84 23.78 17.12
CA THR B 871 60.00 23.85 17.99
C THR B 871 59.70 23.42 19.45
N THR B 872 58.44 23.66 19.92
CA THR B 872 58.01 23.43 21.35
C THR B 872 57.12 22.24 21.62
N GLY B 873 56.47 21.70 20.59
CA GLY B 873 55.55 20.59 20.80
C GLY B 873 55.33 19.88 19.49
N ALA B 874 54.08 19.51 19.26
CA ALA B 874 53.69 18.69 18.12
C ALA B 874 53.14 19.56 16.96
N GLY B 875 52.92 18.93 15.82
CA GLY B 875 52.26 19.60 14.71
C GLY B 875 50.79 19.80 15.02
N SER B 876 50.17 20.75 14.33
CA SER B 876 48.75 21.08 14.49
C SER B 876 48.13 21.25 13.12
N GLU B 877 46.98 20.61 12.87
CA GLU B 877 46.16 20.91 11.67
C GLU B 877 45.19 22.07 11.91
N GLY B 878 45.35 22.82 13.00
CA GLY B 878 44.49 23.97 13.32
C GLY B 878 43.07 23.59 13.67
N ALA B 879 42.28 24.60 14.03
CA ALA B 879 40.95 24.39 14.58
C ALA B 879 40.14 23.45 13.73
N LEU B 880 39.72 22.32 14.30
CA LEU B 880 38.84 21.39 13.60
C LEU B 880 39.44 20.74 12.34
N THR B 881 40.76 20.77 12.23
CA THR B 881 41.52 20.20 11.10
C THR B 881 41.37 21.04 9.85
N LYS B 882 40.94 22.30 10.00
CA LYS B 882 40.46 23.15 8.90
C LYS B 882 41.32 24.38 8.66
N SER B 883 42.46 24.49 9.31
CA SER B 883 43.39 25.60 9.00
C SER B 883 43.70 25.74 7.48
N PRO B 884 43.95 24.65 6.78
CA PRO B 884 44.22 24.86 5.35
C PRO B 884 43.01 25.21 4.50
N PHE B 885 41.81 25.21 5.07
CA PHE B 885 40.55 25.36 4.35
C PHE B 885 39.66 26.37 5.00
N ASN B 886 40.22 27.34 5.66
CA ASN B 886 39.41 28.30 6.37
C ASN B 886 40.09 29.64 6.18
N ALA B 887 39.41 30.49 5.43
CA ALA B 887 39.94 31.80 5.09
C ALA B 887 39.64 32.84 6.18
N LEU B 888 38.85 32.44 7.20
CA LEU B 888 38.36 33.34 8.24
C LEU B 888 38.92 33.07 9.63
N PRO B 889 38.79 34.08 10.54
CA PRO B 889 39.12 33.86 11.95
C PRO B 889 38.48 32.56 12.49
N PRO B 890 39.34 31.60 12.91
CA PRO B 890 38.83 30.27 13.19
C PRO B 890 37.86 30.24 14.33
N VAL B 891 37.90 31.25 15.21
CA VAL B 891 36.87 31.40 16.27
C VAL B 891 35.43 31.38 15.84
N TYR B 892 35.15 31.79 14.59
CA TYR B 892 33.77 31.81 14.15
C TYR B 892 33.35 30.35 14.08
N ASP B 893 34.23 29.52 13.49
CA ASP B 893 33.98 28.07 13.45
C ASP B 893 33.85 27.47 14.84
N LEU B 894 34.70 27.94 15.76
CA LEU B 894 34.74 27.38 17.10
C LEU B 894 33.51 27.75 17.91
N ASN B 895 33.08 29.01 17.84
CA ASN B 895 31.83 29.38 18.49
C ASN B 895 30.66 28.52 18.05
N ALA B 896 30.55 28.27 16.76
CA ALA B 896 29.42 27.47 16.23
C ALA B 896 29.52 26.04 16.66
N ALA B 897 30.71 25.47 16.49
CA ALA B 897 30.94 24.10 16.90
C ALA B 897 30.58 23.83 18.37
N LEU B 898 31.09 24.67 19.26
CA LEU B 898 30.79 24.60 20.68
C LEU B 898 29.26 24.53 20.91
N LEU B 899 28.53 25.51 20.36
CA LEU B 899 27.06 25.54 20.54
C LEU B 899 26.42 24.26 20.07
N SER B 900 26.97 23.69 19.02
CA SER B 900 26.39 22.47 18.47
C SER B 900 26.48 21.31 19.48
N TYR B 901 27.60 21.18 20.20
CA TYR B 901 27.76 20.11 21.18
C TYR B 901 26.92 20.37 22.42
N ALA B 902 26.90 21.62 22.88
CA ALA B 902 26.19 21.96 24.14
C ALA B 902 24.69 21.96 23.98
N LEU B 903 24.20 22.61 22.94
CA LEU B 903 22.77 22.65 22.65
C LEU B 903 22.23 21.31 22.22
N GLY B 904 23.08 20.51 21.57
CA GLY B 904 22.70 19.19 21.11
C GLY B 904 22.88 18.12 22.14
N GLY B 905 23.52 18.44 23.26
CA GLY B 905 23.75 17.42 24.31
C GLY B 905 24.54 16.24 23.80
N TYR B 906 25.60 16.51 23.01
CA TYR B 906 26.40 15.48 22.35
C TYR B 906 27.69 15.23 23.19
N ASP B 907 27.83 13.98 23.60
CA ASP B 907 28.98 13.48 24.26
C ASP B 907 30.12 13.40 23.25
N GLY B 908 31.25 14.04 23.55
CA GLY B 908 32.43 13.96 22.70
C GLY B 908 33.31 12.72 22.93
N TRP B 909 33.29 11.76 22.01
CA TRP B 909 34.16 10.59 22.06
C TRP B 909 35.38 10.72 21.15
N LEU B 910 36.46 10.09 21.56
CA LEU B 910 37.73 10.07 20.82
C LEU B 910 38.22 8.64 20.72
N SER B 911 38.25 8.05 19.51
CA SER B 911 38.89 6.76 19.30
C SER B 911 40.36 6.90 18.90
N SER B 912 41.07 5.82 19.12
CA SER B 912 42.51 5.77 18.98
C SER B 912 42.92 5.04 17.73
N ALA B 913 43.82 5.66 16.98
CA ALA B 913 44.40 5.08 15.80
C ALA B 913 45.92 5.15 15.90
N GLY B 914 46.56 4.28 15.13
CA GLY B 914 48.01 4.16 15.08
C GLY B 914 48.53 3.22 16.18
N TYR B 915 48.71 3.84 17.34
CA TYR B 915 49.24 3.22 18.50
C TYR B 915 48.36 3.52 19.73
N ILE B 916 48.32 2.55 20.63
CA ILE B 916 47.92 2.76 21.98
C ILE B 916 49.13 2.59 22.86
N GLY B 917 49.55 3.65 23.51
CA GLY B 917 50.86 3.66 24.18
C GLY B 917 52.04 3.44 23.24
N PRO B 918 53.26 3.39 23.77
CA PRO B 918 54.44 3.30 22.88
C PRO B 918 54.67 1.99 22.21
N LYS B 919 54.05 0.91 22.65
CA LYS B 919 54.44 -0.42 22.19
C LYS B 919 53.42 -1.19 21.42
N VAL B 920 52.14 -0.80 21.52
CA VAL B 920 51.05 -1.55 20.91
C VAL B 920 50.53 -0.83 19.68
N LYS B 921 50.78 -1.42 18.52
CA LYS B 921 50.27 -0.93 17.28
C LYS B 921 48.79 -1.34 17.19
N VAL B 922 47.90 -0.42 16.80
CA VAL B 922 46.50 -0.74 16.47
C VAL B 922 46.06 -0.51 15.03
N ALA B 923 46.80 0.26 14.26
CA ALA B 923 46.38 0.68 12.92
C ALA B 923 44.98 1.28 13.02
N HIS B 924 44.00 0.80 12.24
CA HIS B 924 42.61 1.24 12.38
C HIS B 924 41.68 0.13 12.92
N ASP B 925 42.28 -0.84 13.58
CA ASP B 925 41.54 -1.98 14.14
C ASP B 925 40.42 -1.54 15.11
N ILE B 926 40.63 -0.42 15.80
CA ILE B 926 39.62 0.16 16.68
C ILE B 926 38.75 1.19 16.02
N SER B 927 39.33 2.05 15.19
CA SER B 927 38.51 2.90 14.31
C SER B 927 37.28 2.14 13.75
N LEU B 928 37.48 0.93 13.26
CA LEU B 928 36.39 0.16 12.61
C LEU B 928 35.32 -0.39 13.55
N LEU B 929 35.68 -0.62 14.80
CA LEU B 929 34.77 -1.17 15.78
C LEU B 929 33.83 -0.12 16.36
N VAL B 930 34.22 1.13 16.29
CA VAL B 930 33.40 2.21 16.84
C VAL B 930 31.90 2.14 16.53
N PRO B 931 31.54 2.25 15.25
CA PRO B 931 30.13 2.15 14.93
C PRO B 931 29.43 0.85 15.33
N GLU B 932 30.15 -0.26 15.40
CA GLU B 932 29.56 -1.56 15.69
C GLU B 932 29.15 -1.62 17.13
N ILE B 933 29.92 -0.96 17.99
CA ILE B 933 29.71 -0.99 19.44
C ILE B 933 28.57 -0.08 19.82
N PHE B 934 28.65 1.16 19.35
CA PHE B 934 27.67 2.17 19.70
C PHE B 934 26.32 1.84 19.12
N SER B 935 26.29 1.22 17.94
CA SER B 935 25.03 0.88 17.30
C SER B 935 24.34 -0.33 17.95
N ARG B 936 25.06 -1.05 18.79
CA ARG B 936 24.48 -2.15 19.56
C ARG B 936 24.26 -1.79 21.05
N MSE B 937 24.29 -0.50 21.36
CA MSE B 937 23.96 0.04 22.68
C MSE B 937 22.81 1.01 22.52
O MSE B 937 22.77 1.73 21.54
CB MSE B 937 25.12 0.83 23.27
CG MSE B 937 26.26 -0.12 23.61
SE MSE B 937 27.98 0.78 24.02
CE MSE B 937 28.17 2.64 23.45
N THR B 938 21.92 1.05 23.52
CA THR B 938 20.76 1.94 23.50
C THR B 938 21.28 3.30 23.81
N PRO B 939 20.54 4.36 23.43
CA PRO B 939 20.99 5.73 23.81
C PRO B 939 21.15 5.92 25.33
N GLN B 940 20.32 5.30 26.14
CA GLN B 940 20.41 5.42 27.59
C GLN B 940 21.71 4.79 28.07
N GLU B 941 22.00 3.58 27.58
CA GLU B 941 23.25 2.87 27.87
C GLU B 941 24.56 3.59 27.52
N ARG B 942 24.59 4.28 26.37
CA ARG B 942 25.83 4.93 25.91
C ARG B 942 25.95 6.38 26.28
N ASP B 943 24.98 6.92 27.00
CA ASP B 943 25.08 8.28 27.53
C ASP B 943 26.28 8.33 28.49
N ALA B 944 27.12 9.35 28.37
CA ALA B 944 28.37 9.38 29.16
C ALA B 944 28.08 9.41 30.66
N ARG B 945 27.13 10.24 31.09
CA ARG B 945 26.69 10.27 32.51
C ARG B 945 26.32 8.88 33.02
N ALA B 946 25.56 8.13 32.27
CA ALA B 946 25.14 6.78 32.73
C ALA B 946 26.32 5.82 32.87
N LEU B 947 27.26 5.93 31.93
CA LEU B 947 28.46 5.07 31.94
C LEU B 947 29.38 5.42 33.12
N ILE B 948 29.51 6.70 33.42
CA ILE B 948 30.27 7.11 34.60
C ILE B 948 29.58 6.61 35.86
N GLU B 949 28.25 6.79 35.97
CA GLU B 949 27.54 6.29 37.16
C GLU B 949 27.65 4.80 37.35
N ALA B 950 27.66 4.04 36.27
CA ALA B 950 27.84 2.58 36.38
C ALA B 950 29.30 2.11 36.54
N GLY B 951 30.26 3.03 36.50
CA GLY B 951 31.66 2.63 36.64
C GLY B 951 32.29 2.11 35.34
N TYR B 952 31.72 2.41 34.19
CA TYR B 952 32.25 1.92 32.91
C TYR B 952 33.25 2.89 32.29
N LEU B 953 33.26 4.16 32.72
CA LEU B 953 34.32 5.12 32.36
C LEU B 953 35.11 5.54 33.59
N GLU B 954 36.43 5.71 33.45
CA GLU B 954 37.28 6.15 34.54
C GLU B 954 37.91 7.50 34.25
N ARG B 955 37.78 8.45 35.16
CA ARG B 955 38.37 9.76 35.01
C ARG B 955 39.89 9.74 35.15
N LEU B 956 40.58 10.64 34.48
CA LEU B 956 42.04 10.74 34.57
C LEU B 956 42.35 11.97 35.32
N GLU B 957 43.40 11.90 36.13
CA GLU B 957 43.65 12.92 37.10
C GLU B 957 45.12 13.31 37.04
N ASP B 958 45.41 14.52 37.51
CA ASP B 958 46.77 15.01 37.54
C ASP B 958 47.64 14.18 38.50
N PHE B 959 48.92 14.15 38.21
CA PHE B 959 49.88 13.50 39.05
C PHE B 959 51.22 14.18 38.88
N ASP B 960 52.17 13.81 39.73
CA ASP B 960 53.53 14.38 39.73
C ASP B 960 54.52 13.40 39.11
N HIS B 961 55.45 13.93 38.35
CA HIS B 961 56.46 13.10 37.70
C HIS B 961 57.73 13.92 37.64
N GLU B 962 58.79 13.35 38.22
CA GLU B 962 60.06 14.06 38.49
C GLU B 962 59.85 15.44 39.08
N GLY B 963 58.86 15.55 39.99
CA GLY B 963 58.52 16.81 40.60
C GLY B 963 57.68 17.81 39.80
N ARG B 964 57.34 17.51 38.54
CA ARG B 964 56.55 18.41 37.69
C ARG B 964 55.13 17.92 37.70
N ARG B 965 54.17 18.83 37.74
CA ARG B 965 52.77 18.47 37.61
C ARG B 965 52.46 18.01 36.17
N ILE B 966 51.97 16.80 36.00
CA ILE B 966 51.50 16.29 34.72
C ILE B 966 49.96 16.43 34.71
N GLU B 967 49.41 17.14 33.73
CA GLU B 967 47.98 17.52 33.69
C GLU B 967 47.17 16.50 32.92
N ALA B 968 47.30 15.25 33.31
CA ALA B 968 46.55 14.16 32.66
C ALA B 968 45.02 14.31 32.76
N SER B 969 44.51 15.16 33.65
CA SER B 969 43.08 15.49 33.62
C SER B 969 42.55 16.06 32.29
N ARG B 970 43.43 16.60 31.45
CA ARG B 970 43.07 17.07 30.13
C ARG B 970 42.68 15.94 29.18
N LEU B 971 42.97 14.69 29.52
CA LEU B 971 42.57 13.53 28.70
C LEU B 971 41.18 13.01 28.98
N GLY B 972 40.40 13.69 29.82
CA GLY B 972 38.98 13.30 30.07
C GLY B 972 38.81 12.02 30.81
N TYR B 973 37.93 11.15 30.30
CA TYR B 973 37.59 9.85 30.92
C TYR B 973 37.95 8.81 29.89
N ARG B 974 38.09 7.55 30.32
CA ARG B 974 38.40 6.48 29.38
C ARG B 974 37.72 5.20 29.80
N MSE B 975 37.50 4.31 28.83
CA MSE B 975 36.82 3.03 29.09
C MSE B 975 37.73 2.21 29.89
O MSE B 975 38.94 2.36 29.79
CB MSE B 975 36.45 2.27 27.79
CG MSE B 975 37.62 2.00 26.82
SE MSE B 975 37.32 0.66 25.42
CE MSE B 975 36.88 -0.95 26.48
N ASN B 976 37.18 1.30 30.67
CA ASN B 976 37.95 0.40 31.52
C ASN B 976 37.54 -1.02 31.22
N ALA B 977 38.08 -1.96 31.98
CA ALA B 977 37.79 -3.36 31.78
C ALA B 977 36.31 -3.66 31.92
N ALA B 978 35.61 -2.92 32.79
CA ALA B 978 34.17 -3.15 33.04
C ALA B 978 33.29 -2.80 31.83
N PHE B 979 33.67 -1.76 31.10
CA PHE B 979 33.03 -1.41 29.84
C PHE B 979 33.20 -2.54 28.86
N ALA B 980 34.40 -3.08 28.76
CA ALA B 980 34.61 -4.21 27.87
C ALA B 980 33.71 -5.41 28.25
N THR B 981 33.54 -5.69 29.54
CA THR B 981 32.74 -6.82 29.95
C THR B 981 31.27 -6.58 29.67
N ALA B 982 30.82 -5.38 29.97
CA ALA B 982 29.42 -5.02 29.82
C ALA B 982 28.92 -4.99 28.37
N TYR B 983 29.76 -4.62 27.41
CA TYR B 983 29.28 -4.19 26.08
C TYR B 983 30.02 -4.80 24.87
N PHE B 984 31.33 -5.00 24.96
CA PHE B 984 32.09 -5.59 23.86
C PHE B 984 31.72 -7.05 23.70
N GLY B 985 31.13 -7.62 24.74
CA GLY B 985 30.44 -8.92 24.65
C GLY B 985 29.35 -9.04 23.58
N ARG B 986 28.89 -7.91 23.04
CA ARG B 986 27.89 -7.94 21.98
C ARG B 986 28.47 -8.11 20.57
N ILE B 987 29.79 -7.97 20.42
CA ILE B 987 30.53 -8.22 19.15
C ILE B 987 31.39 -9.44 19.29
N PHE B 988 32.12 -9.51 20.38
CA PHE B 988 33.08 -10.57 20.61
C PHE B 988 32.59 -11.60 21.60
N LEU B 989 33.20 -12.76 21.53
CA LEU B 989 32.82 -13.88 22.31
C LEU B 989 33.52 -13.90 23.68
N HIS B 990 34.76 -13.40 23.77
CA HIS B 990 35.52 -13.37 25.03
C HIS B 990 35.92 -11.91 25.38
N PRO B 991 34.93 -11.05 25.67
CA PRO B 991 35.19 -9.62 25.83
C PRO B 991 36.29 -9.21 26.85
N ASP B 992 36.68 -10.13 27.73
CA ASP B 992 37.68 -9.85 28.74
C ASP B 992 39.12 -9.97 28.22
N VAL B 993 39.35 -10.69 27.13
CA VAL B 993 40.68 -10.73 26.49
C VAL B 993 40.80 -9.84 25.24
N VAL B 994 39.77 -9.05 24.94
CA VAL B 994 39.79 -8.21 23.76
C VAL B 994 40.90 -7.18 23.85
N PHE B 995 40.96 -6.47 24.98
CA PHE B 995 42.01 -5.52 25.29
C PHE B 995 42.81 -5.98 26.50
N THR B 996 44.15 -5.98 26.35
CA THR B 996 45.07 -6.23 27.42
C THR B 996 44.99 -5.12 28.39
N GLU B 997 45.54 -5.37 29.56
CA GLU B 997 45.61 -4.38 30.62
C GLU B 997 46.44 -3.17 30.14
N GLU B 998 47.55 -3.42 29.45
CA GLU B 998 48.38 -2.34 28.89
C GLU B 998 47.68 -1.53 27.79
N MSE B 999 46.75 -2.17 27.05
CA MSE B 999 45.91 -1.46 26.11
C MSE B 999 44.89 -0.60 26.81
O MSE B 999 44.67 0.54 26.42
CB MSE B 999 45.27 -2.41 25.08
CG MSE B 999 46.31 -2.91 24.12
SE MSE B 999 45.65 -4.53 23.22
CE MSE B 999 44.74 -3.39 21.89
N LEU B 1000 44.27 -1.08 27.87
CA LEU B 1000 43.32 -0.20 28.60
C LEU B 1000 44.01 0.89 29.49
N ARG B 1001 45.22 0.63 29.93
CA ARG B 1001 45.97 1.52 30.82
C ARG B 1001 47.36 1.71 30.21
N PRO B 1002 47.49 2.61 29.24
CA PRO B 1002 48.74 2.64 28.52
C PRO B 1002 49.93 3.11 29.32
N GLU B 1003 49.71 3.82 30.42
CA GLU B 1003 50.76 4.14 31.42
C GLU B 1003 51.55 2.98 32.00
N LEU B 1004 51.00 1.78 31.94
CA LEU B 1004 51.73 0.57 32.39
C LEU B 1004 52.80 0.12 31.43
N GLN B 1005 52.70 0.53 30.19
CA GLN B 1005 53.70 0.19 29.21
C GLN B 1005 55.01 0.91 29.52
N ASP B 1006 54.89 2.19 29.89
CA ASP B 1006 56.03 3.03 30.28
C ASP B 1006 55.47 4.32 30.89
N PRO B 1007 55.55 4.45 32.21
CA PRO B 1007 55.03 5.68 32.82
C PRO B 1007 55.77 6.96 32.40
N ALA B 1008 57.04 6.85 32.03
CA ALA B 1008 57.78 8.05 31.69
C ALA B 1008 57.15 8.64 30.42
N ILE B 1009 57.01 7.79 29.40
CA ILE B 1009 56.50 8.21 28.10
C ILE B 1009 55.07 8.80 28.29
N PHE B 1010 54.23 8.10 29.06
CA PHE B 1010 52.88 8.60 29.33
C PHE B 1010 52.88 10.02 29.84
N ALA B 1011 53.70 10.28 30.83
CA ALA B 1011 53.88 11.63 31.31
C ALA B 1011 54.50 12.55 30.26
N ASP B 1012 55.37 12.03 29.39
CA ASP B 1012 55.96 12.86 28.33
C ASP B 1012 54.87 13.31 27.34
N SER B 1013 53.98 12.38 26.95
CA SER B 1013 52.83 12.65 26.06
C SER B 1013 51.93 13.72 26.61
N VAL B 1014 51.56 13.63 27.89
CA VAL B 1014 50.76 14.66 28.47
C VAL B 1014 51.47 16.01 28.45
N GLU B 1015 52.76 16.04 28.68
CA GLU B 1015 53.47 17.33 28.61
C GLU B 1015 53.52 17.91 27.19
N VAL B 1016 53.64 17.04 26.21
CA VAL B 1016 53.57 17.45 24.80
C VAL B 1016 52.18 18.04 24.48
N ILE B 1017 51.15 17.38 24.95
CA ILE B 1017 49.79 17.91 24.85
C ILE B 1017 49.68 19.31 25.44
N VAL B 1018 50.16 19.50 26.67
CA VAL B 1018 50.04 20.83 27.33
C VAL B 1018 50.88 21.89 26.58
N ALA B 1019 52.05 21.50 26.09
CA ALA B 1019 52.90 22.47 25.35
C ALA B 1019 52.18 22.86 24.07
N THR B 1020 51.63 21.87 23.38
CA THR B 1020 50.96 22.12 22.13
C THR B 1020 49.73 23.00 22.32
N HIS B 1021 48.95 22.78 23.37
CA HIS B 1021 47.81 23.66 23.69
C HIS B 1021 48.25 25.09 23.84
N ARG B 1022 49.40 25.29 24.43
CA ARG B 1022 49.91 26.62 24.69
C ARG B 1022 50.29 27.30 23.38
N ALA B 1023 51.11 26.62 22.56
CA ALA B 1023 51.54 27.14 21.25
C ALA B 1023 50.38 27.43 20.28
N VAL B 1024 49.35 26.61 20.30
CA VAL B 1024 48.15 26.87 19.51
C VAL B 1024 47.29 28.00 20.06
N ALA B 1025 47.08 28.05 21.37
CA ALA B 1025 46.36 29.16 21.96
C ALA B 1025 47.02 30.53 21.66
N LYS B 1026 48.35 30.56 21.59
CA LYS B 1026 49.11 31.79 21.28
C LYS B 1026 48.64 32.51 19.99
N HIS B 1027 48.30 31.74 18.97
CA HIS B 1027 47.69 32.30 17.75
C HIS B 1027 46.51 33.20 18.03
N TYR B 1028 45.64 32.81 18.96
CA TYR B 1028 44.43 33.58 19.25
C TYR B 1028 44.76 34.82 20.04
N VAL B 1029 45.83 34.73 20.84
CA VAL B 1029 46.32 35.90 21.55
C VAL B 1029 46.98 36.86 20.56
N ASP B 1030 47.86 36.39 19.70
CA ASP B 1030 48.62 37.29 18.81
C ASP B 1030 47.77 38.06 17.79
N ASP B 1031 46.67 37.48 17.30
CA ASP B 1031 45.74 38.17 16.39
C ASP B 1031 44.52 38.82 17.06
N GLY B 1032 44.39 38.71 18.38
CA GLY B 1032 43.24 39.28 19.12
C GLY B 1032 41.94 38.53 18.98
N SER B 1033 41.91 37.43 18.20
CA SER B 1033 40.76 36.52 18.07
C SER B 1033 40.15 36.15 19.37
N ILE B 1034 41.02 36.00 20.38
CA ILE B 1034 40.60 35.59 21.71
C ILE B 1034 39.47 36.47 22.24
N GLN B 1035 39.48 37.75 21.85
CA GLN B 1035 38.43 38.70 22.21
C GLN B 1035 37.09 38.38 21.58
N TRP B 1036 37.05 37.64 20.46
CA TRP B 1036 35.80 37.33 19.76
C TRP B 1036 35.28 35.93 20.12
N ALA B 1037 35.98 35.22 20.97
CA ALA B 1037 35.54 33.90 21.37
C ALA B 1037 34.42 34.05 22.38
N VAL B 1038 33.41 33.18 22.32
CA VAL B 1038 32.32 33.25 23.30
C VAL B 1038 32.86 32.90 24.70
N PRO B 1039 32.29 33.45 25.80
CA PRO B 1039 32.90 33.33 27.15
C PRO B 1039 33.56 31.98 27.54
N PRO B 1040 32.82 30.84 27.43
CA PRO B 1040 33.51 29.60 27.75
C PRO B 1040 34.79 29.34 26.96
N LEU B 1041 34.82 29.71 25.68
CA LEU B 1041 36.02 29.51 24.87
C LEU B 1041 37.10 30.50 25.14
N LYS B 1042 36.71 31.74 25.41
CA LYS B 1042 37.70 32.77 25.74
C LYS B 1042 38.52 32.28 26.93
N ALA B 1043 37.82 31.93 28.00
CA ALA B 1043 38.45 31.37 29.20
C ALA B 1043 39.30 30.14 28.93
N LEU B 1044 38.77 29.26 28.12
CA LEU B 1044 39.49 28.07 27.74
C LEU B 1044 40.81 28.41 27.07
N LEU B 1045 40.76 29.31 26.11
CA LEU B 1045 41.98 29.75 25.41
C LEU B 1045 42.99 30.41 26.34
N GLU B 1046 42.50 31.25 27.24
CA GLU B 1046 43.35 31.89 28.24
C GLU B 1046 44.09 30.89 29.11
N ILE B 1047 43.35 29.87 29.57
CA ILE B 1047 43.95 28.79 30.38
C ILE B 1047 45.02 28.04 29.61
N MSE B 1048 44.76 27.72 28.35
CA MSE B 1048 45.67 26.95 27.49
C MSE B 1048 46.94 27.69 27.38
O MSE B 1048 48.05 27.13 27.44
CB MSE B 1048 45.09 26.75 26.08
CG MSE B 1048 43.94 25.75 26.05
SE MSE B 1048 42.91 25.63 24.36
CE MSE B 1048 44.24 24.72 23.24
N TYR B 1049 46.80 28.99 27.21
CA TYR B 1049 47.97 29.84 26.99
C TYR B 1049 48.76 30.11 28.27
N SER B 1050 48.10 30.70 29.27
CA SER B 1050 48.79 31.18 30.49
C SER B 1050 48.51 30.38 31.80
N GLY B 1051 47.58 29.43 31.78
CA GLY B 1051 47.21 28.66 32.97
C GLY B 1051 45.96 29.14 33.70
N ARG B 1052 45.62 30.43 33.58
CA ARG B 1052 44.47 31.01 34.25
C ARG B 1052 43.69 31.84 33.28
N SER B 1053 42.36 31.79 33.39
CA SER B 1053 41.50 32.73 32.74
C SER B 1053 41.76 34.14 33.27
N GLU B 1054 41.11 35.13 32.65
CA GLU B 1054 41.18 36.51 33.08
C GLU B 1054 40.56 36.70 34.48
N GLU B 1055 39.49 35.96 34.78
CA GLU B 1055 38.83 36.02 36.08
C GLU B 1055 39.58 35.21 37.14
N GLY B 1056 40.68 34.53 36.76
CA GLY B 1056 41.45 33.70 37.69
C GLY B 1056 41.11 32.22 37.70
N TRP B 1057 40.24 31.78 36.80
CA TRP B 1057 39.80 30.40 36.78
C TRP B 1057 40.81 29.44 36.15
N THR B 1058 40.64 28.17 36.47
CA THR B 1058 41.43 27.12 35.87
C THR B 1058 40.47 26.04 35.44
N LEU B 1059 40.98 24.97 34.85
CA LEU B 1059 40.08 23.98 34.29
C LEU B 1059 39.07 23.36 35.23
N SER B 1060 39.37 23.32 36.53
CA SER B 1060 38.50 22.66 37.50
C SER B 1060 37.60 23.63 38.24
N SER B 1061 37.81 24.93 38.05
CA SER B 1061 36.90 25.94 38.58
C SER B 1061 35.47 25.62 38.16
N PRO B 1062 34.56 25.40 39.11
CA PRO B 1062 33.13 25.18 38.80
C PRO B 1062 32.50 26.29 37.97
N GLU B 1063 32.98 27.53 38.14
CA GLU B 1063 32.45 28.69 37.40
C GLU B 1063 32.82 28.63 35.92
N LEU B 1064 34.01 28.13 35.61
CA LEU B 1064 34.37 27.90 34.21
C LEU B 1064 33.57 26.73 33.60
N ARG B 1065 33.46 25.63 34.31
CA ARG B 1065 32.67 24.48 33.85
C ARG B 1065 31.20 24.81 33.61
N ALA B 1066 30.65 25.72 34.42
CA ALA B 1066 29.24 26.07 34.34
C ALA B 1066 28.91 26.84 33.04
N LEU B 1067 29.86 27.68 32.58
CA LEU B 1067 29.78 28.33 31.26
C LEU B 1067 29.58 27.36 30.06
N PHE B 1068 29.96 26.09 30.20
CA PHE B 1068 29.76 25.10 29.13
C PHE B 1068 28.44 24.34 29.22
N GLU B 1069 27.59 24.63 30.19
CA GLU B 1069 26.41 23.79 30.38
C GLU B 1069 25.25 24.38 29.56
N ARG B 1070 24.41 23.51 29.06
CA ARG B 1070 23.34 23.88 28.11
C ARG B 1070 22.39 24.96 28.62
N GLU B 1071 21.94 24.80 29.87
CA GLU B 1071 21.07 25.78 30.54
C GLU B 1071 21.68 27.18 30.65
N ASN B 1072 22.94 27.30 31.06
CA ASN B 1072 23.55 28.63 31.20
C ASN B 1072 23.78 29.30 29.89
N ILE B 1073 24.00 28.53 28.84
CA ILE B 1073 24.17 29.10 27.52
C ILE B 1073 22.84 29.67 27.02
N LEU B 1074 21.79 28.85 27.06
CA LEU B 1074 20.45 29.31 26.63
C LEU B 1074 19.94 30.55 27.35
N ALA B 1075 20.36 30.76 28.60
CA ALA B 1075 19.98 31.93 29.39
C ALA B 1075 20.85 33.15 29.13
N SER B 1076 22.02 32.96 28.53
CA SER B 1076 23.03 34.00 28.49
C SER B 1076 22.65 35.11 27.56
N ASP B 1077 23.22 36.27 27.83
CA ASP B 1077 23.14 37.38 26.88
C ASP B 1077 23.89 37.07 25.60
N TRP B 1078 25.11 36.55 25.72
CA TRP B 1078 25.91 36.32 24.51
C TRP B 1078 25.22 35.37 23.52
N TYR B 1079 24.54 34.33 24.02
CA TYR B 1079 23.76 33.46 23.12
C TYR B 1079 22.54 34.18 22.50
N ALA B 1080 21.81 34.94 23.32
CA ALA B 1080 20.66 35.74 22.81
C ALA B 1080 21.13 36.73 21.72
N GLU B 1081 22.33 37.28 21.90
CA GLU B 1081 22.96 38.17 20.92
C GLU B 1081 23.21 37.51 19.57
N ARG B 1082 23.50 36.22 19.58
CA ARG B 1082 23.74 35.47 18.35
C ARG B 1082 22.45 35.17 17.62
N VAL B 1083 21.39 34.88 18.38
CA VAL B 1083 20.07 34.60 17.80
C VAL B 1083 19.57 35.85 17.11
N ASP B 1084 19.69 36.98 17.79
CA ASP B 1084 19.33 38.27 17.20
C ASP B 1084 20.20 38.72 16.01
N ALA B 1085 21.47 38.32 15.94
CA ALA B 1085 22.29 38.60 14.75
C ALA B 1085 21.79 37.80 13.53
N LYS B 1086 21.39 36.56 13.78
CA LYS B 1086 20.82 35.73 12.73
C LYS B 1086 19.51 36.30 12.17
N VAL B 1087 18.65 36.85 13.03
CA VAL B 1087 17.40 37.50 12.61
C VAL B 1087 17.75 38.72 11.76
N GLU B 1088 18.73 39.51 12.19
CA GLU B 1088 19.11 40.70 11.45
C GLU B 1088 19.74 40.37 10.11
N ARG B 1089 20.50 39.27 10.02
CA ARG B 1089 21.12 38.94 8.74
C ARG B 1089 20.06 38.51 7.77
N ASP B 1090 19.21 37.60 8.19
CA ASP B 1090 18.05 37.15 7.41
C ASP B 1090 17.12 38.28 6.90
N ARG B 1091 16.71 39.18 7.79
CA ARG B 1091 16.01 40.38 7.41
C ARG B 1091 16.72 41.10 6.23
N LYS B 1092 17.99 41.51 6.38
CA LYS B 1092 18.70 42.21 5.27
C LYS B 1092 18.69 41.46 3.94
N GLN B 1093 18.89 40.15 4.01
CA GLN B 1093 18.90 39.29 2.82
C GLN B 1093 17.51 39.15 2.21
N ALA B 1094 16.47 39.13 3.03
CA ALA B 1094 15.09 39.14 2.55
C ALA B 1094 14.77 40.48 1.87
N GLU B 1095 15.29 41.58 2.40
CA GLU B 1095 15.22 42.89 1.75
C GLU B 1095 16.06 42.98 0.47
N SER B 1096 17.25 42.39 0.49
CA SER B 1096 18.07 42.33 -0.69
C SER B 1096 17.44 41.43 -1.80
N ALA B 1097 16.62 40.46 -1.38
CA ALA B 1097 15.84 39.59 -2.30
C ALA B 1097 14.68 40.31 -2.96
N ILE B 1098 13.91 41.04 -2.15
CA ILE B 1098 12.81 41.86 -2.62
C ILE B 1098 13.33 42.91 -3.62
N ALA B 1099 14.43 43.59 -3.29
CA ALA B 1099 15.08 44.55 -4.20
C ALA B 1099 15.58 43.98 -5.53
N ALA B 1100 15.98 42.71 -5.53
CA ALA B 1100 16.48 42.07 -6.75
C ALA B 1100 15.32 41.56 -7.62
N LEU B 1101 14.28 41.02 -7.00
CA LEU B 1101 13.13 40.53 -7.75
C LEU B 1101 12.39 41.69 -8.41
N THR B 1102 12.19 42.79 -7.68
CA THR B 1102 11.54 43.97 -8.27
C THR B 1102 12.35 44.54 -9.45
N ARG B 1103 13.65 44.84 -9.26
CA ARG B 1103 14.51 45.39 -10.35
C ARG B 1103 14.43 44.58 -11.65
N PHE B 1104 14.31 43.27 -11.52
CA PHE B 1104 14.16 42.38 -12.66
C PHE B 1104 12.78 42.53 -13.34
N THR B 1105 11.69 42.47 -12.55
CA THR B 1105 10.29 42.55 -13.07
C THR B 1105 9.95 43.91 -13.71
N THR B 1106 10.79 44.91 -13.43
CA THR B 1106 10.71 46.25 -13.98
C THR B 1106 12.05 46.66 -14.61
N THR B 1107 12.70 45.73 -15.32
CA THR B 1107 13.72 46.11 -16.30
C THR B 1107 13.05 46.02 -17.67
N GLN B 1108 13.49 46.92 -18.56
CA GLN B 1108 13.04 47.01 -19.95
C GLN B 1108 13.14 45.65 -20.66
N GLY B 1109 11.97 45.11 -21.04
CA GLY B 1109 11.88 43.95 -21.93
C GLY B 1109 12.04 42.61 -21.27
N ASN B 1110 11.46 42.44 -20.09
CA ASN B 1110 11.62 41.23 -19.29
C ASN B 1110 10.29 40.61 -18.92
N GLU B 1111 9.25 40.92 -19.70
CA GLU B 1111 7.86 40.60 -19.29
C GLU B 1111 7.47 39.15 -19.55
N GLU B 1112 8.09 38.54 -20.56
CA GLU B 1112 7.72 37.19 -21.02
C GLU B 1112 8.46 36.13 -20.20
N VAL B 1113 9.73 36.40 -19.90
CA VAL B 1113 10.42 35.67 -18.83
C VAL B 1113 9.70 35.83 -17.47
N THR B 1114 9.31 37.05 -17.13
CA THR B 1114 8.63 37.36 -15.85
C THR B 1114 7.36 36.56 -15.58
N GLU B 1115 6.63 36.20 -16.62
CA GLU B 1115 5.40 35.39 -16.43
C GLU B 1115 5.67 33.91 -16.57
N ARG B 1116 6.60 33.53 -17.44
CA ARG B 1116 6.99 32.11 -17.61
C ARG B 1116 7.47 31.50 -16.30
N LEU B 1117 8.34 32.24 -15.60
CA LEU B 1117 8.91 31.82 -14.29
C LEU B 1117 8.08 32.23 -13.05
N ASP B 1118 6.91 32.84 -13.25
CA ASP B 1118 5.99 33.20 -12.16
C ASP B 1118 6.78 34.02 -11.12
N ILE B 1119 7.47 35.05 -11.61
CA ILE B 1119 8.36 35.88 -10.80
C ILE B 1119 7.63 36.71 -9.76
N GLU B 1120 6.44 37.19 -10.09
CA GLU B 1120 5.67 37.96 -9.14
C GLU B 1120 5.02 37.07 -8.06
N GLY B 1121 4.78 35.79 -8.36
CA GLY B 1121 4.49 34.77 -7.32
C GLY B 1121 5.67 34.51 -6.36
N ARG B 1122 6.90 34.67 -6.86
CA ARG B 1122 8.10 34.66 -6.03
C ARG B 1122 8.27 35.94 -5.19
N LEU B 1123 7.94 37.09 -5.77
CA LEU B 1123 8.07 38.37 -5.07
C LEU B 1123 7.02 38.51 -3.98
N ALA B 1124 5.87 37.86 -4.15
CA ALA B 1124 4.88 37.78 -3.08
C ALA B 1124 5.35 36.89 -1.93
N SER B 1125 6.02 35.78 -2.27
CA SER B 1125 6.61 34.89 -1.25
C SER B 1125 7.82 35.56 -0.55
N ALA B 1126 8.65 36.29 -1.30
CA ALA B 1126 9.75 37.10 -0.71
C ALA B 1126 9.28 38.22 0.24
N ARG B 1127 8.11 38.80 -0.05
CA ARG B 1127 7.44 39.79 0.82
C ARG B 1127 6.82 39.14 2.06
N ALA B 1128 6.21 37.97 1.91
CA ALA B 1128 5.65 37.23 3.08
C ALA B 1128 6.76 36.73 4.02
N TRP B 1129 7.88 36.30 3.44
CA TRP B 1129 9.11 35.92 4.17
C TRP B 1129 9.64 37.07 5.06
N LEU B 1130 9.96 38.23 4.48
CA LEU B 1130 10.40 39.42 5.27
C LEU B 1130 9.54 39.68 6.51
N ASP B 1131 8.23 39.53 6.36
CA ASP B 1131 7.30 39.65 7.50
C ASP B 1131 7.50 38.55 8.53
N GLU B 1132 7.65 37.32 8.03
CA GLU B 1132 7.95 36.18 8.90
C GLU B 1132 9.30 36.33 9.63
N VAL B 1133 10.37 36.79 8.97
CA VAL B 1133 11.69 36.82 9.64
C VAL B 1133 11.73 37.84 10.77
N THR B 1134 10.96 38.93 10.64
CA THR B 1134 10.87 39.95 11.69
C THR B 1134 9.88 39.58 12.83
N SER B 1135 9.05 38.56 12.63
CA SER B 1135 8.02 38.18 13.62
C SER B 1135 8.63 37.48 14.83
N PRO B 1136 7.93 37.54 15.98
CA PRO B 1136 8.43 36.87 17.19
C PRO B 1136 8.44 35.34 17.13
N ALA B 1137 7.49 34.73 16.44
CA ALA B 1137 7.50 33.26 16.28
C ALA B 1137 8.78 32.72 15.58
N TYR B 1138 9.41 33.55 14.74
CA TYR B 1138 10.68 33.21 14.08
C TYR B 1138 11.90 33.31 15.00
N ARG B 1139 12.02 34.43 15.70
CA ARG B 1139 13.03 34.59 16.73
C ARG B 1139 13.01 33.42 17.75
N ALA B 1140 11.83 32.92 18.11
CA ALA B 1140 11.66 31.81 19.05
C ALA B 1140 12.02 30.43 18.48
N HIS B 1141 11.66 30.17 17.22
CA HIS B 1141 12.04 28.90 16.51
C HIS B 1141 13.57 28.79 16.28
N LEU B 1142 14.28 29.91 16.25
CA LEU B 1142 15.76 29.95 16.32
C LEU B 1142 16.43 29.66 17.69
N VAL B 1143 15.65 29.54 18.76
CA VAL B 1143 16.21 29.30 20.07
C VAL B 1143 16.55 27.80 20.14
N GLY B 1144 17.84 27.49 20.35
CA GLY B 1144 18.34 26.12 20.24
C GLY B 1144 19.09 25.82 18.94
N THR B 1145 19.29 26.83 18.09
CA THR B 1145 20.13 26.76 16.89
C THR B 1145 21.45 27.44 17.18
N LEU B 1146 22.34 27.50 16.18
CA LEU B 1146 23.69 28.07 16.38
C LEU B 1146 23.77 29.57 16.30
N GLY B 1147 22.73 30.23 15.80
CA GLY B 1147 22.78 31.66 15.56
C GLY B 1147 23.98 32.08 14.71
N LEU B 1148 24.36 33.34 14.82
CA LEU B 1148 25.40 33.89 13.99
C LEU B 1148 26.30 34.75 14.85
N GLN B 1149 27.54 34.88 14.41
CA GLN B 1149 28.52 35.76 15.00
C GLN B 1149 28.05 37.20 14.87
N PRO B 1150 27.94 37.96 15.97
CA PRO B 1150 27.25 39.24 15.79
C PRO B 1150 27.94 40.24 14.88
N SER B 1151 29.27 40.32 14.91
CA SER B 1151 29.99 41.19 13.97
C SER B 1151 29.64 40.94 12.50
N LEU B 1152 29.14 39.75 12.19
CA LEU B 1152 28.73 39.38 10.82
C LEU B 1152 27.24 39.56 10.48
N ALA B 1153 26.41 40.04 11.42
CA ALA B 1153 24.97 40.27 11.12
C ALA B 1153 24.87 41.18 9.90
CO CO C . -39.93 -13.30 -0.35
CO CO D . 40.39 16.21 3.47
#